data_1BOL
# 
_entry.id   1BOL 
# 
_audit_conform.dict_name       mmcif_pdbx.dic 
_audit_conform.dict_version    5.398 
_audit_conform.dict_location   http://mmcif.pdb.org/dictionaries/ascii/mmcif_pdbx.dic 
# 
loop_
_database_2.database_id 
_database_2.database_code 
_database_2.pdbx_database_accession 
_database_2.pdbx_DOI 
PDB   1BOL         pdb_00001bol 10.2210/pdb1bol/pdb 
RCSB  RCSB008125   ?            ?                   
WWPDB D_1000008125 ?            ?                   
# 
loop_
_pdbx_audit_revision_history.ordinal 
_pdbx_audit_revision_history.data_content_type 
_pdbx_audit_revision_history.major_revision 
_pdbx_audit_revision_history.minor_revision 
_pdbx_audit_revision_history.revision_date 
1 'Structure model' 1 0 1998-08-12 
2 'Structure model' 1 1 2007-10-16 
3 'Structure model' 1 2 2011-07-13 
4 'Structure model' 1 3 2018-06-13 
5 'Structure model' 1 4 2024-11-13 
# 
_pdbx_audit_revision_details.ordinal             1 
_pdbx_audit_revision_details.revision_ordinal    1 
_pdbx_audit_revision_details.data_content_type   'Structure model' 
_pdbx_audit_revision_details.provider            repository 
_pdbx_audit_revision_details.type                'Initial release' 
_pdbx_audit_revision_details.description         ? 
_pdbx_audit_revision_details.details             ? 
# 
loop_
_pdbx_audit_revision_group.ordinal 
_pdbx_audit_revision_group.revision_ordinal 
_pdbx_audit_revision_group.data_content_type 
_pdbx_audit_revision_group.group 
1 2 'Structure model' 'Version format compliance' 
2 3 'Structure model' 'Version format compliance' 
3 4 'Structure model' 'Data collection'           
4 5 'Structure model' 'Data collection'           
5 5 'Structure model' 'Database references'       
6 5 'Structure model' 'Derived calculations'      
7 5 'Structure model' 'Structure summary'         
# 
loop_
_pdbx_audit_revision_category.ordinal 
_pdbx_audit_revision_category.revision_ordinal 
_pdbx_audit_revision_category.data_content_type 
_pdbx_audit_revision_category.category 
1 4 'Structure model' diffrn_radiation          
2 4 'Structure model' diffrn_source             
3 5 'Structure model' chem_comp_atom            
4 5 'Structure model' chem_comp_bond            
5 5 'Structure model' database_2                
6 5 'Structure model' pdbx_entry_details        
7 5 'Structure model' pdbx_modification_feature 
8 5 'Structure model' struct_conn               
# 
loop_
_pdbx_audit_revision_item.ordinal 
_pdbx_audit_revision_item.revision_ordinal 
_pdbx_audit_revision_item.data_content_type 
_pdbx_audit_revision_item.item 
1 4 'Structure model' '_diffrn_radiation.pdbx_diffrn_protocol' 
2 4 'Structure model' '_diffrn_source.pdbx_wavelength_list'    
3 5 'Structure model' '_database_2.pdbx_DOI'                   
4 5 'Structure model' '_database_2.pdbx_database_accession'    
5 5 'Structure model' '_struct_conn.pdbx_dist_value'           
6 5 'Structure model' '_struct_conn.ptnr1_auth_seq_id'         
7 5 'Structure model' '_struct_conn.ptnr1_label_seq_id'        
8 5 'Structure model' '_struct_conn.ptnr2_auth_seq_id'         
9 5 'Structure model' '_struct_conn.ptnr2_label_seq_id'        
# 
_pdbx_database_status.status_code                     REL 
_pdbx_database_status.entry_id                        1BOL 
_pdbx_database_status.recvd_initial_deposition_date   1998-08-05 
_pdbx_database_status.deposit_site                    BNL 
_pdbx_database_status.process_site                    RCSB 
_pdbx_database_status.SG_entry                        . 
_pdbx_database_status.pdb_format_compatible           Y 
_pdbx_database_status.status_code_mr                  ? 
_pdbx_database_status.status_code_sf                  ? 
_pdbx_database_status.status_code_cs                  ? 
_pdbx_database_status.methods_development_category    ? 
_pdbx_database_status.status_code_nmr_data            ? 
# 
loop_
_audit_author.name 
_audit_author.pdbx_ordinal 
'Kurihara, H.'   1 
'Nakamura, K.T.' 2 
# 
_citation.id                        primary 
_citation.title                     'The crystal structure of ribonuclease Rh from Rhizopus niveus at 2.0 A resolution.' 
_citation.journal_abbrev            J.Mol.Biol. 
_citation.journal_volume            255 
_citation.page_first                310 
_citation.page_last                 320 
_citation.year                      1996 
_citation.journal_id_ASTM           JMOBAK 
_citation.country                   UK 
_citation.journal_id_ISSN           0022-2836 
_citation.journal_id_CSD            0070 
_citation.book_publisher            ? 
_citation.pdbx_database_id_PubMed   8551522 
_citation.pdbx_database_id_DOI      10.1006/jmbi.1996.0025 
# 
loop_
_citation_author.citation_id 
_citation_author.name 
_citation_author.ordinal 
_citation_author.identifier_ORCID 
primary 'Kurihara, H.'   1 ? 
primary 'Nonaka, T.'     2 ? 
primary 'Mitsui, Y.'     3 ? 
primary 'Ohgi, K.'       4 ? 
primary 'Irie, M.'       5 ? 
primary 'Nakamura, K.T.' 6 ? 
# 
_entity.id                         1 
_entity.type                       polymer 
_entity.src_method                 nat 
_entity.pdbx_description           'PROTEIN (RIBONUCLEASE RH)' 
_entity.formula_weight             24096.203 
_entity.pdbx_number_of_molecules   1 
_entity.pdbx_ec                    3.1.27.1 
_entity.pdbx_mutation              ? 
_entity.pdbx_fragment              ? 
_entity.details                    ? 
# 
_entity_poly.entity_id                      1 
_entity_poly.type                           'polypeptide(L)' 
_entity_poly.nstd_linkage                   no 
_entity_poly.nstd_monomer                   no 
_entity_poly.pdbx_seq_one_letter_code       
;SSCSSTALSCSNSANSDTCCSPEYGLVVLNMQWAPGYGPDNAFTLHGLWPDKCSGAYAPSGGCDSNRASSSIASVIKSKD
SSLYNSMLTYWPSNQGNNNVFWSHEWSKHGTCVSTYDPDCYDNYEEGEDIVDYFQKAMDLRSQYNVYKAFSSNGITPGGT
YTATEMQSAIESYFGAKAKIDCSSGTLSDVALYFYVRGRDTYVITDALSTGSCSGDVEYPTK
;
_entity_poly.pdbx_seq_one_letter_code_can   
;SSCSSTALSCSNSANSDTCCSPEYGLVVLNMQWAPGYGPDNAFTLHGLWPDKCSGAYAPSGGCDSNRASSSIASVIKSKD
SSLYNSMLTYWPSNQGNNNVFWSHEWSKHGTCVSTYDPDCYDNYEEGEDIVDYFQKAMDLRSQYNVYKAFSSNGITPGGT
YTATEMQSAIESYFGAKAKIDCSSGTLSDVALYFYVRGRDTYVITDALSTGSCSGDVEYPTK
;
_entity_poly.pdbx_strand_id                 A 
_entity_poly.pdbx_target_identifier         ? 
# 
loop_
_entity_poly_seq.entity_id 
_entity_poly_seq.num 
_entity_poly_seq.mon_id 
_entity_poly_seq.hetero 
1 1   SER n 
1 2   SER n 
1 3   CYS n 
1 4   SER n 
1 5   SER n 
1 6   THR n 
1 7   ALA n 
1 8   LEU n 
1 9   SER n 
1 10  CYS n 
1 11  SER n 
1 12  ASN n 
1 13  SER n 
1 14  ALA n 
1 15  ASN n 
1 16  SER n 
1 17  ASP n 
1 18  THR n 
1 19  CYS n 
1 20  CYS n 
1 21  SER n 
1 22  PRO n 
1 23  GLU n 
1 24  TYR n 
1 25  GLY n 
1 26  LEU n 
1 27  VAL n 
1 28  VAL n 
1 29  LEU n 
1 30  ASN n 
1 31  MET n 
1 32  GLN n 
1 33  TRP n 
1 34  ALA n 
1 35  PRO n 
1 36  GLY n 
1 37  TYR n 
1 38  GLY n 
1 39  PRO n 
1 40  ASP n 
1 41  ASN n 
1 42  ALA n 
1 43  PHE n 
1 44  THR n 
1 45  LEU n 
1 46  HIS n 
1 47  GLY n 
1 48  LEU n 
1 49  TRP n 
1 50  PRO n 
1 51  ASP n 
1 52  LYS n 
1 53  CYS n 
1 54  SER n 
1 55  GLY n 
1 56  ALA n 
1 57  TYR n 
1 58  ALA n 
1 59  PRO n 
1 60  SER n 
1 61  GLY n 
1 62  GLY n 
1 63  CYS n 
1 64  ASP n 
1 65  SER n 
1 66  ASN n 
1 67  ARG n 
1 68  ALA n 
1 69  SER n 
1 70  SER n 
1 71  SER n 
1 72  ILE n 
1 73  ALA n 
1 74  SER n 
1 75  VAL n 
1 76  ILE n 
1 77  LYS n 
1 78  SER n 
1 79  LYS n 
1 80  ASP n 
1 81  SER n 
1 82  SER n 
1 83  LEU n 
1 84  TYR n 
1 85  ASN n 
1 86  SER n 
1 87  MET n 
1 88  LEU n 
1 89  THR n 
1 90  TYR n 
1 91  TRP n 
1 92  PRO n 
1 93  SER n 
1 94  ASN n 
1 95  GLN n 
1 96  GLY n 
1 97  ASN n 
1 98  ASN n 
1 99  ASN n 
1 100 VAL n 
1 101 PHE n 
1 102 TRP n 
1 103 SER n 
1 104 HIS n 
1 105 GLU n 
1 106 TRP n 
1 107 SER n 
1 108 LYS n 
1 109 HIS n 
1 110 GLY n 
1 111 THR n 
1 112 CYS n 
1 113 VAL n 
1 114 SER n 
1 115 THR n 
1 116 TYR n 
1 117 ASP n 
1 118 PRO n 
1 119 ASP n 
1 120 CYS n 
1 121 TYR n 
1 122 ASP n 
1 123 ASN n 
1 124 TYR n 
1 125 GLU n 
1 126 GLU n 
1 127 GLY n 
1 128 GLU n 
1 129 ASP n 
1 130 ILE n 
1 131 VAL n 
1 132 ASP n 
1 133 TYR n 
1 134 PHE n 
1 135 GLN n 
1 136 LYS n 
1 137 ALA n 
1 138 MET n 
1 139 ASP n 
1 140 LEU n 
1 141 ARG n 
1 142 SER n 
1 143 GLN n 
1 144 TYR n 
1 145 ASN n 
1 146 VAL n 
1 147 TYR n 
1 148 LYS n 
1 149 ALA n 
1 150 PHE n 
1 151 SER n 
1 152 SER n 
1 153 ASN n 
1 154 GLY n 
1 155 ILE n 
1 156 THR n 
1 157 PRO n 
1 158 GLY n 
1 159 GLY n 
1 160 THR n 
1 161 TYR n 
1 162 THR n 
1 163 ALA n 
1 164 THR n 
1 165 GLU n 
1 166 MET n 
1 167 GLN n 
1 168 SER n 
1 169 ALA n 
1 170 ILE n 
1 171 GLU n 
1 172 SER n 
1 173 TYR n 
1 174 PHE n 
1 175 GLY n 
1 176 ALA n 
1 177 LYS n 
1 178 ALA n 
1 179 LYS n 
1 180 ILE n 
1 181 ASP n 
1 182 CYS n 
1 183 SER n 
1 184 SER n 
1 185 GLY n 
1 186 THR n 
1 187 LEU n 
1 188 SER n 
1 189 ASP n 
1 190 VAL n 
1 191 ALA n 
1 192 LEU n 
1 193 TYR n 
1 194 PHE n 
1 195 TYR n 
1 196 VAL n 
1 197 ARG n 
1 198 GLY n 
1 199 ARG n 
1 200 ASP n 
1 201 THR n 
1 202 TYR n 
1 203 VAL n 
1 204 ILE n 
1 205 THR n 
1 206 ASP n 
1 207 ALA n 
1 208 LEU n 
1 209 SER n 
1 210 THR n 
1 211 GLY n 
1 212 SER n 
1 213 CYS n 
1 214 SER n 
1 215 GLY n 
1 216 ASP n 
1 217 VAL n 
1 218 GLU n 
1 219 TYR n 
1 220 PRO n 
1 221 THR n 
1 222 LYS n 
# 
_entity_src_nat.entity_id                  1 
_entity_src_nat.pdbx_src_id                1 
_entity_src_nat.pdbx_alt_source_flag       sample 
_entity_src_nat.pdbx_beg_seq_num           ? 
_entity_src_nat.pdbx_end_seq_num           ? 
_entity_src_nat.common_name                ? 
_entity_src_nat.pdbx_organism_scientific   'Rhizopus niveus' 
_entity_src_nat.pdbx_ncbi_taxonomy_id      4844 
_entity_src_nat.genus                      Rhizopus 
_entity_src_nat.species                    ? 
_entity_src_nat.strain                     ? 
_entity_src_nat.tissue                     ? 
_entity_src_nat.tissue_fraction            ? 
_entity_src_nat.pdbx_secretion             ? 
_entity_src_nat.pdbx_fragment              ? 
_entity_src_nat.pdbx_variant               ? 
_entity_src_nat.pdbx_cell_line             ? 
_entity_src_nat.pdbx_atcc                  ? 
_entity_src_nat.pdbx_cellular_location     ? 
_entity_src_nat.pdbx_organ                 ? 
_entity_src_nat.pdbx_organelle             ? 
_entity_src_nat.pdbx_cell                  ? 
_entity_src_nat.pdbx_plasmid_name          ? 
_entity_src_nat.pdbx_plasmid_details       ? 
_entity_src_nat.details                    ? 
# 
loop_
_chem_comp.id 
_chem_comp.type 
_chem_comp.mon_nstd_flag 
_chem_comp.name 
_chem_comp.pdbx_synonyms 
_chem_comp.formula 
_chem_comp.formula_weight 
ALA 'L-peptide linking' y ALANINE         ? 'C3 H7 N O2'     89.093  
ARG 'L-peptide linking' y ARGININE        ? 'C6 H15 N4 O2 1' 175.209 
ASN 'L-peptide linking' y ASPARAGINE      ? 'C4 H8 N2 O3'    132.118 
ASP 'L-peptide linking' y 'ASPARTIC ACID' ? 'C4 H7 N O4'     133.103 
CYS 'L-peptide linking' y CYSTEINE        ? 'C3 H7 N O2 S'   121.158 
GLN 'L-peptide linking' y GLUTAMINE       ? 'C5 H10 N2 O3'   146.144 
GLU 'L-peptide linking' y 'GLUTAMIC ACID' ? 'C5 H9 N O4'     147.129 
GLY 'peptide linking'   y GLYCINE         ? 'C2 H5 N O2'     75.067  
HIS 'L-peptide linking' y HISTIDINE       ? 'C6 H10 N3 O2 1' 156.162 
ILE 'L-peptide linking' y ISOLEUCINE      ? 'C6 H13 N O2'    131.173 
LEU 'L-peptide linking' y LEUCINE         ? 'C6 H13 N O2'    131.173 
LYS 'L-peptide linking' y LYSINE          ? 'C6 H15 N2 O2 1' 147.195 
MET 'L-peptide linking' y METHIONINE      ? 'C5 H11 N O2 S'  149.211 
PHE 'L-peptide linking' y PHENYLALANINE   ? 'C9 H11 N O2'    165.189 
PRO 'L-peptide linking' y PROLINE         ? 'C5 H9 N O2'     115.130 
SER 'L-peptide linking' y SERINE          ? 'C3 H7 N O3'     105.093 
THR 'L-peptide linking' y THREONINE       ? 'C4 H9 N O3'     119.119 
TRP 'L-peptide linking' y TRYPTOPHAN      ? 'C11 H12 N2 O2'  204.225 
TYR 'L-peptide linking' y TYROSINE        ? 'C9 H11 N O3'    181.189 
VAL 'L-peptide linking' y VALINE          ? 'C5 H11 N O2'    117.146 
# 
loop_
_pdbx_poly_seq_scheme.asym_id 
_pdbx_poly_seq_scheme.entity_id 
_pdbx_poly_seq_scheme.seq_id 
_pdbx_poly_seq_scheme.mon_id 
_pdbx_poly_seq_scheme.ndb_seq_num 
_pdbx_poly_seq_scheme.pdb_seq_num 
_pdbx_poly_seq_scheme.auth_seq_num 
_pdbx_poly_seq_scheme.pdb_mon_id 
_pdbx_poly_seq_scheme.auth_mon_id 
_pdbx_poly_seq_scheme.pdb_strand_id 
_pdbx_poly_seq_scheme.pdb_ins_code 
_pdbx_poly_seq_scheme.hetero 
A 1 1   SER 1   1   1   SER SER A . n 
A 1 2   SER 2   2   2   SER SER A . n 
A 1 3   CYS 3   3   3   CYS CYS A . n 
A 1 4   SER 4   4   4   SER SER A . n 
A 1 5   SER 5   5   5   SER SER A . n 
A 1 6   THR 6   6   6   THR THR A . n 
A 1 7   ALA 7   7   7   ALA ALA A . n 
A 1 8   LEU 8   8   8   LEU LEU A . n 
A 1 9   SER 9   9   9   SER SER A . n 
A 1 10  CYS 10  10  10  CYS CYS A . n 
A 1 11  SER 11  11  11  SER SER A . n 
A 1 12  ASN 12  12  12  ASN ASN A . n 
A 1 13  SER 13  13  13  SER SER A . n 
A 1 14  ALA 14  14  14  ALA ALA A . n 
A 1 15  ASN 15  15  15  ASN ASN A . n 
A 1 16  SER 16  16  16  SER SER A . n 
A 1 17  ASP 17  17  17  ASP ASP A . n 
A 1 18  THR 18  18  18  THR THR A . n 
A 1 19  CYS 19  19  19  CYS CYS A . n 
A 1 20  CYS 20  20  20  CYS CYS A . n 
A 1 21  SER 21  21  21  SER SER A . n 
A 1 22  PRO 22  22  22  PRO PRO A . n 
A 1 23  GLU 23  23  23  GLU GLU A . n 
A 1 24  TYR 24  24  24  TYR TYR A . n 
A 1 25  GLY 25  25  25  GLY GLY A . n 
A 1 26  LEU 26  26  26  LEU LEU A . n 
A 1 27  VAL 27  27  27  VAL VAL A . n 
A 1 28  VAL 28  28  28  VAL VAL A . n 
A 1 29  LEU 29  29  29  LEU LEU A . n 
A 1 30  ASN 30  30  30  ASN ASN A . n 
A 1 31  MET 31  31  31  MET MET A . n 
A 1 32  GLN 32  32  32  GLN GLN A . n 
A 1 33  TRP 33  33  33  TRP TRP A . n 
A 1 34  ALA 34  34  34  ALA ALA A . n 
A 1 35  PRO 35  35  35  PRO PRO A . n 
A 1 36  GLY 36  36  36  GLY GLY A . n 
A 1 37  TYR 37  37  37  TYR TYR A . n 
A 1 38  GLY 38  38  38  GLY GLY A . n 
A 1 39  PRO 39  39  39  PRO PRO A . n 
A 1 40  ASP 40  40  40  ASP ASP A . n 
A 1 41  ASN 41  41  41  ASN ASN A . n 
A 1 42  ALA 42  42  42  ALA ALA A . n 
A 1 43  PHE 43  43  43  PHE PHE A . n 
A 1 44  THR 44  44  44  THR THR A . n 
A 1 45  LEU 45  45  45  LEU LEU A . n 
A 1 46  HIS 46  46  46  HIS HIS A . n 
A 1 47  GLY 47  47  47  GLY GLY A . n 
A 1 48  LEU 48  48  48  LEU LEU A . n 
A 1 49  TRP 49  49  49  TRP TRP A . n 
A 1 50  PRO 50  50  50  PRO PRO A . n 
A 1 51  ASP 51  51  51  ASP ASP A . n 
A 1 52  LYS 52  52  52  LYS LYS A . n 
A 1 53  CYS 53  53  53  CYS CYS A . n 
A 1 54  SER 54  54  54  SER SER A . n 
A 1 55  GLY 55  55  55  GLY GLY A . n 
A 1 56  ALA 56  56  56  ALA ALA A . n 
A 1 57  TYR 57  57  57  TYR TYR A . n 
A 1 58  ALA 58  58  58  ALA ALA A . n 
A 1 59  PRO 59  59  59  PRO PRO A . n 
A 1 60  SER 60  60  60  SER SER A . n 
A 1 61  GLY 61  61  61  GLY GLY A . n 
A 1 62  GLY 62  62  62  GLY GLY A . n 
A 1 63  CYS 63  63  63  CYS CYS A . n 
A 1 64  ASP 64  64  64  ASP ASP A . n 
A 1 65  SER 65  65  65  SER SER A . n 
A 1 66  ASN 66  66  66  ASN ASN A . n 
A 1 67  ARG 67  67  67  ARG ARG A . n 
A 1 68  ALA 68  68  68  ALA ALA A . n 
A 1 69  SER 69  69  69  SER SER A . n 
A 1 70  SER 70  70  70  SER SER A . n 
A 1 71  SER 71  71  71  SER SER A . n 
A 1 72  ILE 72  72  72  ILE ILE A . n 
A 1 73  ALA 73  73  73  ALA ALA A . n 
A 1 74  SER 74  74  74  SER SER A . n 
A 1 75  VAL 75  75  75  VAL VAL A . n 
A 1 76  ILE 76  76  76  ILE ILE A . n 
A 1 77  LYS 77  77  77  LYS LYS A . n 
A 1 78  SER 78  78  78  SER SER A . n 
A 1 79  LYS 79  79  79  LYS LYS A . n 
A 1 80  ASP 80  80  80  ASP ASP A . n 
A 1 81  SER 81  81  81  SER SER A . n 
A 1 82  SER 82  82  82  SER SER A . n 
A 1 83  LEU 83  83  83  LEU LEU A . n 
A 1 84  TYR 84  84  84  TYR TYR A . n 
A 1 85  ASN 85  85  85  ASN ASN A . n 
A 1 86  SER 86  86  86  SER SER A . n 
A 1 87  MET 87  87  87  MET MET A . n 
A 1 88  LEU 88  88  88  LEU LEU A . n 
A 1 89  THR 89  89  89  THR THR A . n 
A 1 90  TYR 90  90  90  TYR TYR A . n 
A 1 91  TRP 91  91  91  TRP TRP A . n 
A 1 92  PRO 92  92  92  PRO PRO A . n 
A 1 93  SER 93  93  93  SER SER A . n 
A 1 94  ASN 94  94  94  ASN ASN A . n 
A 1 95  GLN 95  95  95  GLN GLN A . n 
A 1 96  GLY 96  96  96  GLY GLY A . n 
A 1 97  ASN 97  97  97  ASN ASN A . n 
A 1 98  ASN 98  98  98  ASN ASN A . n 
A 1 99  ASN 99  99  99  ASN ASN A . n 
A 1 100 VAL 100 100 100 VAL VAL A . n 
A 1 101 PHE 101 101 101 PHE PHE A . n 
A 1 102 TRP 102 102 102 TRP TRP A . n 
A 1 103 SER 103 103 103 SER SER A . n 
A 1 104 HIS 104 104 104 HIS HIS A . n 
A 1 105 GLU 105 105 105 GLU GLU A . n 
A 1 106 TRP 106 106 106 TRP TRP A . n 
A 1 107 SER 107 107 107 SER SER A . n 
A 1 108 LYS 108 108 108 LYS LYS A . n 
A 1 109 HIS 109 109 109 HIS HIS A . n 
A 1 110 GLY 110 110 110 GLY GLY A . n 
A 1 111 THR 111 111 111 THR THR A . n 
A 1 112 CYS 112 112 112 CYS CYS A . n 
A 1 113 VAL 113 113 113 VAL VAL A . n 
A 1 114 SER 114 114 114 SER SER A . n 
A 1 115 THR 115 115 115 THR THR A . n 
A 1 116 TYR 116 116 116 TYR TYR A . n 
A 1 117 ASP 117 117 117 ASP ASP A . n 
A 1 118 PRO 118 118 118 PRO PRO A . n 
A 1 119 ASP 119 119 119 ASP ASP A . n 
A 1 120 CYS 120 120 120 CYS CYS A . n 
A 1 121 TYR 121 121 121 TYR TYR A . n 
A 1 122 ASP 122 122 122 ASP ASP A . n 
A 1 123 ASN 123 123 123 ASN ASN A . n 
A 1 124 TYR 124 124 124 TYR TYR A . n 
A 1 125 GLU 125 125 125 GLU GLU A . n 
A 1 126 GLU 126 126 126 GLU GLU A . n 
A 1 127 GLY 127 127 127 GLY GLY A . n 
A 1 128 GLU 128 128 128 GLU GLU A . n 
A 1 129 ASP 129 129 129 ASP ASP A . n 
A 1 130 ILE 130 130 130 ILE ILE A . n 
A 1 131 VAL 131 131 131 VAL VAL A . n 
A 1 132 ASP 132 132 132 ASP ASP A . n 
A 1 133 TYR 133 133 133 TYR TYR A . n 
A 1 134 PHE 134 134 134 PHE PHE A . n 
A 1 135 GLN 135 135 135 GLN GLN A . n 
A 1 136 LYS 136 136 136 LYS LYS A . n 
A 1 137 ALA 137 137 137 ALA ALA A . n 
A 1 138 MET 138 138 138 MET MET A . n 
A 1 139 ASP 139 139 139 ASP ASP A . n 
A 1 140 LEU 140 140 140 LEU LEU A . n 
A 1 141 ARG 141 141 141 ARG ARG A . n 
A 1 142 SER 142 142 142 SER SER A . n 
A 1 143 GLN 143 143 143 GLN GLN A . n 
A 1 144 TYR 144 144 144 TYR TYR A . n 
A 1 145 ASN 145 145 145 ASN ASN A . n 
A 1 146 VAL 146 146 146 VAL VAL A . n 
A 1 147 TYR 147 147 147 TYR TYR A . n 
A 1 148 LYS 148 148 148 LYS LYS A . n 
A 1 149 ALA 149 149 149 ALA ALA A . n 
A 1 150 PHE 150 150 150 PHE PHE A . n 
A 1 151 SER 151 151 151 SER SER A . n 
A 1 152 SER 152 152 152 SER SER A . n 
A 1 153 ASN 153 153 153 ASN ASN A . n 
A 1 154 GLY 154 154 154 GLY GLY A . n 
A 1 155 ILE 155 155 155 ILE ILE A . n 
A 1 156 THR 156 156 156 THR THR A . n 
A 1 157 PRO 157 157 157 PRO PRO A . n 
A 1 158 GLY 158 158 158 GLY GLY A . n 
A 1 159 GLY 159 159 159 GLY GLY A . n 
A 1 160 THR 160 160 160 THR THR A . n 
A 1 161 TYR 161 161 161 TYR TYR A . n 
A 1 162 THR 162 162 162 THR THR A . n 
A 1 163 ALA 163 163 163 ALA ALA A . n 
A 1 164 THR 164 164 164 THR THR A . n 
A 1 165 GLU 165 165 165 GLU GLU A . n 
A 1 166 MET 166 166 166 MET MET A . n 
A 1 167 GLN 167 167 167 GLN GLN A . n 
A 1 168 SER 168 168 168 SER SER A . n 
A 1 169 ALA 169 169 169 ALA ALA A . n 
A 1 170 ILE 170 170 170 ILE ILE A . n 
A 1 171 GLU 171 171 171 GLU GLU A . n 
A 1 172 SER 172 172 172 SER SER A . n 
A 1 173 TYR 173 173 173 TYR TYR A . n 
A 1 174 PHE 174 174 174 PHE PHE A . n 
A 1 175 GLY 175 175 175 GLY GLY A . n 
A 1 176 ALA 176 176 176 ALA ALA A . n 
A 1 177 LYS 177 177 177 LYS LYS A . n 
A 1 178 ALA 178 178 178 ALA ALA A . n 
A 1 179 LYS 179 179 179 LYS LYS A . n 
A 1 180 ILE 180 180 180 ILE ILE A . n 
A 1 181 ASP 181 181 181 ASP ASP A . n 
A 1 182 CYS 182 182 182 CYS CYS A . n 
A 1 183 SER 183 183 183 SER SER A . n 
A 1 184 SER 184 184 184 SER SER A . n 
A 1 185 GLY 185 185 185 GLY GLY A . n 
A 1 186 THR 186 186 186 THR THR A . n 
A 1 187 LEU 187 187 187 LEU LEU A . n 
A 1 188 SER 188 188 188 SER SER A . n 
A 1 189 ASP 189 189 189 ASP ASP A . n 
A 1 190 VAL 190 190 190 VAL VAL A . n 
A 1 191 ALA 191 191 191 ALA ALA A . n 
A 1 192 LEU 192 192 192 LEU LEU A . n 
A 1 193 TYR 193 193 193 TYR TYR A . n 
A 1 194 PHE 194 194 194 PHE PHE A . n 
A 1 195 TYR 195 195 195 TYR TYR A . n 
A 1 196 VAL 196 196 196 VAL VAL A . n 
A 1 197 ARG 197 197 197 ARG ARG A . n 
A 1 198 GLY 198 198 198 GLY GLY A . n 
A 1 199 ARG 199 199 199 ARG ARG A . n 
A 1 200 ASP 200 200 200 ASP ASP A . n 
A 1 201 THR 201 201 201 THR THR A . n 
A 1 202 TYR 202 202 202 TYR TYR A . n 
A 1 203 VAL 203 203 203 VAL VAL A . n 
A 1 204 ILE 204 204 204 ILE ILE A . n 
A 1 205 THR 205 205 205 THR THR A . n 
A 1 206 ASP 206 206 206 ASP ASP A . n 
A 1 207 ALA 207 207 207 ALA ALA A . n 
A 1 208 LEU 208 208 208 LEU LEU A . n 
A 1 209 SER 209 209 209 SER SER A . n 
A 1 210 THR 210 210 210 THR THR A . n 
A 1 211 GLY 211 211 211 GLY GLY A . n 
A 1 212 SER 212 212 212 SER SER A . n 
A 1 213 CYS 213 213 213 CYS CYS A . n 
A 1 214 SER 214 214 214 SER SER A . n 
A 1 215 GLY 215 215 215 GLY GLY A . n 
A 1 216 ASP 216 216 216 ASP ASP A . n 
A 1 217 VAL 217 217 217 VAL VAL A . n 
A 1 218 GLU 218 218 218 GLU GLU A . n 
A 1 219 TYR 219 219 219 TYR TYR A . n 
A 1 220 PRO 220 220 220 PRO PRO A . n 
A 1 221 THR 221 221 221 THR THR A . n 
A 1 222 LYS 222 222 222 LYS LYS A . n 
# 
_software.name             X-PLOR 
_software.classification   refinement 
_software.version          . 
_software.citation_id      ? 
_software.pdbx_ordinal     1 
_software.date             ? 
_software.type             ? 
_software.location         ? 
_software.language         ? 
# 
_cell.entry_id           1BOL 
_cell.length_a           67.700 
_cell.length_b           72.500 
_cell.length_c           44.300 
_cell.angle_alpha        90.00 
_cell.angle_beta         90.00 
_cell.angle_gamma        90.00 
_cell.Z_PDB              4 
_cell.pdbx_unique_axis   ? 
# 
_symmetry.entry_id                         1BOL 
_symmetry.space_group_name_H-M             'P 21 21 21' 
_symmetry.pdbx_full_space_group_name_H-M   ? 
_symmetry.cell_setting                     ? 
_symmetry.Int_Tables_number                19 
# 
_exptl.entry_id          1BOL 
_exptl.method            'X-RAY DIFFRACTION' 
_exptl.crystals_number   2 
# 
_exptl_crystal.id                    1 
_exptl_crystal.density_meas          ? 
_exptl_crystal.density_Matthews      2.6 
_exptl_crystal.density_percent_sol   45.46 
_exptl_crystal.description           ? 
_exptl_crystal.preparation           ? 
# 
_exptl_crystal_grow.crystal_id      1 
_exptl_crystal_grow.method          ? 
_exptl_crystal_grow.temp            ? 
_exptl_crystal_grow.temp_details    ? 
_exptl_crystal_grow.pH              6.7 
_exptl_crystal_grow.pdbx_details    'pH 6.7' 
_exptl_crystal_grow.pdbx_pH_range   ? 
# 
_diffrn.id                     1 
_diffrn.ambient_temp           293 
_diffrn.ambient_temp_details   ? 
_diffrn.crystal_id             1 
# 
_diffrn_detector.diffrn_id              1 
_diffrn_detector.detector               'IMAGE PLATE' 
_diffrn_detector.type                   RIGAKU 
_diffrn_detector.pdbx_collection_date   ? 
_diffrn_detector.details                ? 
# 
_diffrn_radiation.diffrn_id                        1 
_diffrn_radiation.wavelength_id                    1 
_diffrn_radiation.pdbx_monochromatic_or_laue_m_l   M 
_diffrn_radiation.monochromator                    'NI FILTER' 
_diffrn_radiation.pdbx_diffrn_protocol             'SINGLE WAVELENGTH' 
_diffrn_radiation.pdbx_scattering_type             x-ray 
# 
_diffrn_radiation_wavelength.id           1 
_diffrn_radiation_wavelength.wavelength   1.5418 
_diffrn_radiation_wavelength.wt           1.0 
# 
_diffrn_source.diffrn_id                   1 
_diffrn_source.source                      SYNCHROTRON 
_diffrn_source.type                        'PHOTON FACTORY BEAMLINE BL-6A' 
_diffrn_source.pdbx_synchrotron_site       'Photon Factory' 
_diffrn_source.pdbx_synchrotron_beamline   BL-6A 
_diffrn_source.pdbx_wavelength             1.5418 
_diffrn_source.pdbx_wavelength_list        1.5418 
# 
_reflns.entry_id                     1BOL 
_reflns.observed_criterion_sigma_I   2.0 
_reflns.observed_criterion_sigma_F   ? 
_reflns.d_resolution_low             8.0 
_reflns.d_resolution_high            2.0 
_reflns.number_obs                   11745 
_reflns.number_all                   ? 
_reflns.percent_possible_obs         78.2 
_reflns.pdbx_Rmerge_I_obs            0.0334 
_reflns.pdbx_Rsym_value              ? 
_reflns.pdbx_netI_over_sigmaI        ? 
_reflns.B_iso_Wilson_estimate        ? 
_reflns.pdbx_redundancy              2.5 
_reflns.R_free_details               ? 
_reflns.pdbx_diffrn_id               1 
_reflns.pdbx_ordinal                 1 
# 
_refine.entry_id                                 1BOL 
_refine.ls_number_reflns_obs                     11745 
_refine.ls_number_reflns_all                     ? 
_refine.pdbx_ls_sigma_I                          ? 
_refine.pdbx_ls_sigma_F                          2.0 
_refine.pdbx_data_cutoff_high_absF               ? 
_refine.pdbx_data_cutoff_low_absF                ? 
_refine.pdbx_data_cutoff_high_rms_absF           ? 
_refine.ls_d_res_low                             8.00 
_refine.ls_d_res_high                            2.00 
_refine.ls_percent_reflns_obs                    78.2 
_refine.ls_R_factor_obs                          0.185 
_refine.ls_R_factor_all                          ? 
_refine.ls_R_factor_R_work                       0.185 
_refine.ls_R_factor_R_free                       ? 
_refine.ls_R_factor_R_free_error                 ? 
_refine.ls_R_factor_R_free_error_details         ? 
_refine.ls_percent_reflns_R_free                 ? 
_refine.ls_number_reflns_R_free                  ? 
_refine.ls_number_parameters                     ? 
_refine.ls_number_restraints                     ? 
_refine.occupancy_min                            ? 
_refine.occupancy_max                            ? 
_refine.B_iso_mean                               ? 
_refine.aniso_B[1][1]                            ? 
_refine.aniso_B[2][2]                            ? 
_refine.aniso_B[3][3]                            ? 
_refine.aniso_B[1][2]                            ? 
_refine.aniso_B[1][3]                            ? 
_refine.aniso_B[2][3]                            ? 
_refine.solvent_model_details                    ? 
_refine.solvent_model_param_ksol                 ? 
_refine.solvent_model_param_bsol                 ? 
_refine.pdbx_ls_cross_valid_method               ? 
_refine.details                                  ? 
_refine.pdbx_starting_model                      ? 
_refine.pdbx_method_to_determine_struct          MIR 
_refine.pdbx_isotropic_thermal_model             ? 
_refine.pdbx_stereochemistry_target_values       ? 
_refine.pdbx_stereochem_target_val_spec_case     ? 
_refine.pdbx_R_Free_selection_details            ? 
_refine.pdbx_overall_ESU_R                       ? 
_refine.pdbx_overall_ESU_R_Free                  ? 
_refine.overall_SU_ML                            ? 
_refine.overall_SU_B                             ? 
_refine.ls_redundancy_reflns_obs                 ? 
_refine.pdbx_refine_id                           'X-RAY DIFFRACTION' 
_refine.pdbx_diffrn_id                           1 
_refine.pdbx_TLS_residual_ADP_flag               ? 
_refine.correlation_coeff_Fo_to_Fc               ? 
_refine.correlation_coeff_Fo_to_Fc_free          ? 
_refine.pdbx_solvent_vdw_probe_radii             ? 
_refine.pdbx_solvent_ion_probe_radii             ? 
_refine.pdbx_solvent_shrinkage_radii             ? 
_refine.pdbx_overall_phase_error                 ? 
_refine.overall_SU_R_Cruickshank_DPI             ? 
_refine.pdbx_overall_SU_R_free_Cruickshank_DPI   ? 
_refine.pdbx_overall_SU_R_Blow_DPI               ? 
_refine.pdbx_overall_SU_R_free_Blow_DPI          ? 
# 
_refine_hist.pdbx_refine_id                   'X-RAY DIFFRACTION' 
_refine_hist.cycle_id                         LAST 
_refine_hist.pdbx_number_atoms_protein        1688 
_refine_hist.pdbx_number_atoms_nucleic_acid   0 
_refine_hist.pdbx_number_atoms_ligand         0 
_refine_hist.number_atoms_solvent             0 
_refine_hist.number_atoms_total               1688 
_refine_hist.d_res_high                       2.00 
_refine_hist.d_res_low                        8.00 
# 
loop_
_refine_ls_restr.type 
_refine_ls_restr.dev_ideal 
_refine_ls_restr.dev_ideal_target 
_refine_ls_restr.weight 
_refine_ls_restr.number 
_refine_ls_restr.pdbx_refine_id 
_refine_ls_restr.pdbx_restraint_function 
x_bond_d                0.016 ? ? ? 'X-RAY DIFFRACTION' ? 
x_bond_d_na             ?     ? ? ? 'X-RAY DIFFRACTION' ? 
x_bond_d_prot           ?     ? ? ? 'X-RAY DIFFRACTION' ? 
x_angle_d               ?     ? ? ? 'X-RAY DIFFRACTION' ? 
x_angle_d_na            ?     ? ? ? 'X-RAY DIFFRACTION' ? 
x_angle_d_prot          ?     ? ? ? 'X-RAY DIFFRACTION' ? 
x_angle_deg             3.3   ? ? ? 'X-RAY DIFFRACTION' ? 
x_angle_deg_na          ?     ? ? ? 'X-RAY DIFFRACTION' ? 
x_angle_deg_prot        ?     ? ? ? 'X-RAY DIFFRACTION' ? 
x_dihedral_angle_d      26.7  ? ? ? 'X-RAY DIFFRACTION' ? 
x_dihedral_angle_d_na   ?     ? ? ? 'X-RAY DIFFRACTION' ? 
x_dihedral_angle_d_prot ?     ? ? ? 'X-RAY DIFFRACTION' ? 
x_improper_angle_d      1.0   ? ? ? 'X-RAY DIFFRACTION' ? 
x_improper_angle_d_na   ?     ? ? ? 'X-RAY DIFFRACTION' ? 
x_improper_angle_d_prot ?     ? ? ? 'X-RAY DIFFRACTION' ? 
x_mcbond_it             ?     ? ? ? 'X-RAY DIFFRACTION' ? 
x_mcangle_it            ?     ? ? ? 'X-RAY DIFFRACTION' ? 
x_scbond_it             ?     ? ? ? 'X-RAY DIFFRACTION' ? 
x_scangle_it            ?     ? ? ? 'X-RAY DIFFRACTION' ? 
# 
_struct.entry_id                  1BOL 
_struct.title                     'THE CRYSTAL STRUCTURE OF RIBONUCLEASE RH FROM RHIZOPUS NIVEUS AT 2.0 A RESOLUTION' 
_struct.pdbx_model_details        ? 
_struct.pdbx_CASP_flag            ? 
_struct.pdbx_model_type_details   ? 
# 
_struct_keywords.entry_id        1BOL 
_struct_keywords.pdbx_keywords   HYDROLASE 
_struct_keywords.text            'RIBONUCLEASES, HYDROLASE' 
# 
_struct_asym.id                            A 
_struct_asym.pdbx_blank_PDB_chainid_flag   N 
_struct_asym.pdbx_modified                 N 
_struct_asym.entity_id                     1 
_struct_asym.details                       ? 
# 
_struct_ref.id                         1 
_struct_ref.db_name                    UNP 
_struct_ref.db_code                    RNRH_RHINI 
_struct_ref.entity_id                  1 
_struct_ref.pdbx_db_accession          P08056 
_struct_ref.pdbx_db_isoform            ? 
_struct_ref.pdbx_seq_one_letter_code   ? 
_struct_ref.pdbx_align_begin           ? 
# 
_struct_ref_seq.align_id                      1 
_struct_ref_seq.ref_id                        1 
_struct_ref_seq.pdbx_PDB_id_code              1BOL 
_struct_ref_seq.pdbx_strand_id                A 
_struct_ref_seq.seq_align_beg                 1 
_struct_ref_seq.pdbx_seq_align_beg_ins_code   ? 
_struct_ref_seq.seq_align_end                 222 
_struct_ref_seq.pdbx_seq_align_end_ins_code   ? 
_struct_ref_seq.pdbx_db_accession             P08056 
_struct_ref_seq.db_align_beg                  17 
_struct_ref_seq.pdbx_db_align_beg_ins_code    ? 
_struct_ref_seq.db_align_end                  238 
_struct_ref_seq.pdbx_db_align_end_ins_code    ? 
_struct_ref_seq.pdbx_auth_seq_align_beg       1 
_struct_ref_seq.pdbx_auth_seq_align_end       222 
# 
_pdbx_struct_assembly.id                   1 
_pdbx_struct_assembly.details              author_defined_assembly 
_pdbx_struct_assembly.method_details       ? 
_pdbx_struct_assembly.oligomeric_details   monomeric 
_pdbx_struct_assembly.oligomeric_count     1 
# 
_pdbx_struct_assembly_gen.assembly_id       1 
_pdbx_struct_assembly_gen.oper_expression   1 
_pdbx_struct_assembly_gen.asym_id_list      A 
# 
_pdbx_struct_oper_list.id                   1 
_pdbx_struct_oper_list.type                 'identity operation' 
_pdbx_struct_oper_list.name                 1_555 
_pdbx_struct_oper_list.symmetry_operation   x,y,z 
_pdbx_struct_oper_list.matrix[1][1]         1.0000000000 
_pdbx_struct_oper_list.matrix[1][2]         0.0000000000 
_pdbx_struct_oper_list.matrix[1][3]         0.0000000000 
_pdbx_struct_oper_list.vector[1]            0.0000000000 
_pdbx_struct_oper_list.matrix[2][1]         0.0000000000 
_pdbx_struct_oper_list.matrix[2][2]         1.0000000000 
_pdbx_struct_oper_list.matrix[2][3]         0.0000000000 
_pdbx_struct_oper_list.vector[2]            0.0000000000 
_pdbx_struct_oper_list.matrix[3][1]         0.0000000000 
_pdbx_struct_oper_list.matrix[3][2]         0.0000000000 
_pdbx_struct_oper_list.matrix[3][3]         1.0000000000 
_pdbx_struct_oper_list.vector[3]            0.0000000000 
# 
loop_
_struct_conf.conf_type_id 
_struct_conf.id 
_struct_conf.pdbx_PDB_helix_id 
_struct_conf.beg_label_comp_id 
_struct_conf.beg_label_asym_id 
_struct_conf.beg_label_seq_id 
_struct_conf.pdbx_beg_PDB_ins_code 
_struct_conf.end_label_comp_id 
_struct_conf.end_label_asym_id 
_struct_conf.end_label_seq_id 
_struct_conf.pdbx_end_PDB_ins_code 
_struct_conf.beg_auth_comp_id 
_struct_conf.beg_auth_asym_id 
_struct_conf.beg_auth_seq_id 
_struct_conf.end_auth_comp_id 
_struct_conf.end_auth_asym_id 
_struct_conf.end_auth_seq_id 
_struct_conf.pdbx_PDB_helix_class 
_struct_conf.details 
_struct_conf.pdbx_PDB_helix_length 
HELX_P HELX_P1 1 ILE A 72  ? LYS A 79  ? ILE A 72  LYS A 79  1 ? 8  
HELX_P HELX_P2 2 SER A 81  ? TYR A 90  ? SER A 81  TYR A 90  1 ? 10 
HELX_P HELX_P3 3 ASN A 98  ? LYS A 108 ? ASN A 98  LYS A 108 1 ? 11 
HELX_P HELX_P4 4 GLY A 110 ? CYS A 112 ? GLY A 110 CYS A 112 5 ? 3  
HELX_P HELX_P5 5 SER A 114 ? TYR A 116 ? SER A 114 TYR A 116 5 ? 3  
HELX_P HELX_P6 6 PRO A 118 ? CYS A 120 ? PRO A 118 CYS A 120 5 ? 3  
HELX_P HELX_P7 7 GLU A 128 ? GLN A 143 ? GLU A 128 GLN A 143 1 ? 16 
HELX_P HELX_P8 8 VAL A 146 ? ASN A 153 ? VAL A 146 ASN A 153 1 ? 8  
HELX_P HELX_P9 9 ALA A 163 ? PHE A 174 ? ALA A 163 PHE A 174 1 ? 12 
# 
_struct_conf_type.id          HELX_P 
_struct_conf_type.criteria    ? 
_struct_conf_type.reference   ? 
# 
loop_
_struct_conn.id 
_struct_conn.conn_type_id 
_struct_conn.pdbx_leaving_atom_flag 
_struct_conn.pdbx_PDB_id 
_struct_conn.ptnr1_label_asym_id 
_struct_conn.ptnr1_label_comp_id 
_struct_conn.ptnr1_label_seq_id 
_struct_conn.ptnr1_label_atom_id 
_struct_conn.pdbx_ptnr1_label_alt_id 
_struct_conn.pdbx_ptnr1_PDB_ins_code 
_struct_conn.pdbx_ptnr1_standard_comp_id 
_struct_conn.ptnr1_symmetry 
_struct_conn.ptnr2_label_asym_id 
_struct_conn.ptnr2_label_comp_id 
_struct_conn.ptnr2_label_seq_id 
_struct_conn.ptnr2_label_atom_id 
_struct_conn.pdbx_ptnr2_label_alt_id 
_struct_conn.pdbx_ptnr2_PDB_ins_code 
_struct_conn.ptnr1_auth_asym_id 
_struct_conn.ptnr1_auth_comp_id 
_struct_conn.ptnr1_auth_seq_id 
_struct_conn.ptnr2_auth_asym_id 
_struct_conn.ptnr2_auth_comp_id 
_struct_conn.ptnr2_auth_seq_id 
_struct_conn.ptnr2_symmetry 
_struct_conn.pdbx_ptnr3_label_atom_id 
_struct_conn.pdbx_ptnr3_label_seq_id 
_struct_conn.pdbx_ptnr3_label_comp_id 
_struct_conn.pdbx_ptnr3_label_asym_id 
_struct_conn.pdbx_ptnr3_label_alt_id 
_struct_conn.pdbx_ptnr3_PDB_ins_code 
_struct_conn.details 
_struct_conn.pdbx_dist_value 
_struct_conn.pdbx_value_order 
_struct_conn.pdbx_role 
disulf1 disulf ? ? A CYS 3   SG ? ? ? 1_555 A CYS 20  SG ? ? A CYS 3   A CYS 20  1_555 ? ? ? ? ? ? ? 2.029 ? ? 
disulf2 disulf ? ? A CYS 10  SG ? ? ? 1_555 A CYS 53  SG ? ? A CYS 10  A CYS 53  1_555 ? ? ? ? ? ? ? 2.020 ? ? 
disulf3 disulf ? ? A CYS 19  SG ? ? ? 1_555 A CYS 120 SG ? ? A CYS 19  A CYS 120 1_555 ? ? ? ? ? ? ? 2.037 ? ? 
disulf4 disulf ? ? A CYS 63  SG ? ? ? 1_555 A CYS 112 SG ? ? A CYS 63  A CYS 112 1_555 ? ? ? ? ? ? ? 2.023 ? ? 
disulf5 disulf ? ? A CYS 182 SG ? ? ? 1_555 A CYS 213 SG ? ? A CYS 182 A CYS 213 1_555 ? ? ? ? ? ? ? 1.992 ? ? 
# 
_struct_conn_type.id          disulf 
_struct_conn_type.criteria    ? 
_struct_conn_type.reference   ? 
# 
loop_
_pdbx_modification_feature.ordinal 
_pdbx_modification_feature.label_comp_id 
_pdbx_modification_feature.label_asym_id 
_pdbx_modification_feature.label_seq_id 
_pdbx_modification_feature.label_alt_id 
_pdbx_modification_feature.modified_residue_label_comp_id 
_pdbx_modification_feature.modified_residue_label_asym_id 
_pdbx_modification_feature.modified_residue_label_seq_id 
_pdbx_modification_feature.modified_residue_label_alt_id 
_pdbx_modification_feature.auth_comp_id 
_pdbx_modification_feature.auth_asym_id 
_pdbx_modification_feature.auth_seq_id 
_pdbx_modification_feature.PDB_ins_code 
_pdbx_modification_feature.symmetry 
_pdbx_modification_feature.modified_residue_auth_comp_id 
_pdbx_modification_feature.modified_residue_auth_asym_id 
_pdbx_modification_feature.modified_residue_auth_seq_id 
_pdbx_modification_feature.modified_residue_PDB_ins_code 
_pdbx_modification_feature.modified_residue_symmetry 
_pdbx_modification_feature.comp_id_linking_atom 
_pdbx_modification_feature.modified_residue_id_linking_atom 
_pdbx_modification_feature.modified_residue_id 
_pdbx_modification_feature.ref_pcm_id 
_pdbx_modification_feature.ref_comp_id 
_pdbx_modification_feature.type 
_pdbx_modification_feature.category 
1 CYS A 3   ? CYS A 20  ? CYS A 3   ? 1_555 CYS A 20  ? 1_555 SG SG . . . None 'Disulfide bridge' 
2 CYS A 10  ? CYS A 53  ? CYS A 10  ? 1_555 CYS A 53  ? 1_555 SG SG . . . None 'Disulfide bridge' 
3 CYS A 19  ? CYS A 120 ? CYS A 19  ? 1_555 CYS A 120 ? 1_555 SG SG . . . None 'Disulfide bridge' 
4 CYS A 63  ? CYS A 112 ? CYS A 63  ? 1_555 CYS A 112 ? 1_555 SG SG . . . None 'Disulfide bridge' 
5 CYS A 182 ? CYS A 213 ? CYS A 182 ? 1_555 CYS A 213 ? 1_555 SG SG . . . None 'Disulfide bridge' 
# 
loop_
_struct_sheet.id 
_struct_sheet.type 
_struct_sheet.number_strands 
_struct_sheet.details 
A ? 4 ? 
B ? 2 ? 
C ? 2 ? 
# 
loop_
_struct_sheet_order.sheet_id 
_struct_sheet_order.range_id_1 
_struct_sheet_order.range_id_2 
_struct_sheet_order.offset 
_struct_sheet_order.sense 
A 1 2 ? anti-parallel 
A 2 3 ? anti-parallel 
A 3 4 ? anti-parallel 
B 1 2 ? anti-parallel 
C 1 2 ? anti-parallel 
# 
loop_
_struct_sheet_range.sheet_id 
_struct_sheet_range.id 
_struct_sheet_range.beg_label_comp_id 
_struct_sheet_range.beg_label_asym_id 
_struct_sheet_range.beg_label_seq_id 
_struct_sheet_range.pdbx_beg_PDB_ins_code 
_struct_sheet_range.end_label_comp_id 
_struct_sheet_range.end_label_asym_id 
_struct_sheet_range.end_label_seq_id 
_struct_sheet_range.pdbx_end_PDB_ins_code 
_struct_sheet_range.beg_auth_comp_id 
_struct_sheet_range.beg_auth_asym_id 
_struct_sheet_range.beg_auth_seq_id 
_struct_sheet_range.end_auth_comp_id 
_struct_sheet_range.end_auth_asym_id 
_struct_sheet_range.end_auth_seq_id 
A 1 THR A 201 ? THR A 205 ? THR A 201 THR A 205 
A 2 ASP A 189 ? ARG A 197 ? ASP A 189 ARG A 197 
A 3 LEU A 26  ? GLN A 32  ? LEU A 26  GLN A 32  
A 4 THR A 44  ? ASP A 51  ? THR A 44  ASP A 51  
B 1 GLY A 159 ? THR A 162 ? GLY A 159 THR A 162 
B 2 ASP A 216 ? TYR A 219 ? ASP A 216 TYR A 219 
C 1 LYS A 179 ? SER A 183 ? LYS A 179 SER A 183 
C 2 THR A 186 ? ALA A 191 ? THR A 186 ALA A 191 
# 
loop_
_pdbx_struct_sheet_hbond.sheet_id 
_pdbx_struct_sheet_hbond.range_id_1 
_pdbx_struct_sheet_hbond.range_id_2 
_pdbx_struct_sheet_hbond.range_1_label_atom_id 
_pdbx_struct_sheet_hbond.range_1_label_comp_id 
_pdbx_struct_sheet_hbond.range_1_label_asym_id 
_pdbx_struct_sheet_hbond.range_1_label_seq_id 
_pdbx_struct_sheet_hbond.range_1_PDB_ins_code 
_pdbx_struct_sheet_hbond.range_1_auth_atom_id 
_pdbx_struct_sheet_hbond.range_1_auth_comp_id 
_pdbx_struct_sheet_hbond.range_1_auth_asym_id 
_pdbx_struct_sheet_hbond.range_1_auth_seq_id 
_pdbx_struct_sheet_hbond.range_2_label_atom_id 
_pdbx_struct_sheet_hbond.range_2_label_comp_id 
_pdbx_struct_sheet_hbond.range_2_label_asym_id 
_pdbx_struct_sheet_hbond.range_2_label_seq_id 
_pdbx_struct_sheet_hbond.range_2_PDB_ins_code 
_pdbx_struct_sheet_hbond.range_2_auth_atom_id 
_pdbx_struct_sheet_hbond.range_2_auth_comp_id 
_pdbx_struct_sheet_hbond.range_2_auth_asym_id 
_pdbx_struct_sheet_hbond.range_2_auth_seq_id 
A 1 2 O THR A 201 ? O THR A 201 N ARG A 197 ? N ARG A 197 
A 2 3 O VAL A 190 ? O VAL A 190 N MET A 31  ? N MET A 31  
A 3 4 O LEU A 26  ? O LEU A 26  N ASP A 51  ? N ASP A 51  
B 1 2 O GLY A 159 ? O GLY A 159 N TYR A 219 ? N TYR A 219 
C 1 2 O LYS A 179 ? O LYS A 179 N ALA A 191 ? N ALA A 191 
# 
_struct_site.id                   ACT 
_struct_site.pdbx_evidence_code   Author 
_struct_site.pdbx_auth_asym_id    ? 
_struct_site.pdbx_auth_comp_id    ? 
_struct_site.pdbx_auth_seq_id     ? 
_struct_site.pdbx_auth_ins_code   ? 
_struct_site.pdbx_num_residues    3 
_struct_site.details              'ACTIVE SITE' 
# 
loop_
_struct_site_gen.id 
_struct_site_gen.site_id 
_struct_site_gen.pdbx_num_res 
_struct_site_gen.label_comp_id 
_struct_site_gen.label_asym_id 
_struct_site_gen.label_seq_id 
_struct_site_gen.pdbx_auth_ins_code 
_struct_site_gen.auth_comp_id 
_struct_site_gen.auth_asym_id 
_struct_site_gen.auth_seq_id 
_struct_site_gen.label_atom_id 
_struct_site_gen.label_alt_id 
_struct_site_gen.symmetry 
_struct_site_gen.details 
1 ACT 3 HIS A 46  ? HIS A 46  . ? 1_555 ? 
2 ACT 3 HIS A 109 ? HIS A 109 . ? 1_555 ? 
3 ACT 3 GLU A 105 ? GLU A 105 . ? 1_555 ? 
# 
_pdbx_entry_details.entry_id                   1BOL 
_pdbx_entry_details.compound_details           ? 
_pdbx_entry_details.source_details             ? 
_pdbx_entry_details.nonpolymer_details         ? 
_pdbx_entry_details.sequence_details           ? 
_pdbx_entry_details.has_ligand_of_interest     ? 
_pdbx_entry_details.has_protein_modification   Y 
# 
loop_
_pdbx_validate_rmsd_bond.id 
_pdbx_validate_rmsd_bond.PDB_model_num 
_pdbx_validate_rmsd_bond.auth_atom_id_1 
_pdbx_validate_rmsd_bond.auth_asym_id_1 
_pdbx_validate_rmsd_bond.auth_comp_id_1 
_pdbx_validate_rmsd_bond.auth_seq_id_1 
_pdbx_validate_rmsd_bond.PDB_ins_code_1 
_pdbx_validate_rmsd_bond.label_alt_id_1 
_pdbx_validate_rmsd_bond.auth_atom_id_2 
_pdbx_validate_rmsd_bond.auth_asym_id_2 
_pdbx_validate_rmsd_bond.auth_comp_id_2 
_pdbx_validate_rmsd_bond.auth_seq_id_2 
_pdbx_validate_rmsd_bond.PDB_ins_code_2 
_pdbx_validate_rmsd_bond.label_alt_id_2 
_pdbx_validate_rmsd_bond.bond_value 
_pdbx_validate_rmsd_bond.bond_target_value 
_pdbx_validate_rmsd_bond.bond_deviation 
_pdbx_validate_rmsd_bond.bond_standard_deviation 
_pdbx_validate_rmsd_bond.linker_flag 
1 1 NE2 A HIS 46  ? ? CD2 A HIS 46  ? ? 1.279 1.373 -0.094 0.011 N 
2 1 NE2 A HIS 109 ? ? CD2 A HIS 109 ? ? 1.304 1.373 -0.069 0.011 N 
# 
loop_
_pdbx_validate_rmsd_angle.id 
_pdbx_validate_rmsd_angle.PDB_model_num 
_pdbx_validate_rmsd_angle.auth_atom_id_1 
_pdbx_validate_rmsd_angle.auth_asym_id_1 
_pdbx_validate_rmsd_angle.auth_comp_id_1 
_pdbx_validate_rmsd_angle.auth_seq_id_1 
_pdbx_validate_rmsd_angle.PDB_ins_code_1 
_pdbx_validate_rmsd_angle.label_alt_id_1 
_pdbx_validate_rmsd_angle.auth_atom_id_2 
_pdbx_validate_rmsd_angle.auth_asym_id_2 
_pdbx_validate_rmsd_angle.auth_comp_id_2 
_pdbx_validate_rmsd_angle.auth_seq_id_2 
_pdbx_validate_rmsd_angle.PDB_ins_code_2 
_pdbx_validate_rmsd_angle.label_alt_id_2 
_pdbx_validate_rmsd_angle.auth_atom_id_3 
_pdbx_validate_rmsd_angle.auth_asym_id_3 
_pdbx_validate_rmsd_angle.auth_comp_id_3 
_pdbx_validate_rmsd_angle.auth_seq_id_3 
_pdbx_validate_rmsd_angle.PDB_ins_code_3 
_pdbx_validate_rmsd_angle.label_alt_id_3 
_pdbx_validate_rmsd_angle.angle_value 
_pdbx_validate_rmsd_angle.angle_target_value 
_pdbx_validate_rmsd_angle.angle_deviation 
_pdbx_validate_rmsd_angle.angle_standard_deviation 
_pdbx_validate_rmsd_angle.linker_flag 
1  1 CB  A LEU 45  ? ? CG  A LEU 45  ? ? CD2 A LEU 45  ? ? 100.24 111.00 -10.76 1.70 N 
2  1 CE2 A TRP 49  ? ? CD2 A TRP 49  ? ? CG  A TRP 49  ? ? 102.25 107.30 -5.05  0.80 N 
3  1 NE  A ARG 67  ? ? CZ  A ARG 67  ? ? NH1 A ARG 67  ? ? 125.08 120.30 4.78   0.50 N 
4  1 NE  A ARG 67  ? ? CZ  A ARG 67  ? ? NH2 A ARG 67  ? ? 115.03 120.30 -5.27  0.50 N 
5  1 CD1 A TRP 91  ? ? CG  A TRP 91  ? ? CD2 A TRP 91  ? ? 111.35 106.30 5.05   0.80 N 
6  1 CD1 A TRP 106 ? ? CG  A TRP 106 ? ? CD2 A TRP 106 ? ? 113.31 106.30 7.01   0.80 N 
7  1 CG  A TRP 106 ? ? CD1 A TRP 106 ? ? NE1 A TRP 106 ? ? 103.56 110.10 -6.54  1.00 N 
8  1 CE2 A TRP 106 ? ? CD2 A TRP 106 ? ? CG  A TRP 106 ? ? 101.87 107.30 -5.43  0.80 N 
9  1 NE  A ARG 141 ? ? CZ  A ARG 141 ? ? NH1 A ARG 141 ? ? 123.79 120.30 3.49   0.50 N 
10 1 NE  A ARG 141 ? ? CZ  A ARG 141 ? ? NH2 A ARG 141 ? ? 113.49 120.30 -6.81  0.50 N 
11 1 CA  A LYS 148 ? ? CB  A LYS 148 ? ? CG  A LYS 148 ? ? 128.66 113.40 15.26  2.20 N 
12 1 CB  A TYR 219 ? ? CG  A TYR 219 ? ? CD2 A TYR 219 ? ? 117.30 121.00 -3.70  0.60 N 
# 
loop_
_pdbx_validate_torsion.id 
_pdbx_validate_torsion.PDB_model_num 
_pdbx_validate_torsion.auth_comp_id 
_pdbx_validate_torsion.auth_asym_id 
_pdbx_validate_torsion.auth_seq_id 
_pdbx_validate_torsion.PDB_ins_code 
_pdbx_validate_torsion.label_alt_id 
_pdbx_validate_torsion.phi 
_pdbx_validate_torsion.psi 
1 1 SER A 2   ? ? 133.79  158.03 
2 1 SER A 4   ? ? -45.05  83.11  
3 1 ASP A 64  ? ? -164.45 103.33 
4 1 ASP A 80  ? ? -163.96 102.69 
5 1 ASN A 97  ? ? -168.25 88.19  
6 1 ASN A 123 ? ? -158.06 76.40  
7 1 TYR A 144 ? ? -103.66 70.58  
8 1 ASP A 200 ? ? -157.57 36.31  
9 1 SER A 209 ? ? -178.69 140.92 
# 
loop_
_chem_comp_atom.comp_id 
_chem_comp_atom.atom_id 
_chem_comp_atom.type_symbol 
_chem_comp_atom.pdbx_aromatic_flag 
_chem_comp_atom.pdbx_stereo_config 
_chem_comp_atom.pdbx_ordinal 
ALA N    N N N 1   
ALA CA   C N S 2   
ALA C    C N N 3   
ALA O    O N N 4   
ALA CB   C N N 5   
ALA OXT  O N N 6   
ALA H    H N N 7   
ALA H2   H N N 8   
ALA HA   H N N 9   
ALA HB1  H N N 10  
ALA HB2  H N N 11  
ALA HB3  H N N 12  
ALA HXT  H N N 13  
ARG N    N N N 14  
ARG CA   C N S 15  
ARG C    C N N 16  
ARG O    O N N 17  
ARG CB   C N N 18  
ARG CG   C N N 19  
ARG CD   C N N 20  
ARG NE   N N N 21  
ARG CZ   C N N 22  
ARG NH1  N N N 23  
ARG NH2  N N N 24  
ARG OXT  O N N 25  
ARG H    H N N 26  
ARG H2   H N N 27  
ARG HA   H N N 28  
ARG HB2  H N N 29  
ARG HB3  H N N 30  
ARG HG2  H N N 31  
ARG HG3  H N N 32  
ARG HD2  H N N 33  
ARG HD3  H N N 34  
ARG HE   H N N 35  
ARG HH11 H N N 36  
ARG HH12 H N N 37  
ARG HH21 H N N 38  
ARG HH22 H N N 39  
ARG HXT  H N N 40  
ASN N    N N N 41  
ASN CA   C N S 42  
ASN C    C N N 43  
ASN O    O N N 44  
ASN CB   C N N 45  
ASN CG   C N N 46  
ASN OD1  O N N 47  
ASN ND2  N N N 48  
ASN OXT  O N N 49  
ASN H    H N N 50  
ASN H2   H N N 51  
ASN HA   H N N 52  
ASN HB2  H N N 53  
ASN HB3  H N N 54  
ASN HD21 H N N 55  
ASN HD22 H N N 56  
ASN HXT  H N N 57  
ASP N    N N N 58  
ASP CA   C N S 59  
ASP C    C N N 60  
ASP O    O N N 61  
ASP CB   C N N 62  
ASP CG   C N N 63  
ASP OD1  O N N 64  
ASP OD2  O N N 65  
ASP OXT  O N N 66  
ASP H    H N N 67  
ASP H2   H N N 68  
ASP HA   H N N 69  
ASP HB2  H N N 70  
ASP HB3  H N N 71  
ASP HD2  H N N 72  
ASP HXT  H N N 73  
CYS N    N N N 74  
CYS CA   C N R 75  
CYS C    C N N 76  
CYS O    O N N 77  
CYS CB   C N N 78  
CYS SG   S N N 79  
CYS OXT  O N N 80  
CYS H    H N N 81  
CYS H2   H N N 82  
CYS HA   H N N 83  
CYS HB2  H N N 84  
CYS HB3  H N N 85  
CYS HG   H N N 86  
CYS HXT  H N N 87  
GLN N    N N N 88  
GLN CA   C N S 89  
GLN C    C N N 90  
GLN O    O N N 91  
GLN CB   C N N 92  
GLN CG   C N N 93  
GLN CD   C N N 94  
GLN OE1  O N N 95  
GLN NE2  N N N 96  
GLN OXT  O N N 97  
GLN H    H N N 98  
GLN H2   H N N 99  
GLN HA   H N N 100 
GLN HB2  H N N 101 
GLN HB3  H N N 102 
GLN HG2  H N N 103 
GLN HG3  H N N 104 
GLN HE21 H N N 105 
GLN HE22 H N N 106 
GLN HXT  H N N 107 
GLU N    N N N 108 
GLU CA   C N S 109 
GLU C    C N N 110 
GLU O    O N N 111 
GLU CB   C N N 112 
GLU CG   C N N 113 
GLU CD   C N N 114 
GLU OE1  O N N 115 
GLU OE2  O N N 116 
GLU OXT  O N N 117 
GLU H    H N N 118 
GLU H2   H N N 119 
GLU HA   H N N 120 
GLU HB2  H N N 121 
GLU HB3  H N N 122 
GLU HG2  H N N 123 
GLU HG3  H N N 124 
GLU HE2  H N N 125 
GLU HXT  H N N 126 
GLY N    N N N 127 
GLY CA   C N N 128 
GLY C    C N N 129 
GLY O    O N N 130 
GLY OXT  O N N 131 
GLY H    H N N 132 
GLY H2   H N N 133 
GLY HA2  H N N 134 
GLY HA3  H N N 135 
GLY HXT  H N N 136 
HIS N    N N N 137 
HIS CA   C N S 138 
HIS C    C N N 139 
HIS O    O N N 140 
HIS CB   C N N 141 
HIS CG   C Y N 142 
HIS ND1  N Y N 143 
HIS CD2  C Y N 144 
HIS CE1  C Y N 145 
HIS NE2  N Y N 146 
HIS OXT  O N N 147 
HIS H    H N N 148 
HIS H2   H N N 149 
HIS HA   H N N 150 
HIS HB2  H N N 151 
HIS HB3  H N N 152 
HIS HD1  H N N 153 
HIS HD2  H N N 154 
HIS HE1  H N N 155 
HIS HE2  H N N 156 
HIS HXT  H N N 157 
ILE N    N N N 158 
ILE CA   C N S 159 
ILE C    C N N 160 
ILE O    O N N 161 
ILE CB   C N S 162 
ILE CG1  C N N 163 
ILE CG2  C N N 164 
ILE CD1  C N N 165 
ILE OXT  O N N 166 
ILE H    H N N 167 
ILE H2   H N N 168 
ILE HA   H N N 169 
ILE HB   H N N 170 
ILE HG12 H N N 171 
ILE HG13 H N N 172 
ILE HG21 H N N 173 
ILE HG22 H N N 174 
ILE HG23 H N N 175 
ILE HD11 H N N 176 
ILE HD12 H N N 177 
ILE HD13 H N N 178 
ILE HXT  H N N 179 
LEU N    N N N 180 
LEU CA   C N S 181 
LEU C    C N N 182 
LEU O    O N N 183 
LEU CB   C N N 184 
LEU CG   C N N 185 
LEU CD1  C N N 186 
LEU CD2  C N N 187 
LEU OXT  O N N 188 
LEU H    H N N 189 
LEU H2   H N N 190 
LEU HA   H N N 191 
LEU HB2  H N N 192 
LEU HB3  H N N 193 
LEU HG   H N N 194 
LEU HD11 H N N 195 
LEU HD12 H N N 196 
LEU HD13 H N N 197 
LEU HD21 H N N 198 
LEU HD22 H N N 199 
LEU HD23 H N N 200 
LEU HXT  H N N 201 
LYS N    N N N 202 
LYS CA   C N S 203 
LYS C    C N N 204 
LYS O    O N N 205 
LYS CB   C N N 206 
LYS CG   C N N 207 
LYS CD   C N N 208 
LYS CE   C N N 209 
LYS NZ   N N N 210 
LYS OXT  O N N 211 
LYS H    H N N 212 
LYS H2   H N N 213 
LYS HA   H N N 214 
LYS HB2  H N N 215 
LYS HB3  H N N 216 
LYS HG2  H N N 217 
LYS HG3  H N N 218 
LYS HD2  H N N 219 
LYS HD3  H N N 220 
LYS HE2  H N N 221 
LYS HE3  H N N 222 
LYS HZ1  H N N 223 
LYS HZ2  H N N 224 
LYS HZ3  H N N 225 
LYS HXT  H N N 226 
MET N    N N N 227 
MET CA   C N S 228 
MET C    C N N 229 
MET O    O N N 230 
MET CB   C N N 231 
MET CG   C N N 232 
MET SD   S N N 233 
MET CE   C N N 234 
MET OXT  O N N 235 
MET H    H N N 236 
MET H2   H N N 237 
MET HA   H N N 238 
MET HB2  H N N 239 
MET HB3  H N N 240 
MET HG2  H N N 241 
MET HG3  H N N 242 
MET HE1  H N N 243 
MET HE2  H N N 244 
MET HE3  H N N 245 
MET HXT  H N N 246 
PHE N    N N N 247 
PHE CA   C N S 248 
PHE C    C N N 249 
PHE O    O N N 250 
PHE CB   C N N 251 
PHE CG   C Y N 252 
PHE CD1  C Y N 253 
PHE CD2  C Y N 254 
PHE CE1  C Y N 255 
PHE CE2  C Y N 256 
PHE CZ   C Y N 257 
PHE OXT  O N N 258 
PHE H    H N N 259 
PHE H2   H N N 260 
PHE HA   H N N 261 
PHE HB2  H N N 262 
PHE HB3  H N N 263 
PHE HD1  H N N 264 
PHE HD2  H N N 265 
PHE HE1  H N N 266 
PHE HE2  H N N 267 
PHE HZ   H N N 268 
PHE HXT  H N N 269 
PRO N    N N N 270 
PRO CA   C N S 271 
PRO C    C N N 272 
PRO O    O N N 273 
PRO CB   C N N 274 
PRO CG   C N N 275 
PRO CD   C N N 276 
PRO OXT  O N N 277 
PRO H    H N N 278 
PRO HA   H N N 279 
PRO HB2  H N N 280 
PRO HB3  H N N 281 
PRO HG2  H N N 282 
PRO HG3  H N N 283 
PRO HD2  H N N 284 
PRO HD3  H N N 285 
PRO HXT  H N N 286 
SER N    N N N 287 
SER CA   C N S 288 
SER C    C N N 289 
SER O    O N N 290 
SER CB   C N N 291 
SER OG   O N N 292 
SER OXT  O N N 293 
SER H    H N N 294 
SER H2   H N N 295 
SER HA   H N N 296 
SER HB2  H N N 297 
SER HB3  H N N 298 
SER HG   H N N 299 
SER HXT  H N N 300 
THR N    N N N 301 
THR CA   C N S 302 
THR C    C N N 303 
THR O    O N N 304 
THR CB   C N R 305 
THR OG1  O N N 306 
THR CG2  C N N 307 
THR OXT  O N N 308 
THR H    H N N 309 
THR H2   H N N 310 
THR HA   H N N 311 
THR HB   H N N 312 
THR HG1  H N N 313 
THR HG21 H N N 314 
THR HG22 H N N 315 
THR HG23 H N N 316 
THR HXT  H N N 317 
TRP N    N N N 318 
TRP CA   C N S 319 
TRP C    C N N 320 
TRP O    O N N 321 
TRP CB   C N N 322 
TRP CG   C Y N 323 
TRP CD1  C Y N 324 
TRP CD2  C Y N 325 
TRP NE1  N Y N 326 
TRP CE2  C Y N 327 
TRP CE3  C Y N 328 
TRP CZ2  C Y N 329 
TRP CZ3  C Y N 330 
TRP CH2  C Y N 331 
TRP OXT  O N N 332 
TRP H    H N N 333 
TRP H2   H N N 334 
TRP HA   H N N 335 
TRP HB2  H N N 336 
TRP HB3  H N N 337 
TRP HD1  H N N 338 
TRP HE1  H N N 339 
TRP HE3  H N N 340 
TRP HZ2  H N N 341 
TRP HZ3  H N N 342 
TRP HH2  H N N 343 
TRP HXT  H N N 344 
TYR N    N N N 345 
TYR CA   C N S 346 
TYR C    C N N 347 
TYR O    O N N 348 
TYR CB   C N N 349 
TYR CG   C Y N 350 
TYR CD1  C Y N 351 
TYR CD2  C Y N 352 
TYR CE1  C Y N 353 
TYR CE2  C Y N 354 
TYR CZ   C Y N 355 
TYR OH   O N N 356 
TYR OXT  O N N 357 
TYR H    H N N 358 
TYR H2   H N N 359 
TYR HA   H N N 360 
TYR HB2  H N N 361 
TYR HB3  H N N 362 
TYR HD1  H N N 363 
TYR HD2  H N N 364 
TYR HE1  H N N 365 
TYR HE2  H N N 366 
TYR HH   H N N 367 
TYR HXT  H N N 368 
VAL N    N N N 369 
VAL CA   C N S 370 
VAL C    C N N 371 
VAL O    O N N 372 
VAL CB   C N N 373 
VAL CG1  C N N 374 
VAL CG2  C N N 375 
VAL OXT  O N N 376 
VAL H    H N N 377 
VAL H2   H N N 378 
VAL HA   H N N 379 
VAL HB   H N N 380 
VAL HG11 H N N 381 
VAL HG12 H N N 382 
VAL HG13 H N N 383 
VAL HG21 H N N 384 
VAL HG22 H N N 385 
VAL HG23 H N N 386 
VAL HXT  H N N 387 
# 
loop_
_chem_comp_bond.comp_id 
_chem_comp_bond.atom_id_1 
_chem_comp_bond.atom_id_2 
_chem_comp_bond.value_order 
_chem_comp_bond.pdbx_aromatic_flag 
_chem_comp_bond.pdbx_stereo_config 
_chem_comp_bond.pdbx_ordinal 
ALA N   CA   sing N N 1   
ALA N   H    sing N N 2   
ALA N   H2   sing N N 3   
ALA CA  C    sing N N 4   
ALA CA  CB   sing N N 5   
ALA CA  HA   sing N N 6   
ALA C   O    doub N N 7   
ALA C   OXT  sing N N 8   
ALA CB  HB1  sing N N 9   
ALA CB  HB2  sing N N 10  
ALA CB  HB3  sing N N 11  
ALA OXT HXT  sing N N 12  
ARG N   CA   sing N N 13  
ARG N   H    sing N N 14  
ARG N   H2   sing N N 15  
ARG CA  C    sing N N 16  
ARG CA  CB   sing N N 17  
ARG CA  HA   sing N N 18  
ARG C   O    doub N N 19  
ARG C   OXT  sing N N 20  
ARG CB  CG   sing N N 21  
ARG CB  HB2  sing N N 22  
ARG CB  HB3  sing N N 23  
ARG CG  CD   sing N N 24  
ARG CG  HG2  sing N N 25  
ARG CG  HG3  sing N N 26  
ARG CD  NE   sing N N 27  
ARG CD  HD2  sing N N 28  
ARG CD  HD3  sing N N 29  
ARG NE  CZ   sing N N 30  
ARG NE  HE   sing N N 31  
ARG CZ  NH1  sing N N 32  
ARG CZ  NH2  doub N N 33  
ARG NH1 HH11 sing N N 34  
ARG NH1 HH12 sing N N 35  
ARG NH2 HH21 sing N N 36  
ARG NH2 HH22 sing N N 37  
ARG OXT HXT  sing N N 38  
ASN N   CA   sing N N 39  
ASN N   H    sing N N 40  
ASN N   H2   sing N N 41  
ASN CA  C    sing N N 42  
ASN CA  CB   sing N N 43  
ASN CA  HA   sing N N 44  
ASN C   O    doub N N 45  
ASN C   OXT  sing N N 46  
ASN CB  CG   sing N N 47  
ASN CB  HB2  sing N N 48  
ASN CB  HB3  sing N N 49  
ASN CG  OD1  doub N N 50  
ASN CG  ND2  sing N N 51  
ASN ND2 HD21 sing N N 52  
ASN ND2 HD22 sing N N 53  
ASN OXT HXT  sing N N 54  
ASP N   CA   sing N N 55  
ASP N   H    sing N N 56  
ASP N   H2   sing N N 57  
ASP CA  C    sing N N 58  
ASP CA  CB   sing N N 59  
ASP CA  HA   sing N N 60  
ASP C   O    doub N N 61  
ASP C   OXT  sing N N 62  
ASP CB  CG   sing N N 63  
ASP CB  HB2  sing N N 64  
ASP CB  HB3  sing N N 65  
ASP CG  OD1  doub N N 66  
ASP CG  OD2  sing N N 67  
ASP OD2 HD2  sing N N 68  
ASP OXT HXT  sing N N 69  
CYS N   CA   sing N N 70  
CYS N   H    sing N N 71  
CYS N   H2   sing N N 72  
CYS CA  C    sing N N 73  
CYS CA  CB   sing N N 74  
CYS CA  HA   sing N N 75  
CYS C   O    doub N N 76  
CYS C   OXT  sing N N 77  
CYS CB  SG   sing N N 78  
CYS CB  HB2  sing N N 79  
CYS CB  HB3  sing N N 80  
CYS SG  HG   sing N N 81  
CYS OXT HXT  sing N N 82  
GLN N   CA   sing N N 83  
GLN N   H    sing N N 84  
GLN N   H2   sing N N 85  
GLN CA  C    sing N N 86  
GLN CA  CB   sing N N 87  
GLN CA  HA   sing N N 88  
GLN C   O    doub N N 89  
GLN C   OXT  sing N N 90  
GLN CB  CG   sing N N 91  
GLN CB  HB2  sing N N 92  
GLN CB  HB3  sing N N 93  
GLN CG  CD   sing N N 94  
GLN CG  HG2  sing N N 95  
GLN CG  HG3  sing N N 96  
GLN CD  OE1  doub N N 97  
GLN CD  NE2  sing N N 98  
GLN NE2 HE21 sing N N 99  
GLN NE2 HE22 sing N N 100 
GLN OXT HXT  sing N N 101 
GLU N   CA   sing N N 102 
GLU N   H    sing N N 103 
GLU N   H2   sing N N 104 
GLU CA  C    sing N N 105 
GLU CA  CB   sing N N 106 
GLU CA  HA   sing N N 107 
GLU C   O    doub N N 108 
GLU C   OXT  sing N N 109 
GLU CB  CG   sing N N 110 
GLU CB  HB2  sing N N 111 
GLU CB  HB3  sing N N 112 
GLU CG  CD   sing N N 113 
GLU CG  HG2  sing N N 114 
GLU CG  HG3  sing N N 115 
GLU CD  OE1  doub N N 116 
GLU CD  OE2  sing N N 117 
GLU OE2 HE2  sing N N 118 
GLU OXT HXT  sing N N 119 
GLY N   CA   sing N N 120 
GLY N   H    sing N N 121 
GLY N   H2   sing N N 122 
GLY CA  C    sing N N 123 
GLY CA  HA2  sing N N 124 
GLY CA  HA3  sing N N 125 
GLY C   O    doub N N 126 
GLY C   OXT  sing N N 127 
GLY OXT HXT  sing N N 128 
HIS N   CA   sing N N 129 
HIS N   H    sing N N 130 
HIS N   H2   sing N N 131 
HIS CA  C    sing N N 132 
HIS CA  CB   sing N N 133 
HIS CA  HA   sing N N 134 
HIS C   O    doub N N 135 
HIS C   OXT  sing N N 136 
HIS CB  CG   sing N N 137 
HIS CB  HB2  sing N N 138 
HIS CB  HB3  sing N N 139 
HIS CG  ND1  sing Y N 140 
HIS CG  CD2  doub Y N 141 
HIS ND1 CE1  doub Y N 142 
HIS ND1 HD1  sing N N 143 
HIS CD2 NE2  sing Y N 144 
HIS CD2 HD2  sing N N 145 
HIS CE1 NE2  sing Y N 146 
HIS CE1 HE1  sing N N 147 
HIS NE2 HE2  sing N N 148 
HIS OXT HXT  sing N N 149 
ILE N   CA   sing N N 150 
ILE N   H    sing N N 151 
ILE N   H2   sing N N 152 
ILE CA  C    sing N N 153 
ILE CA  CB   sing N N 154 
ILE CA  HA   sing N N 155 
ILE C   O    doub N N 156 
ILE C   OXT  sing N N 157 
ILE CB  CG1  sing N N 158 
ILE CB  CG2  sing N N 159 
ILE CB  HB   sing N N 160 
ILE CG1 CD1  sing N N 161 
ILE CG1 HG12 sing N N 162 
ILE CG1 HG13 sing N N 163 
ILE CG2 HG21 sing N N 164 
ILE CG2 HG22 sing N N 165 
ILE CG2 HG23 sing N N 166 
ILE CD1 HD11 sing N N 167 
ILE CD1 HD12 sing N N 168 
ILE CD1 HD13 sing N N 169 
ILE OXT HXT  sing N N 170 
LEU N   CA   sing N N 171 
LEU N   H    sing N N 172 
LEU N   H2   sing N N 173 
LEU CA  C    sing N N 174 
LEU CA  CB   sing N N 175 
LEU CA  HA   sing N N 176 
LEU C   O    doub N N 177 
LEU C   OXT  sing N N 178 
LEU CB  CG   sing N N 179 
LEU CB  HB2  sing N N 180 
LEU CB  HB3  sing N N 181 
LEU CG  CD1  sing N N 182 
LEU CG  CD2  sing N N 183 
LEU CG  HG   sing N N 184 
LEU CD1 HD11 sing N N 185 
LEU CD1 HD12 sing N N 186 
LEU CD1 HD13 sing N N 187 
LEU CD2 HD21 sing N N 188 
LEU CD2 HD22 sing N N 189 
LEU CD2 HD23 sing N N 190 
LEU OXT HXT  sing N N 191 
LYS N   CA   sing N N 192 
LYS N   H    sing N N 193 
LYS N   H2   sing N N 194 
LYS CA  C    sing N N 195 
LYS CA  CB   sing N N 196 
LYS CA  HA   sing N N 197 
LYS C   O    doub N N 198 
LYS C   OXT  sing N N 199 
LYS CB  CG   sing N N 200 
LYS CB  HB2  sing N N 201 
LYS CB  HB3  sing N N 202 
LYS CG  CD   sing N N 203 
LYS CG  HG2  sing N N 204 
LYS CG  HG3  sing N N 205 
LYS CD  CE   sing N N 206 
LYS CD  HD2  sing N N 207 
LYS CD  HD3  sing N N 208 
LYS CE  NZ   sing N N 209 
LYS CE  HE2  sing N N 210 
LYS CE  HE3  sing N N 211 
LYS NZ  HZ1  sing N N 212 
LYS NZ  HZ2  sing N N 213 
LYS NZ  HZ3  sing N N 214 
LYS OXT HXT  sing N N 215 
MET N   CA   sing N N 216 
MET N   H    sing N N 217 
MET N   H2   sing N N 218 
MET CA  C    sing N N 219 
MET CA  CB   sing N N 220 
MET CA  HA   sing N N 221 
MET C   O    doub N N 222 
MET C   OXT  sing N N 223 
MET CB  CG   sing N N 224 
MET CB  HB2  sing N N 225 
MET CB  HB3  sing N N 226 
MET CG  SD   sing N N 227 
MET CG  HG2  sing N N 228 
MET CG  HG3  sing N N 229 
MET SD  CE   sing N N 230 
MET CE  HE1  sing N N 231 
MET CE  HE2  sing N N 232 
MET CE  HE3  sing N N 233 
MET OXT HXT  sing N N 234 
PHE N   CA   sing N N 235 
PHE N   H    sing N N 236 
PHE N   H2   sing N N 237 
PHE CA  C    sing N N 238 
PHE CA  CB   sing N N 239 
PHE CA  HA   sing N N 240 
PHE C   O    doub N N 241 
PHE C   OXT  sing N N 242 
PHE CB  CG   sing N N 243 
PHE CB  HB2  sing N N 244 
PHE CB  HB3  sing N N 245 
PHE CG  CD1  doub Y N 246 
PHE CG  CD2  sing Y N 247 
PHE CD1 CE1  sing Y N 248 
PHE CD1 HD1  sing N N 249 
PHE CD2 CE2  doub Y N 250 
PHE CD2 HD2  sing N N 251 
PHE CE1 CZ   doub Y N 252 
PHE CE1 HE1  sing N N 253 
PHE CE2 CZ   sing Y N 254 
PHE CE2 HE2  sing N N 255 
PHE CZ  HZ   sing N N 256 
PHE OXT HXT  sing N N 257 
PRO N   CA   sing N N 258 
PRO N   CD   sing N N 259 
PRO N   H    sing N N 260 
PRO CA  C    sing N N 261 
PRO CA  CB   sing N N 262 
PRO CA  HA   sing N N 263 
PRO C   O    doub N N 264 
PRO C   OXT  sing N N 265 
PRO CB  CG   sing N N 266 
PRO CB  HB2  sing N N 267 
PRO CB  HB3  sing N N 268 
PRO CG  CD   sing N N 269 
PRO CG  HG2  sing N N 270 
PRO CG  HG3  sing N N 271 
PRO CD  HD2  sing N N 272 
PRO CD  HD3  sing N N 273 
PRO OXT HXT  sing N N 274 
SER N   CA   sing N N 275 
SER N   H    sing N N 276 
SER N   H2   sing N N 277 
SER CA  C    sing N N 278 
SER CA  CB   sing N N 279 
SER CA  HA   sing N N 280 
SER C   O    doub N N 281 
SER C   OXT  sing N N 282 
SER CB  OG   sing N N 283 
SER CB  HB2  sing N N 284 
SER CB  HB3  sing N N 285 
SER OG  HG   sing N N 286 
SER OXT HXT  sing N N 287 
THR N   CA   sing N N 288 
THR N   H    sing N N 289 
THR N   H2   sing N N 290 
THR CA  C    sing N N 291 
THR CA  CB   sing N N 292 
THR CA  HA   sing N N 293 
THR C   O    doub N N 294 
THR C   OXT  sing N N 295 
THR CB  OG1  sing N N 296 
THR CB  CG2  sing N N 297 
THR CB  HB   sing N N 298 
THR OG1 HG1  sing N N 299 
THR CG2 HG21 sing N N 300 
THR CG2 HG22 sing N N 301 
THR CG2 HG23 sing N N 302 
THR OXT HXT  sing N N 303 
TRP N   CA   sing N N 304 
TRP N   H    sing N N 305 
TRP N   H2   sing N N 306 
TRP CA  C    sing N N 307 
TRP CA  CB   sing N N 308 
TRP CA  HA   sing N N 309 
TRP C   O    doub N N 310 
TRP C   OXT  sing N N 311 
TRP CB  CG   sing N N 312 
TRP CB  HB2  sing N N 313 
TRP CB  HB3  sing N N 314 
TRP CG  CD1  doub Y N 315 
TRP CG  CD2  sing Y N 316 
TRP CD1 NE1  sing Y N 317 
TRP CD1 HD1  sing N N 318 
TRP CD2 CE2  doub Y N 319 
TRP CD2 CE3  sing Y N 320 
TRP NE1 CE2  sing Y N 321 
TRP NE1 HE1  sing N N 322 
TRP CE2 CZ2  sing Y N 323 
TRP CE3 CZ3  doub Y N 324 
TRP CE3 HE3  sing N N 325 
TRP CZ2 CH2  doub Y N 326 
TRP CZ2 HZ2  sing N N 327 
TRP CZ3 CH2  sing Y N 328 
TRP CZ3 HZ3  sing N N 329 
TRP CH2 HH2  sing N N 330 
TRP OXT HXT  sing N N 331 
TYR N   CA   sing N N 332 
TYR N   H    sing N N 333 
TYR N   H2   sing N N 334 
TYR CA  C    sing N N 335 
TYR CA  CB   sing N N 336 
TYR CA  HA   sing N N 337 
TYR C   O    doub N N 338 
TYR C   OXT  sing N N 339 
TYR CB  CG   sing N N 340 
TYR CB  HB2  sing N N 341 
TYR CB  HB3  sing N N 342 
TYR CG  CD1  doub Y N 343 
TYR CG  CD2  sing Y N 344 
TYR CD1 CE1  sing Y N 345 
TYR CD1 HD1  sing N N 346 
TYR CD2 CE2  doub Y N 347 
TYR CD2 HD2  sing N N 348 
TYR CE1 CZ   doub Y N 349 
TYR CE1 HE1  sing N N 350 
TYR CE2 CZ   sing Y N 351 
TYR CE2 HE2  sing N N 352 
TYR CZ  OH   sing N N 353 
TYR OH  HH   sing N N 354 
TYR OXT HXT  sing N N 355 
VAL N   CA   sing N N 356 
VAL N   H    sing N N 357 
VAL N   H2   sing N N 358 
VAL CA  C    sing N N 359 
VAL CA  CB   sing N N 360 
VAL CA  HA   sing N N 361 
VAL C   O    doub N N 362 
VAL C   OXT  sing N N 363 
VAL CB  CG1  sing N N 364 
VAL CB  CG2  sing N N 365 
VAL CB  HB   sing N N 366 
VAL CG1 HG11 sing N N 367 
VAL CG1 HG12 sing N N 368 
VAL CG1 HG13 sing N N 369 
VAL CG2 HG21 sing N N 370 
VAL CG2 HG22 sing N N 371 
VAL CG2 HG23 sing N N 372 
VAL OXT HXT  sing N N 373 
# 
_atom_sites.entry_id                    1BOL 
_atom_sites.fract_transf_matrix[1][1]   0.00447425 
_atom_sites.fract_transf_matrix[1][2]   -0.00792878 
_atom_sites.fract_transf_matrix[1][3]   -0.01163177 
_atom_sites.fract_transf_matrix[2][1]   0.01019882 
_atom_sites.fract_transf_matrix[2][2]   -0.00536452 
_atom_sites.fract_transf_matrix[2][3]   0.00757977 
_atom_sites.fract_transf_matrix[3][1]   -0.01357209 
_atom_sites.fract_transf_matrix[3][2]   -0.01690114 
_atom_sites.fract_transf_matrix[3][3]   0.00630003 
_atom_sites.fract_transf_vector[1]      0.512300 
_atom_sites.fract_transf_vector[2]      0.408951 
_atom_sites.fract_transf_vector[3]      0.035202 
# 
loop_
_atom_type.symbol 
C 
N 
O 
S 
# 
loop_
_atom_site.group_PDB 
_atom_site.id 
_atom_site.type_symbol 
_atom_site.label_atom_id 
_atom_site.label_alt_id 
_atom_site.label_comp_id 
_atom_site.label_asym_id 
_atom_site.label_entity_id 
_atom_site.label_seq_id 
_atom_site.pdbx_PDB_ins_code 
_atom_site.Cartn_x 
_atom_site.Cartn_y 
_atom_site.Cartn_z 
_atom_site.occupancy 
_atom_site.B_iso_or_equiv 
_atom_site.pdbx_formal_charge 
_atom_site.auth_seq_id 
_atom_site.auth_comp_id 
_atom_site.auth_asym_id 
_atom_site.auth_atom_id 
_atom_site.pdbx_PDB_model_num 
ATOM 1    N N   . SER A 1 1   ? -5.923  -19.855 21.733  1.00 67.28 ? 1   SER A N   1 
ATOM 2    C CA  . SER A 1 1   ? -6.953  -18.918 21.347  1.00 67.31 ? 1   SER A CA  1 
ATOM 3    C C   . SER A 1 1   ? -6.697  -17.387 21.370  1.00 66.72 ? 1   SER A C   1 
ATOM 4    O O   . SER A 1 1   ? -6.919  -16.835 22.461  1.00 66.78 ? 1   SER A O   1 
ATOM 5    C CB  . SER A 1 1   ? -8.190  -19.249 22.203  1.00 67.74 ? 1   SER A CB  1 
ATOM 6    O OG  . SER A 1 1   ? -8.839  -20.474 21.865  1.00 69.07 ? 1   SER A OG  1 
ATOM 7    N N   . SER A 1 2   ? -6.260  -16.663 20.285  1.00 64.37 ? 2   SER A N   1 
ATOM 8    C CA  . SER A 1 2   ? -6.047  -15.170 20.174  1.00 61.53 ? 2   SER A CA  1 
ATOM 9    C C   . SER A 1 2   ? -4.743  -14.668 19.528  1.00 58.29 ? 2   SER A C   1 
ATOM 10   O O   . SER A 1 2   ? -3.726  -15.370 19.453  1.00 58.32 ? 2   SER A O   1 
ATOM 11   C CB  . SER A 1 2   ? -6.080  -14.346 21.560  1.00 61.62 ? 2   SER A CB  1 
ATOM 12   O OG  . SER A 1 2   ? -6.231  -12.910 21.571  1.00 61.04 ? 2   SER A OG  1 
ATOM 13   N N   . CYS A 1 3   ? -4.826  -13.409 19.048  1.00 53.58 ? 3   CYS A N   1 
ATOM 14   C CA  . CYS A 1 3   ? -3.721  -12.653 18.478  1.00 48.21 ? 3   CYS A CA  1 
ATOM 15   C C   . CYS A 1 3   ? -4.014  -11.347 19.208  1.00 47.33 ? 3   CYS A C   1 
ATOM 16   O O   . CYS A 1 3   ? -5.003  -10.638 19.017  1.00 47.19 ? 3   CYS A O   1 
ATOM 17   C CB  . CYS A 1 3   ? -3.796  -12.425 16.962  1.00 44.03 ? 3   CYS A CB  1 
ATOM 18   S SG  . CYS A 1 3   ? -2.430  -13.158 15.992  1.00 38.59 ? 3   CYS A SG  1 
ATOM 19   N N   . SER A 1 4   ? -3.105  -11.131 20.131  1.00 46.34 ? 4   SER A N   1 
ATOM 20   C CA  . SER A 1 4   ? -3.031  -10.005 21.040  1.00 45.17 ? 4   SER A CA  1 
ATOM 21   C C   . SER A 1 4   ? -3.262  -8.619  20.424  1.00 42.95 ? 4   SER A C   1 
ATOM 22   O O   . SER A 1 4   ? -2.315  -7.902  20.106  1.00 41.81 ? 4   SER A O   1 
ATOM 23   C CB  . SER A 1 4   ? -1.631  -10.186 21.703  1.00 47.56 ? 4   SER A CB  1 
ATOM 24   O OG  . SER A 1 4   ? -1.237  -11.583 21.899  1.00 48.23 ? 4   SER A OG  1 
ATOM 25   N N   . SER A 1 5   ? -4.524  -8.203  20.256  1.00 41.75 ? 5   SER A N   1 
ATOM 26   C CA  . SER A 1 5   ? -4.895  -6.914  19.657  1.00 40.31 ? 5   SER A CA  1 
ATOM 27   C C   . SER A 1 5   ? -4.547  -5.540  20.252  1.00 38.59 ? 5   SER A C   1 
ATOM 28   O O   . SER A 1 5   ? -4.899  -4.575  19.579  1.00 38.25 ? 5   SER A O   1 
ATOM 29   C CB  . SER A 1 5   ? -6.408  -6.919  19.371  1.00 39.60 ? 5   SER A CB  1 
ATOM 30   O OG  . SER A 1 5   ? -6.614  -6.417  18.049  1.00 38.95 ? 5   SER A OG  1 
ATOM 31   N N   . THR A 1 6   ? -3.952  -5.258  21.411  1.00 37.12 ? 6   THR A N   1 
ATOM 32   C CA  . THR A 1 6   ? -3.616  -3.850  21.677  1.00 37.16 ? 6   THR A CA  1 
ATOM 33   C C   . THR A 1 6   ? -2.170  -3.597  21.233  1.00 36.30 ? 6   THR A C   1 
ATOM 34   O O   . THR A 1 6   ? -1.691  -2.464  21.213  1.00 38.47 ? 6   THR A O   1 
ATOM 35   C CB  . THR A 1 6   ? -3.648  -3.397  23.162  1.00 37.33 ? 6   THR A CB  1 
ATOM 36   O OG1 . THR A 1 6   ? -2.731  -4.223  23.962  1.00 36.62 ? 6   THR A OG1 1 
ATOM 37   C CG2 . THR A 1 6   ? -5.101  -3.292  23.550  1.00 37.09 ? 6   THR A CG2 1 
ATOM 38   N N   . ALA A 1 7   ? -1.484  -4.685  20.891  1.00 34.52 ? 7   ALA A N   1 
ATOM 39   C CA  . ALA A 1 7   ? -0.114  -4.728  20.477  1.00 32.35 ? 7   ALA A CA  1 
ATOM 40   C C   . ALA A 1 7   ? 0.037   -3.763  19.345  1.00 31.09 ? 7   ALA A C   1 
ATOM 41   O O   . ALA A 1 7   ? -0.699  -3.812  18.365  1.00 32.02 ? 7   ALA A O   1 
ATOM 42   C CB  . ALA A 1 7   ? 0.260   -6.107  19.951  1.00 34.48 ? 7   ALA A CB  1 
ATOM 43   N N   . LEU A 1 8   ? 0.985   -2.885  19.452  1.00 29.37 ? 8   LEU A N   1 
ATOM 44   C CA  . LEU A 1 8   ? 1.154   -1.978  18.379  1.00 27.74 ? 8   LEU A CA  1 
ATOM 45   C C   . LEU A 1 8   ? 2.575   -2.190  17.933  1.00 24.54 ? 8   LEU A C   1 
ATOM 46   O O   . LEU A 1 8   ? 3.480   -2.327  18.751  1.00 24.71 ? 8   LEU A O   1 
ATOM 47   C CB  . LEU A 1 8   ? 0.909   -0.550  18.859  1.00 28.98 ? 8   LEU A CB  1 
ATOM 48   C CG  . LEU A 1 8   ? 0.898   0.489   17.745  1.00 29.65 ? 8   LEU A CG  1 
ATOM 49   C CD1 . LEU A 1 8   ? -0.539  0.890   17.432  1.00 29.64 ? 8   LEU A CD1 1 
ATOM 50   C CD2 . LEU A 1 8   ? 1.801   1.644   18.148  1.00 30.29 ? 8   LEU A CD2 1 
ATOM 51   N N   . SER A 1 9   ? 2.788   -2.268  16.640  1.00 22.19 ? 9   SER A N   1 
ATOM 52   C CA  . SER A 1 9   ? 4.103   -2.428  16.102  1.00 22.84 ? 9   SER A CA  1 
ATOM 53   C C   . SER A 1 9   ? 4.839   -1.127  16.413  1.00 23.22 ? 9   SER A C   1 
ATOM 54   O O   . SER A 1 9   ? 4.247   -0.056  16.547  1.00 22.53 ? 9   SER A O   1 
ATOM 55   C CB  . SER A 1 9   ? 4.024   -2.679  14.576  1.00 22.49 ? 9   SER A CB  1 
ATOM 56   O OG  . SER A 1 9   ? 3.477   -1.568  13.856  1.00 23.70 ? 9   SER A OG  1 
ATOM 57   N N   . CYS A 1 10  ? 6.147   -1.256  16.520  1.00 23.73 ? 10  CYS A N   1 
ATOM 58   C CA  . CYS A 1 10  ? 7.016   -0.154  16.801  1.00 25.96 ? 10  CYS A CA  1 
ATOM 59   C C   . CYS A 1 10  ? 6.675   0.494   18.128  1.00 29.80 ? 10  CYS A C   1 
ATOM 60   O O   . CYS A 1 10  ? 6.553   1.715   18.221  1.00 32.72 ? 10  CYS A O   1 
ATOM 61   C CB  . CYS A 1 10  ? 6.942   0.884   15.688  1.00 22.94 ? 10  CYS A CB  1 
ATOM 62   S SG  . CYS A 1 10  ? 7.330   0.207   14.066  1.00 19.85 ? 10  CYS A SG  1 
ATOM 63   N N   . SER A 1 11  ? 6.491   -0.282  19.187  1.00 32.18 ? 11  SER A N   1 
ATOM 64   C CA  . SER A 1 11  ? 6.201   0.321   20.467  1.00 35.54 ? 11  SER A CA  1 
ATOM 65   C C   . SER A 1 11  ? 6.551   -0.742  21.461  1.00 39.03 ? 11  SER A C   1 
ATOM 66   O O   . SER A 1 11  ? 6.722   -1.911  21.113  1.00 40.74 ? 11  SER A O   1 
ATOM 67   C CB  . SER A 1 11  ? 4.731   0.668   20.636  1.00 34.18 ? 11  SER A CB  1 
ATOM 68   O OG  . SER A 1 11  ? 3.932   -0.463  21.008  1.00 33.76 ? 11  SER A OG  1 
ATOM 69   N N   . ASN A 1 12  ? 6.567   -0.324  22.717  1.00 43.67 ? 12  ASN A N   1 
ATOM 70   C CA  . ASN A 1 12  ? 6.873   -1.179  23.863  1.00 47.83 ? 12  ASN A CA  1 
ATOM 71   C C   . ASN A 1 12  ? 5.881   -2.336  24.094  1.00 47.51 ? 12  ASN A C   1 
ATOM 72   O O   . ASN A 1 12  ? 6.040   -3.133  25.020  1.00 47.60 ? 12  ASN A O   1 
ATOM 73   C CB  . ASN A 1 12  ? 6.929   -0.285  25.122  1.00 52.03 ? 12  ASN A CB  1 
ATOM 74   C CG  . ASN A 1 12  ? 7.903   0.904   25.055  1.00 55.67 ? 12  ASN A CG  1 
ATOM 75   O OD1 . ASN A 1 12  ? 9.073   0.784   24.673  1.00 57.35 ? 12  ASN A OD1 1 
ATOM 76   N ND2 . ASN A 1 12  ? 7.451   2.114   25.386  1.00 57.00 ? 12  ASN A ND2 1 
ATOM 77   N N   . SER A 1 13  ? 4.843   -2.447  23.260  1.00 46.76 ? 13  SER A N   1 
ATOM 78   C CA  . SER A 1 13  ? 3.817   -3.460  23.366  1.00 45.54 ? 13  SER A CA  1 
ATOM 79   C C   . SER A 1 13  ? 3.687   -4.428  22.194  1.00 44.79 ? 13  SER A C   1 
ATOM 80   O O   . SER A 1 13  ? 2.680   -5.137  22.068  1.00 44.46 ? 13  SER A O   1 
ATOM 81   C CB  . SER A 1 13  ? 2.477   -2.705  23.634  1.00 45.35 ? 13  SER A CB  1 
ATOM 82   O OG  . SER A 1 13  ? 2.369   -1.342  23.180  1.00 45.61 ? 13  SER A OG  1 
ATOM 83   N N   . ALA A 1 14  ? 4.665   -4.502  21.299  1.00 43.95 ? 14  ALA A N   1 
ATOM 84   C CA  . ALA A 1 14  ? 4.567   -5.416  20.166  1.00 42.36 ? 14  ALA A CA  1 
ATOM 85   C C   . ALA A 1 14  ? 4.853   -6.842  20.671  1.00 41.37 ? 14  ALA A C   1 
ATOM 86   O O   . ALA A 1 14  ? 5.910   -7.072  21.289  1.00 42.21 ? 14  ALA A O   1 
ATOM 87   C CB  . ALA A 1 14  ? 5.596   -4.977  19.130  1.00 41.69 ? 14  ALA A CB  1 
ATOM 88   N N   . ASN A 1 15  ? 3.983   -7.844  20.485  1.00 39.64 ? 15  ASN A N   1 
ATOM 89   C CA  . ASN A 1 15  ? 4.323   -9.165  20.987  1.00 36.82 ? 15  ASN A CA  1 
ATOM 90   C C   . ASN A 1 15  ? 5.260   -9.837  19.999  1.00 33.89 ? 15  ASN A C   1 
ATOM 91   O O   . ASN A 1 15  ? 5.140   -9.722  18.778  1.00 32.51 ? 15  ASN A O   1 
ATOM 92   C CB  . ASN A 1 15  ? 3.064   -10.036 21.239  1.00 39.58 ? 15  ASN A CB  1 
ATOM 93   C CG  . ASN A 1 15  ? 2.217   -10.549 20.078  1.00 41.35 ? 15  ASN A CG  1 
ATOM 94   O OD1 . ASN A 1 15  ? 1.449   -9.826  19.428  1.00 42.15 ? 15  ASN A OD1 1 
ATOM 95   N ND2 . ASN A 1 15  ? 2.289   -11.866 19.879  1.00 41.94 ? 15  ASN A ND2 1 
ATOM 96   N N   . SER A 1 16  ? 6.236   -10.556 20.563  1.00 29.54 ? 16  SER A N   1 
ATOM 97   C CA  . SER A 1 16  ? 7.284   -11.248 19.815  1.00 27.24 ? 16  SER A CA  1 
ATOM 98   C C   . SER A 1 16  ? 6.888   -12.328 18.846  1.00 23.71 ? 16  SER A C   1 
ATOM 99   O O   . SER A 1 16  ? 7.746   -12.869 18.163  1.00 23.00 ? 16  SER A O   1 
ATOM 100  C CB  . SER A 1 16  ? 8.311   -11.864 20.784  1.00 28.58 ? 16  SER A CB  1 
ATOM 101  O OG  . SER A 1 16  ? 7.950   -11.573 22.130  1.00 31.41 ? 16  SER A OG  1 
ATOM 102  N N   . ASP A 1 17  ? 5.605   -12.652 18.791  1.00 21.26 ? 17  ASP A N   1 
ATOM 103  C CA  . ASP A 1 17  ? 5.110   -13.665 17.909  1.00 18.99 ? 17  ASP A CA  1 
ATOM 104  C C   . ASP A 1 17  ? 4.963   -12.884 16.605  1.00 17.24 ? 17  ASP A C   1 
ATOM 105  O O   . ASP A 1 17  ? 4.054   -12.079 16.443  1.00 16.05 ? 17  ASP A O   1 
ATOM 106  C CB  . ASP A 1 17  ? 3.775   -14.149 18.480  1.00 18.73 ? 17  ASP A CB  1 
ATOM 107  C CG  . ASP A 1 17  ? 3.023   -15.153 17.620  1.00 20.53 ? 17  ASP A CG  1 
ATOM 108  O OD1 . ASP A 1 17  ? 3.581   -15.666 16.627  1.00 19.16 ? 17  ASP A OD1 1 
ATOM 109  O OD2 . ASP A 1 17  ? 1.851   -15.361 17.939  1.00 18.96 ? 17  ASP A OD2 1 
ATOM 110  N N   . THR A 1 18  ? 5.847   -13.084 15.646  1.00 16.02 ? 18  THR A N   1 
ATOM 111  C CA  . THR A 1 18  ? 5.772   -12.374 14.404  1.00 17.39 ? 18  THR A CA  1 
ATOM 112  C C   . THR A 1 18  ? 4.541   -12.779 13.582  1.00 18.17 ? 18  THR A C   1 
ATOM 113  O O   . THR A 1 18  ? 4.302   -12.254 12.509  1.00 20.41 ? 18  THR A O   1 
ATOM 114  C CB  . THR A 1 18  ? 7.124   -12.579 13.657  1.00 17.24 ? 18  THR A CB  1 
ATOM 115  O OG1 . THR A 1 18  ? 7.448   -13.957 13.701  1.00 19.36 ? 18  THR A OG1 1 
ATOM 116  C CG2 . THR A 1 18  ? 8.279   -11.815 14.292  1.00 16.16 ? 18  THR A CG2 1 
ATOM 117  N N   . CYS A 1 19  ? 3.714   -13.716 14.027  1.00 20.27 ? 19  CYS A N   1 
ATOM 118  C CA  . CYS A 1 19  ? 2.490   -14.089 13.363  1.00 20.24 ? 19  CYS A CA  1 
ATOM 119  C C   . CYS A 1 19  ? 1.383   -13.177 13.906  1.00 21.83 ? 19  CYS A C   1 
ATOM 120  O O   . CYS A 1 19  ? 0.294   -13.090 13.338  1.00 23.85 ? 19  CYS A O   1 
ATOM 121  C CB  . CYS A 1 19  ? 2.104   -15.523 13.658  1.00 19.93 ? 19  CYS A CB  1 
ATOM 122  S SG  . CYS A 1 19  ? 2.978   -16.790 12.700  1.00 18.15 ? 19  CYS A SG  1 
ATOM 123  N N   . CYS A 1 20  ? 1.586   -12.461 14.997  1.00 22.54 ? 20  CYS A N   1 
ATOM 124  C CA  . CYS A 1 20  ? 0.582   -11.607 15.575  1.00 24.33 ? 20  CYS A CA  1 
ATOM 125  C C   . CYS A 1 20  ? 1.007   -10.146 15.624  1.00 24.83 ? 20  CYS A C   1 
ATOM 126  O O   . CYS A 1 20  ? 0.232   -9.298  16.052  1.00 24.65 ? 20  CYS A O   1 
ATOM 127  C CB  . CYS A 1 20  ? 0.266   -12.102 16.980  1.00 28.94 ? 20  CYS A CB  1 
ATOM 128  S SG  . CYS A 1 20  ? -0.761  -13.605 17.055  1.00 33.54 ? 20  CYS A SG  1 
ATOM 129  N N   . SER A 1 21  ? 2.233   -9.830  15.206  1.00 22.72 ? 21  SER A N   1 
ATOM 130  C CA  . SER A 1 21  ? 2.720   -8.459  15.161  1.00 21.84 ? 21  SER A CA  1 
ATOM 131  C C   . SER A 1 21  ? 3.745   -8.553  14.044  1.00 20.69 ? 21  SER A C   1 
ATOM 132  O O   . SER A 1 21  ? 4.654   -9.384  14.132  1.00 20.74 ? 21  SER A O   1 
ATOM 133  C CB  . SER A 1 21  ? 3.429   -8.038  16.459  1.00 20.86 ? 21  SER A CB  1 
ATOM 134  O OG  . SER A 1 21  ? 3.673   -6.635  16.611  1.00 20.78 ? 21  SER A OG  1 
ATOM 135  N N   . PRO A 1 22  ? 3.652   -7.768  12.974  1.00 18.71 ? 22  PRO A N   1 
ATOM 136  C CA  . PRO A 1 22  ? 4.606   -7.724  11.895  1.00 18.05 ? 22  PRO A CA  1 
ATOM 137  C C   . PRO A 1 22  ? 5.999   -7.390  12.337  1.00 19.45 ? 22  PRO A C   1 
ATOM 138  O O   . PRO A 1 22  ? 6.220   -6.502  13.173  1.00 21.45 ? 22  PRO A O   1 
ATOM 139  C CB  . PRO A 1 22  ? 4.064   -6.716  10.955  1.00 19.07 ? 22  PRO A CB  1 
ATOM 140  C CG  . PRO A 1 22  ? 3.258   -5.830  11.847  1.00 19.41 ? 22  PRO A CG  1 
ATOM 141  C CD  . PRO A 1 22  ? 2.554   -6.847  12.720  1.00 19.61 ? 22  PRO A CD  1 
ATOM 142  N N   . GLU A 1 23  ? 6.911   -8.126  11.714  1.00 19.51 ? 23  GLU A N   1 
ATOM 143  C CA  . GLU A 1 23  ? 8.324   -8.009  11.966  1.00 19.36 ? 23  GLU A CA  1 
ATOM 144  C C   . GLU A 1 23  ? 8.744   -6.686  11.360  1.00 18.86 ? 23  GLU A C   1 
ATOM 145  O O   . GLU A 1 23  ? 9.533   -5.964  11.966  1.00 19.77 ? 23  GLU A O   1 
ATOM 146  C CB  . GLU A 1 23  ? 8.945   -9.213  11.323  1.00 22.24 ? 23  GLU A CB  1 
ATOM 147  C CG  . GLU A 1 23  ? 10.439  -9.359  11.477  1.00 27.97 ? 23  GLU A CG  1 
ATOM 148  C CD  . GLU A 1 23  ? 11.058  -10.584 10.789  1.00 32.21 ? 23  GLU A CD  1 
ATOM 149  O OE1 . GLU A 1 23  ? 10.473  -11.209 9.881   1.00 35.33 ? 23  GLU A OE1 1 
ATOM 150  O OE2 . GLU A 1 23  ? 12.185  -10.907 11.156  1.00 36.03 ? 23  GLU A OE2 1 
ATOM 151  N N   . TYR A 1 24  ? 8.260   -6.280  10.170  1.00 17.55 ? 24  TYR A N   1 
ATOM 152  C CA  . TYR A 1 24  ? 8.607   -4.991  9.598   1.00 15.59 ? 24  TYR A CA  1 
ATOM 153  C C   . TYR A 1 24  ? 7.377   -4.198  9.985   1.00 16.08 ? 24  TYR A C   1 
ATOM 154  O O   . TYR A 1 24  ? 6.351   -4.194  9.305   1.00 17.11 ? 24  TYR A O   1 
ATOM 155  C CB  . TYR A 1 24  ? 8.804   -5.198  8.097   1.00 15.21 ? 24  TYR A CB  1 
ATOM 156  C CG  . TYR A 1 24  ? 10.096  -5.962  7.874   1.00 15.87 ? 24  TYR A CG  1 
ATOM 157  C CD1 . TYR A 1 24  ? 11.253  -5.231  7.741   1.00 16.18 ? 24  TYR A CD1 1 
ATOM 158  C CD2 . TYR A 1 24  ? 10.155  -7.363  7.804   1.00 14.96 ? 24  TYR A CD2 1 
ATOM 159  C CE1 . TYR A 1 24  ? 12.455  -5.886  7.572   1.00 17.15 ? 24  TYR A CE1 1 
ATOM 160  C CE2 . TYR A 1 24  ? 11.371  -8.016  7.629   1.00 14.76 ? 24  TYR A CE2 1 
ATOM 161  C CZ  . TYR A 1 24  ? 12.518  -7.262  7.483   1.00 15.86 ? 24  TYR A CZ  1 
ATOM 162  O OH  . TYR A 1 24  ? 13.740  -7.800  7.122   1.00 17.55 ? 24  TYR A OH  1 
ATOM 163  N N   . GLY A 1 25  ? 7.508   -3.564  11.151  1.00 15.29 ? 25  GLY A N   1 
ATOM 164  C CA  . GLY A 1 25  ? 6.483   -2.793  11.835  1.00 15.84 ? 25  GLY A CA  1 
ATOM 165  C C   . GLY A 1 25  ? 5.945   -1.485  11.303  1.00 15.74 ? 25  GLY A C   1 
ATOM 166  O O   . GLY A 1 25  ? 4.906   -1.059  11.781  1.00 15.48 ? 25  GLY A O   1 
ATOM 167  N N   . LEU A 1 26  ? 6.608   -0.849  10.351  1.00 14.51 ? 26  LEU A N   1 
ATOM 168  C CA  . LEU A 1 26  ? 6.208   0.417   9.744   1.00 15.16 ? 26  LEU A CA  1 
ATOM 169  C C   . LEU A 1 26  ? 5.809   0.038   8.305   1.00 15.04 ? 26  LEU A C   1 
ATOM 170  O O   . LEU A 1 26  ? 6.673   -0.512  7.613   1.00 15.23 ? 26  LEU A O   1 
ATOM 171  C CB  . LEU A 1 26  ? 7.413   1.325   9.786   1.00 12.39 ? 26  LEU A CB  1 
ATOM 172  C CG  . LEU A 1 26  ? 7.318   2.642   9.114   1.00 12.39 ? 26  LEU A CG  1 
ATOM 173  C CD1 . LEU A 1 26  ? 6.343   3.541   9.850   1.00 14.09 ? 26  LEU A CD1 1 
ATOM 174  C CD2 . LEU A 1 26  ? 8.687   3.263   9.096   1.00 13.96 ? 26  LEU A CD2 1 
ATOM 175  N N   . VAL A 1 27  ? 4.605   0.288   7.777   1.00 13.09 ? 27  VAL A N   1 
ATOM 176  C CA  . VAL A 1 27  ? 4.212   -0.131  6.424   1.00 14.43 ? 27  VAL A CA  1 
ATOM 177  C C   . VAL A 1 27  ? 3.812   1.090   5.599   1.00 15.70 ? 27  VAL A C   1 
ATOM 178  O O   . VAL A 1 27  ? 3.097   1.953   6.149   1.00 15.32 ? 27  VAL A O   1 
ATOM 179  C CB  . VAL A 1 27  ? 2.977   -1.115  6.441   1.00 11.91 ? 27  VAL A CB  1 
ATOM 180  C CG1 . VAL A 1 27  ? 2.861   -1.962  5.197   1.00 8.36  ? 27  VAL A CG1 1 
ATOM 181  C CG2 . VAL A 1 27  ? 3.115   -2.042  7.582   1.00 12.19 ? 27  VAL A CG2 1 
ATOM 182  N N   . VAL A 1 28  ? 4.209   1.260   4.328   1.00 15.43 ? 28  VAL A N   1 
ATOM 183  C CA  . VAL A 1 28  ? 3.726   2.433   3.594   1.00 14.45 ? 28  VAL A CA  1 
ATOM 184  C C   . VAL A 1 28  ? 2.863   1.936   2.446   1.00 15.46 ? 28  VAL A C   1 
ATOM 185  O O   . VAL A 1 28  ? 3.175   0.910   1.796   1.00 13.85 ? 28  VAL A O   1 
ATOM 186  C CB  . VAL A 1 28  ? 4.918   3.392   3.095   1.00 13.80 ? 28  VAL A CB  1 
ATOM 187  C CG1 . VAL A 1 28  ? 6.220   2.836   3.626   1.00 14.96 ? 28  VAL A CG1 1 
ATOM 188  C CG2 . VAL A 1 28  ? 4.997   3.589   1.594   1.00 14.16 ? 28  VAL A CG2 1 
ATOM 189  N N   . LEU A 1 29  ? 1.728   2.643   2.256   1.00 13.95 ? 29  LEU A N   1 
ATOM 190  C CA  . LEU A 1 29  ? 0.778   2.345   1.175   1.00 14.02 ? 29  LEU A CA  1 
ATOM 191  C C   . LEU A 1 29  ? 1.108   3.337   0.061   1.00 12.57 ? 29  LEU A C   1 
ATOM 192  O O   . LEU A 1 29  ? 0.916   4.546   0.254   1.00 13.40 ? 29  LEU A O   1 
ATOM 193  C CB  . LEU A 1 29  ? -0.623  2.527   1.705   1.00 11.84 ? 29  LEU A CB  1 
ATOM 194  C CG  . LEU A 1 29  ? -1.794  2.239   0.796   1.00 12.50 ? 29  LEU A CG  1 
ATOM 195  C CD1 . LEU A 1 29  ? -1.964  0.734   0.585   1.00 14.26 ? 29  LEU A CD1 1 
ATOM 196  C CD2 . LEU A 1 29  ? -3.043  2.838   1.439   1.00 12.35 ? 29  LEU A CD2 1 
ATOM 197  N N   . ASN A 1 30  ? 1.628   2.884   -1.081  1.00 12.80 ? 30  ASN A N   1 
ATOM 198  C CA  . ASN A 1 30  ? 2.006   3.786   -2.178  1.00 15.71 ? 30  ASN A CA  1 
ATOM 199  C C   . ASN A 1 30  ? 0.994   3.713   -3.314  1.00 14.21 ? 30  ASN A C   1 
ATOM 200  O O   . ASN A 1 30  ? 0.853   2.667   -3.962  1.00 11.17 ? 30  ASN A O   1 
ATOM 201  C CB  . ASN A 1 30  ? 3.385   3.430   -2.729  1.00 19.57 ? 30  ASN A CB  1 
ATOM 202  C CG  . ASN A 1 30  ? 3.882   4.493   -3.723  1.00 23.53 ? 30  ASN A CG  1 
ATOM 203  O OD1 . ASN A 1 30  ? 3.484   4.598   -4.903  1.00 25.05 ? 30  ASN A OD1 1 
ATOM 204  N ND2 . ASN A 1 30  ? 4.808   5.333   -3.249  1.00 24.81 ? 30  ASN A ND2 1 
ATOM 205  N N   . MET A 1 31  ? 0.299   4.808   -3.560  1.00 12.21 ? 31  MET A N   1 
ATOM 206  C CA  . MET A 1 31  ? -0.745  4.901   -4.570  1.00 12.57 ? 31  MET A CA  1 
ATOM 207  C C   . MET A 1 31  ? -0.376  5.908   -5.616  1.00 13.55 ? 31  MET A C   1 
ATOM 208  O O   . MET A 1 31  ? 0.257   6.922   -5.304  1.00 14.39 ? 31  MET A O   1 
ATOM 209  C CB  . MET A 1 31  ? -2.022  5.344   -3.951  1.00 11.85 ? 31  MET A CB  1 
ATOM 210  C CG  . MET A 1 31  ? -2.708  4.254   -3.225  1.00 12.51 ? 31  MET A CG  1 
ATOM 211  S SD  . MET A 1 31  ? -3.726  4.688   -1.796  1.00 18.01 ? 31  MET A SD  1 
ATOM 212  C CE  . MET A 1 31  ? -3.329  6.394   -1.558  1.00 15.08 ? 31  MET A CE  1 
ATOM 213  N N   . GLN A 1 32  ? -0.776  5.737   -6.868  1.00 13.64 ? 32  GLN A N   1 
ATOM 214  C CA  . GLN A 1 32  ? -0.362  6.731   -7.849  1.00 12.24 ? 32  GLN A CA  1 
ATOM 215  C C   . GLN A 1 32  ? -1.500  7.237   -8.730  1.00 10.33 ? 32  GLN A C   1 
ATOM 216  O O   . GLN A 1 32  ? -2.586  6.646   -8.764  1.00 10.07 ? 32  GLN A O   1 
ATOM 217  C CB  . GLN A 1 32  ? 0.757   6.094   -8.653  1.00 12.58 ? 32  GLN A CB  1 
ATOM 218  C CG  . GLN A 1 32  ? 0.320   4.910   -9.450  1.00 17.64 ? 32  GLN A CG  1 
ATOM 219  C CD  . GLN A 1 32  ? 1.459   4.075   -10.014 1.00 20.61 ? 32  GLN A CD  1 
ATOM 220  O OE1 . GLN A 1 32  ? 1.321   3.410   -11.041 1.00 22.53 ? 32  GLN A OE1 1 
ATOM 221  N NE2 . GLN A 1 32  ? 2.617   4.005   -9.380  1.00 22.78 ? 32  GLN A NE2 1 
ATOM 222  N N   . TRP A 1 33  ? -1.282  8.349   -9.424  1.00 11.75 ? 33  TRP A N   1 
ATOM 223  C CA  . TRP A 1 33  ? -2.257  8.952   -10.309 1.00 11.52 ? 33  TRP A CA  1 
ATOM 224  C C   . TRP A 1 33  ? -1.547  8.799   -11.657 1.00 13.05 ? 33  TRP A C   1 
ATOM 225  O O   . TRP A 1 33  ? -0.723  9.595   -12.066 1.00 13.65 ? 33  TRP A O   1 
ATOM 226  C CB  . TRP A 1 33  ? -2.530  10.473  -9.966  1.00 9.98  ? 33  TRP A CB  1 
ATOM 227  C CG  . TRP A 1 33  ? -3.761  11.077  -10.743 1.00 11.05 ? 33  TRP A CG  1 
ATOM 228  C CD1 . TRP A 1 33  ? -3.621  11.927  -11.834 1.00 9.87  ? 33  TRP A CD1 1 
ATOM 229  C CD2 . TRP A 1 33  ? -5.118  10.825  -10.497 1.00 9.05  ? 33  TRP A CD2 1 
ATOM 230  N NE1 . TRP A 1 33  ? -4.851  12.187  -12.244 1.00 9.34  ? 33  TRP A NE1 1 
ATOM 231  C CE2 . TRP A 1 33  ? -5.753  11.556  -11.489 1.00 8.21  ? 33  TRP A CE2 1 
ATOM 232  C CE3 . TRP A 1 33  ? -5.869  10.085  -9.583  1.00 8.55  ? 33  TRP A CE3 1 
ATOM 233  C CZ2 . TRP A 1 33  ? -7.121  11.562  -11.581 1.00 6.46  ? 33  TRP A CZ2 1 
ATOM 234  C CZ3 . TRP A 1 33  ? -7.248  10.091  -9.672  1.00 7.86  ? 33  TRP A CZ3 1 
ATOM 235  C CH2 . TRP A 1 33  ? -7.853  10.831  -10.674 1.00 7.03  ? 33  TRP A CH2 1 
ATOM 236  N N   . ALA A 1 34  ? -1.809  7.689   -12.347 1.00 15.04 ? 34  ALA A N   1 
ATOM 237  C CA  . ALA A 1 34  ? -1.250  7.424   -13.671 1.00 15.90 ? 34  ALA A CA  1 
ATOM 238  C C   . ALA A 1 34  ? -2.370  7.681   -14.712 1.00 15.88 ? 34  ALA A C   1 
ATOM 239  O O   . ALA A 1 34  ? -3.253  6.824   -14.833 1.00 16.68 ? 34  ALA A O   1 
ATOM 240  C CB  . ALA A 1 34  ? -0.811  5.958   -13.761 1.00 13.94 ? 34  ALA A CB  1 
ATOM 241  N N   . PRO A 1 35  ? -2.488  8.779   -15.483 1.00 16.92 ? 35  PRO A N   1 
ATOM 242  C CA  . PRO A 1 35  ? -3.470  8.907   -16.583 1.00 16.20 ? 35  PRO A CA  1 
ATOM 243  C C   . PRO A 1 35  ? -3.374  7.757   -17.589 1.00 15.70 ? 35  PRO A C   1 
ATOM 244  O O   . PRO A 1 35  ? -2.314  7.357   -18.066 1.00 15.77 ? 35  PRO A O   1 
ATOM 245  C CB  . PRO A 1 35  ? -3.173  10.233  -17.160 1.00 16.64 ? 35  PRO A CB  1 
ATOM 246  C CG  . PRO A 1 35  ? -2.685  10.980  -15.954 1.00 16.99 ? 35  PRO A CG  1 
ATOM 247  C CD  . PRO A 1 35  ? -1.720  10.004  -15.318 1.00 16.10 ? 35  PRO A CD  1 
ATOM 248  N N   . GLY A 1 36  ? -4.542  7.210   -17.866 1.00 16.69 ? 36  GLY A N   1 
ATOM 249  C CA  . GLY A 1 36  ? -4.733  6.074   -18.734 1.00 14.51 ? 36  GLY A CA  1 
ATOM 250  C C   . GLY A 1 36  ? -4.865  4.784   -17.933 1.00 14.27 ? 36  GLY A C   1 
ATOM 251  O O   . GLY A 1 36  ? -5.158  3.779   -18.565 1.00 14.43 ? 36  GLY A O   1 
ATOM 252  N N   . TYR A 1 37  ? -4.675  4.709   -16.595 1.00 13.46 ? 37  TYR A N   1 
ATOM 253  C CA  . TYR A 1 37  ? -4.775  3.496   -15.796 1.00 12.74 ? 37  TYR A CA  1 
ATOM 254  C C   . TYR A 1 37  ? -5.775  3.682   -14.665 1.00 13.91 ? 37  TYR A C   1 
ATOM 255  O O   . TYR A 1 37  ? -5.683  4.659   -13.902 1.00 13.92 ? 37  TYR A O   1 
ATOM 256  C CB  . TYR A 1 37  ? -3.401  3.184   -15.224 1.00 14.71 ? 37  TYR A CB  1 
ATOM 257  C CG  . TYR A 1 37  ? -2.467  2.930   -16.392 1.00 18.44 ? 37  TYR A CG  1 
ATOM 258  C CD1 . TYR A 1 37  ? -2.518  1.684   -16.996 1.00 19.61 ? 37  TYR A CD1 1 
ATOM 259  C CD2 . TYR A 1 37  ? -1.669  3.925   -16.919 1.00 18.20 ? 37  TYR A CD2 1 
ATOM 260  C CE1 . TYR A 1 37  ? -1.802  1.403   -18.124 1.00 20.07 ? 37  TYR A CE1 1 
ATOM 261  C CE2 . TYR A 1 37  ? -0.951  3.654   -18.062 1.00 20.93 ? 37  TYR A CE2 1 
ATOM 262  C CZ  . TYR A 1 37  ? -1.028  2.398   -18.643 1.00 21.93 ? 37  TYR A CZ  1 
ATOM 263  O OH  . TYR A 1 37  ? -0.313  2.106   -19.787 1.00 26.92 ? 37  TYR A OH  1 
ATOM 264  N N   . GLY A 1 38  ? -6.756  2.769   -14.517 1.00 14.49 ? 38  GLY A N   1 
ATOM 265  C CA  . GLY A 1 38  ? -7.783  2.782   -13.459 1.00 13.92 ? 38  GLY A CA  1 
ATOM 266  C C   . GLY A 1 38  ? -8.917  3.791   -13.604 1.00 13.62 ? 38  GLY A C   1 
ATOM 267  O O   . GLY A 1 38  ? -8.930  4.583   -14.537 1.00 13.90 ? 38  GLY A O   1 
ATOM 268  N N   . PRO A 1 39  ? -9.903  3.830   -12.707 1.00 14.45 ? 39  PRO A N   1 
ATOM 269  C CA  . PRO A 1 39  ? -11.064 4.720   -12.804 1.00 14.83 ? 39  PRO A CA  1 
ATOM 270  C C   . PRO A 1 39  ? -10.666 6.191   -12.741 1.00 18.73 ? 39  PRO A C   1 
ATOM 271  O O   . PRO A 1 39  ? -9.590  6.522   -12.216 1.00 20.02 ? 39  PRO A O   1 
ATOM 272  C CB  . PRO A 1 39  ? -11.969 4.309   -11.659 1.00 15.15 ? 39  PRO A CB  1 
ATOM 273  C CG  . PRO A 1 39  ? -11.456 2.940   -11.227 1.00 12.21 ? 39  PRO A CG  1 
ATOM 274  C CD  . PRO A 1 39  ? -9.963  3.011   -11.508 1.00 14.29 ? 39  PRO A CD  1 
ATOM 275  N N   . ASP A 1 40  ? -11.472 7.116   -13.275 1.00 20.32 ? 40  ASP A N   1 
ATOM 276  C CA  . ASP A 1 40  ? -11.195 8.547   -13.225 1.00 19.76 ? 40  ASP A CA  1 
ATOM 277  C C   . ASP A 1 40  ? -11.217 9.128   -11.850 1.00 15.86 ? 40  ASP A C   1 
ATOM 278  O O   . ASP A 1 40  ? -10.559 10.084  -11.529 1.00 16.34 ? 40  ASP A O   1 
ATOM 279  C CB  . ASP A 1 40  ? -12.219 9.230   -14.101 1.00 25.78 ? 40  ASP A CB  1 
ATOM 280  C CG  . ASP A 1 40  ? -11.844 9.030   -15.565 1.00 29.69 ? 40  ASP A CG  1 
ATOM 281  O OD1 . ASP A 1 40  ? -11.610 7.893   -16.004 1.00 32.02 ? 40  ASP A OD1 1 
ATOM 282  O OD2 . ASP A 1 40  ? -11.747 10.008  -16.319 1.00 34.01 ? 40  ASP A OD2 1 
ATOM 283  N N   . ASN A 1 41  ? -11.978 8.512   -11.005 1.00 15.63 ? 41  ASN A N   1 
ATOM 284  C CA  . ASN A 1 41  ? -12.150 8.909   -9.630  1.00 15.03 ? 41  ASN A CA  1 
ATOM 285  C C   . ASN A 1 41  ? -11.381 8.090   -8.572  1.00 13.63 ? 41  ASN A C   1 
ATOM 286  O O   . ASN A 1 41  ? -11.778 7.910   -7.417  1.00 14.57 ? 41  ASN A O   1 
ATOM 287  C CB  . ASN A 1 41  ? -13.630 8.870   -9.351  1.00 15.73 ? 41  ASN A CB  1 
ATOM 288  C CG  . ASN A 1 41  ? -14.273 7.509   -9.343  1.00 16.11 ? 41  ASN A CG  1 
ATOM 289  O OD1 . ASN A 1 41  ? -13.746 6.457   -9.723  1.00 15.70 ? 41  ASN A OD1 1 
ATOM 290  N ND2 . ASN A 1 41  ? -15.479 7.591   -8.857  1.00 17.29 ? 41  ASN A ND2 1 
ATOM 291  N N   . ALA A 1 42  ? -10.217 7.587   -8.927  1.00 12.94 ? 42  ALA A N   1 
ATOM 292  C CA  . ALA A 1 42  ? -9.419  6.815   -8.018  1.00 11.81 ? 42  ALA A CA  1 
ATOM 293  C C   . ALA A 1 42  ? -7.939  6.719   -8.406  1.00 12.51 ? 42  ALA A C   1 
ATOM 294  O O   . ALA A 1 42  ? -7.513  6.686   -9.581  1.00 13.81 ? 42  ALA A O   1 
ATOM 295  C CB  . ALA A 1 42  ? -10.012 5.388   -7.926  1.00 12.99 ? 42  ALA A CB  1 
ATOM 296  N N   . PHE A 1 43  ? -7.164  6.715   -7.314  1.00 12.34 ? 43  PHE A N   1 
ATOM 297  C CA  . PHE A 1 43  ? -5.713  6.510   -7.326  1.00 11.94 ? 43  PHE A CA  1 
ATOM 298  C C   . PHE A 1 43  ? -5.652  4.975   -7.394  1.00 9.70  ? 43  PHE A C   1 
ATOM 299  O O   . PHE A 1 43  ? -6.543  4.264   -6.886  1.00 10.27 ? 43  PHE A O   1 
ATOM 300  C CB  . PHE A 1 43  ? -5.080  7.030   -6.038  1.00 10.68 ? 43  PHE A CB  1 
ATOM 301  C CG  . PHE A 1 43  ? -4.893  8.537   -6.075  1.00 10.78 ? 43  PHE A CG  1 
ATOM 302  C CD1 . PHE A 1 43  ? -6.000  9.382   -6.082  1.00 11.15 ? 43  PHE A CD1 1 
ATOM 303  C CD2 . PHE A 1 43  ? -3.613  9.072   -6.107  1.00 10.69 ? 43  PHE A CD2 1 
ATOM 304  C CE1 . PHE A 1 43  ? -5.799  10.754  -6.119  1.00 9.53  ? 43  PHE A CE1 1 
ATOM 305  C CE2 . PHE A 1 43  ? -3.428  10.439  -6.142  1.00 10.49 ? 43  PHE A CE2 1 
ATOM 306  C CZ  . PHE A 1 43  ? -4.522  11.285  -6.151  1.00 9.70  ? 43  PHE A CZ  1 
ATOM 307  N N   . THR A 1 44  ? -4.676  4.426   -8.053  1.00 9.66  ? 44  THR A N   1 
ATOM 308  C CA  . THR A 1 44  ? -4.540  3.010   -8.192  1.00 9.61  ? 44  THR A CA  1 
ATOM 309  C C   . THR A 1 44  ? -3.335  2.635   -7.295  1.00 10.33 ? 44  THR A C   1 
ATOM 310  O O   . THR A 1 44  ? -2.589  3.491   -6.797  1.00 10.36 ? 44  THR A O   1 
ATOM 311  C CB  . THR A 1 44  ? -4.366  2.700   -9.751  1.00 9.07  ? 44  THR A CB  1 
ATOM 312  O OG1 . THR A 1 44  ? -3.282  3.472   -10.265 1.00 8.50  ? 44  THR A OG1 1 
ATOM 313  C CG2 . THR A 1 44  ? -5.683  2.960   -10.524 1.00 6.43  ? 44  THR A CG2 1 
ATOM 314  N N   . LEU A 1 45  ? -3.089  1.366   -7.038  1.00 8.62  ? 45  LEU A N   1 
ATOM 315  C CA  . LEU A 1 45  ? -2.023  0.942   -6.172  1.00 9.16  ? 45  LEU A CA  1 
ATOM 316  C C   . LEU A 1 45  ? -0.684  0.740   -6.814  1.00 12.27 ? 45  LEU A C   1 
ATOM 317  O O   . LEU A 1 45  ? -0.599  0.333   -7.955  1.00 12.62 ? 45  LEU A O   1 
ATOM 318  C CB  . LEU A 1 45  ? -2.404  -0.339  -5.559  1.00 7.88  ? 45  LEU A CB  1 
ATOM 319  C CG  . LEU A 1 45  ? -2.244  -0.647  -4.145  1.00 8.52  ? 45  LEU A CG  1 
ATOM 320  C CD1 . LEU A 1 45  ? -2.317  0.480   -3.196  1.00 8.97  ? 45  LEU A CD1 1 
ATOM 321  C CD2 . LEU A 1 45  ? -3.399  -1.583  -3.943  1.00 9.02  ? 45  LEU A CD2 1 
ATOM 322  N N   . HIS A 1 46  ? 0.385   1.066   -6.115  1.00 14.22 ? 46  HIS A N   1 
ATOM 323  C CA  . HIS A 1 46  ? 1.696   0.763   -6.620  1.00 14.70 ? 46  HIS A CA  1 
ATOM 324  C C   . HIS A 1 46  ? 2.062   -0.372  -5.653  1.00 13.66 ? 46  HIS A C   1 
ATOM 325  O O   . HIS A 1 46  ? 2.469   -1.416  -6.119  1.00 13.76 ? 46  HIS A O   1 
ATOM 326  C CB  . HIS A 1 46  ? 2.674   1.888   -6.460  1.00 16.48 ? 46  HIS A CB  1 
ATOM 327  C CG  . HIS A 1 46  ? 4.083   1.528   -6.935  1.00 18.93 ? 46  HIS A CG  1 
ATOM 328  N ND1 . HIS A 1 46  ? 5.103   2.347   -7.007  1.00 22.24 ? 46  HIS A ND1 1 
ATOM 329  C CD2 . HIS A 1 46  ? 4.541   0.298   -7.350  1.00 20.24 ? 46  HIS A CD2 1 
ATOM 330  C CE1 . HIS A 1 46  ? 6.141   1.657   -7.434  1.00 21.74 ? 46  HIS A CE1 1 
ATOM 331  N NE2 . HIS A 1 46  ? 5.784   0.403   -7.627  1.00 21.40 ? 46  HIS A NE2 1 
ATOM 332  N N   . GLY A 1 47  ? 1.970   -0.278  -4.343  1.00 12.94 ? 47  GLY A N   1 
ATOM 333  C CA  . GLY A 1 47  ? 2.325   -1.377  -3.483  1.00 12.80 ? 47  GLY A CA  1 
ATOM 334  C C   . GLY A 1 47  ? 2.177   -1.047  -2.018  1.00 10.64 ? 47  GLY A C   1 
ATOM 335  O O   . GLY A 1 47  ? 1.955   0.121   -1.710  1.00 11.65 ? 47  GLY A O   1 
ATOM 336  N N   . LEU A 1 48  ? 2.312   -2.042  -1.164  1.00 9.51  ? 48  LEU A N   1 
ATOM 337  C CA  . LEU A 1 48  ? 2.208   -1.977  0.278   1.00 8.57  ? 48  LEU A CA  1 
ATOM 338  C C   . LEU A 1 48  ? 3.600   -2.500  0.660   1.00 8.45  ? 48  LEU A C   1 
ATOM 339  O O   . LEU A 1 48  ? 3.967   -3.669  0.548   1.00 10.76 ? 48  LEU A O   1 
ATOM 340  C CB  . LEU A 1 48  ? 1.074   -2.911  0.740   1.00 5.86  ? 48  LEU A CB  1 
ATOM 341  C CG  . LEU A 1 48  ? 0.787   -2.899  2.275   1.00 5.09  ? 48  LEU A CG  1 
ATOM 342  C CD1 . LEU A 1 48  ? 0.428   -1.455  2.674   1.00 6.12  ? 48  LEU A CD1 1 
ATOM 343  C CD2 . LEU A 1 48  ? -0.317  -3.870  2.667   1.00 3.48  ? 48  LEU A CD2 1 
ATOM 344  N N   . TRP A 1 49  ? 4.433   -1.620  1.125   1.00 9.99  ? 49  TRP A N   1 
ATOM 345  C CA  . TRP A 1 49  ? 5.804   -1.937  1.422   1.00 11.53 ? 49  TRP A CA  1 
ATOM 346  C C   . TRP A 1 49  ? 6.100   -2.021  2.900   1.00 12.33 ? 49  TRP A C   1 
ATOM 347  O O   . TRP A 1 49  ? 5.991   -0.976  3.547   1.00 13.92 ? 49  TRP A O   1 
ATOM 348  C CB  . TRP A 1 49  ? 6.658   -0.852  0.755   1.00 10.84 ? 49  TRP A CB  1 
ATOM 349  C CG  . TRP A 1 49  ? 6.401   -0.649  -0.741  1.00 12.64 ? 49  TRP A CG  1 
ATOM 350  C CD1 . TRP A 1 49  ? 5.799   -1.594  -1.509  1.00 12.12 ? 49  TRP A CD1 1 
ATOM 351  C CD2 . TRP A 1 49  ? 6.791   0.413   -1.501  1.00 13.56 ? 49  TRP A CD2 1 
ATOM 352  N NE1 . TRP A 1 49  ? 5.821   -1.164  -2.734  1.00 12.89 ? 49  TRP A NE1 1 
ATOM 353  C CE2 . TRP A 1 49  ? 6.395   0.027   -2.772  1.00 14.25 ? 49  TRP A CE2 1 
ATOM 354  C CE3 . TRP A 1 49  ? 7.418   1.619   -1.301  1.00 16.70 ? 49  TRP A CE3 1 
ATOM 355  C CZ2 . TRP A 1 49  ? 6.613   0.813   -3.877  1.00 16.08 ? 49  TRP A CZ2 1 
ATOM 356  C CZ3 . TRP A 1 49  ? 7.660   2.430   -2.391  1.00 16.65 ? 49  TRP A CZ3 1 
ATOM 357  C CH2 . TRP A 1 49  ? 7.254   2.030   -3.664  1.00 18.84 ? 49  TRP A CH2 1 
ATOM 358  N N   . PRO A 1 50  ? 6.453   -3.165  3.500   1.00 14.54 ? 50  PRO A N   1 
ATOM 359  C CA  . PRO A 1 50  ? 6.913   -3.211  4.911   1.00 13.58 ? 50  PRO A CA  1 
ATOM 360  C C   . PRO A 1 50  ? 8.347   -2.713  5.083   1.00 10.49 ? 50  PRO A C   1 
ATOM 361  O O   . PRO A 1 50  ? 9.232   -3.123  4.331   1.00 10.94 ? 50  PRO A O   1 
ATOM 362  C CB  . PRO A 1 50  ? 6.663   -4.677  5.321   1.00 12.88 ? 50  PRO A CB  1 
ATOM 363  C CG  . PRO A 1 50  ? 6.634   -5.468  4.042   1.00 13.33 ? 50  PRO A CG  1 
ATOM 364  C CD  . PRO A 1 50  ? 6.189   -4.504  2.951   1.00 12.91 ? 50  PRO A CD  1 
ATOM 365  N N   . ASP A 1 51  ? 8.529   -1.841  6.057   1.00 12.06 ? 51  ASP A N   1 
ATOM 366  C CA  . ASP A 1 51  ? 9.797   -1.214  6.427   1.00 15.69 ? 51  ASP A CA  1 
ATOM 367  C C   . ASP A 1 51  ? 10.128  -1.411  7.907   1.00 16.84 ? 51  ASP A C   1 
ATOM 368  O O   . ASP A 1 51  ? 9.292   -1.799  8.751   1.00 14.50 ? 51  ASP A O   1 
ATOM 369  C CB  . ASP A 1 51  ? 9.796   0.308   6.171   1.00 16.43 ? 51  ASP A CB  1 
ATOM 370  C CG  . ASP A 1 51  ? 9.787   0.785   4.729   1.00 16.78 ? 51  ASP A CG  1 
ATOM 371  O OD1 . ASP A 1 51  ? 10.312  0.106   3.829   1.00 19.39 ? 51  ASP A OD1 1 
ATOM 372  O OD2 . ASP A 1 51  ? 9.251   1.852   4.471   1.00 15.87 ? 51  ASP A OD2 1 
ATOM 373  N N   . LYS A 1 52  ? 11.381  -1.138  8.284   1.00 18.94 ? 52  LYS A N   1 
ATOM 374  C CA  . LYS A 1 52  ? 11.814  -1.254  9.671   1.00 20.78 ? 52  LYS A CA  1 
ATOM 375  C C   . LYS A 1 52  ? 11.176  -0.088  10.399  1.00 20.84 ? 52  LYS A C   1 
ATOM 376  O O   . LYS A 1 52  ? 10.761  0.894   9.775   1.00 20.78 ? 52  LYS A O   1 
ATOM 377  C CB  . LYS A 1 52  ? 13.303  -1.076  9.828   1.00 23.00 ? 52  LYS A CB  1 
ATOM 378  C CG  . LYS A 1 52  ? 14.222  -2.159  9.321   1.00 28.43 ? 52  LYS A CG  1 
ATOM 379  C CD  . LYS A 1 52  ? 14.008  -3.411  10.175  1.00 32.33 ? 52  LYS A CD  1 
ATOM 380  C CE  . LYS A 1 52  ? 15.241  -4.340  10.242  1.00 34.52 ? 52  LYS A CE  1 
ATOM 381  N NZ  . LYS A 1 52  ? 16.214  -3.877  11.224  1.00 37.49 ? 52  LYS A NZ  1 
ATOM 382  N N   . CYS A 1 53  ? 11.122  -0.139  11.726  1.00 21.41 ? 53  CYS A N   1 
ATOM 383  C CA  . CYS A 1 53  ? 10.558  0.952   12.493  1.00 20.65 ? 53  CYS A CA  1 
ATOM 384  C C   . CYS A 1 53  ? 11.315  2.270   12.337  1.00 21.49 ? 53  CYS A C   1 
ATOM 385  O O   . CYS A 1 53  ? 10.743  3.363   12.487  1.00 20.78 ? 53  CYS A O   1 
ATOM 386  C CB  . CYS A 1 53  ? 10.506  0.572   13.948  1.00 20.46 ? 53  CYS A CB  1 
ATOM 387  S SG  . CYS A 1 53  ? 9.173   -0.608  14.208  1.00 22.83 ? 53  CYS A SG  1 
ATOM 388  N N   . SER A 1 54  ? 12.622  2.228   12.033  1.00 20.84 ? 54  SER A N   1 
ATOM 389  C CA  . SER A 1 54  ? 13.328  3.465   11.819  1.00 19.18 ? 54  SER A CA  1 
ATOM 390  C C   . SER A 1 54  ? 13.007  3.927   10.402  1.00 19.37 ? 54  SER A C   1 
ATOM 391  O O   . SER A 1 54  ? 13.533  4.969   10.041  1.00 21.85 ? 54  SER A O   1 
ATOM 392  C CB  . SER A 1 54  ? 14.804  3.232   11.937  1.00 19.00 ? 54  SER A CB  1 
ATOM 393  O OG  . SER A 1 54  ? 15.216  2.369   10.881  1.00 22.55 ? 54  SER A OG  1 
ATOM 394  N N   . GLY A 1 55  ? 12.219  3.236   9.556   1.00 17.70 ? 55  GLY A N   1 
ATOM 395  C CA  . GLY A 1 55  ? 11.995  3.695   8.202   1.00 17.19 ? 55  GLY A CA  1 
ATOM 396  C C   . GLY A 1 55  ? 13.024  3.080   7.247   1.00 16.58 ? 55  GLY A C   1 
ATOM 397  O O   . GLY A 1 55  ? 12.938  3.307   6.032   1.00 16.30 ? 55  GLY A O   1 
ATOM 398  N N   . ALA A 1 56  ? 14.027  2.315   7.759   1.00 13.19 ? 56  ALA A N   1 
ATOM 399  C CA  . ALA A 1 56  ? 15.008  1.684   6.909   1.00 12.32 ? 56  ALA A CA  1 
ATOM 400  C C   . ALA A 1 56  ? 14.287  0.659   6.021   1.00 13.88 ? 56  ALA A C   1 
ATOM 401  O O   . ALA A 1 56  ? 13.334  0.029   6.460   1.00 11.27 ? 56  ALA A O   1 
ATOM 402  C CB  . ALA A 1 56  ? 16.055  0.944   7.738   1.00 11.58 ? 56  ALA A CB  1 
ATOM 403  N N   . TYR A 1 57  ? 14.628  0.442   4.762   1.00 15.83 ? 57  TYR A N   1 
ATOM 404  C CA  . TYR A 1 57  ? 13.911  -0.541  3.964   1.00 16.18 ? 57  TYR A CA  1 
ATOM 405  C C   . TYR A 1 57  ? 14.248  -1.924  4.406   1.00 16.34 ? 57  TYR A C   1 
ATOM 406  O O   . TYR A 1 57  ? 15.270  -2.109  5.061   1.00 13.99 ? 57  TYR A O   1 
ATOM 407  C CB  . TYR A 1 57  ? 14.298  -0.451  2.508   1.00 18.66 ? 57  TYR A CB  1 
ATOM 408  C CG  . TYR A 1 57  ? 13.987  0.908   1.953   1.00 22.13 ? 57  TYR A CG  1 
ATOM 409  C CD1 . TYR A 1 57  ? 12.777  1.495   2.249   1.00 23.92 ? 57  TYR A CD1 1 
ATOM 410  C CD2 . TYR A 1 57  ? 14.905  1.538   1.149   1.00 25.04 ? 57  TYR A CD2 1 
ATOM 411  C CE1 . TYR A 1 57  ? 12.464  2.726   1.741   1.00 26.76 ? 57  TYR A CE1 1 
ATOM 412  C CE2 . TYR A 1 57  ? 14.604  2.777   0.626   1.00 28.06 ? 57  TYR A CE2 1 
ATOM 413  C CZ  . TYR A 1 57  ? 13.380  3.354   0.926   1.00 28.71 ? 57  TYR A CZ  1 
ATOM 414  O OH  . TYR A 1 57  ? 13.051  4.564   0.361   1.00 31.63 ? 57  TYR A OH  1 
ATOM 415  N N   . ALA A 1 58  ? 13.389  -2.888  4.042   1.00 15.78 ? 58  ALA A N   1 
ATOM 416  C CA  . ALA A 1 58  ? 13.607  -4.310  4.302   1.00 16.26 ? 58  ALA A CA  1 
ATOM 417  C C   . ALA A 1 58  ? 14.650  -4.789  3.241   1.00 16.41 ? 58  ALA A C   1 
ATOM 418  O O   . ALA A 1 58  ? 14.946  -4.007  2.324   1.00 15.69 ? 58  ALA A O   1 
ATOM 419  C CB  . ALA A 1 58  ? 12.280  -5.098  4.122   1.00 12.45 ? 58  ALA A CB  1 
ATOM 420  N N   . PRO A 1 59  ? 15.248  -5.989  3.254   1.00 17.62 ? 59  PRO A N   1 
ATOM 421  C CA  . PRO A 1 59  ? 16.123  -6.524  2.204   1.00 19.31 ? 59  PRO A CA  1 
ATOM 422  C C   . PRO A 1 59  ? 15.632  -6.261  0.781   1.00 20.59 ? 59  PRO A C   1 
ATOM 423  O O   . PRO A 1 59  ? 14.503  -6.651  0.459   1.00 22.82 ? 59  PRO A O   1 
ATOM 424  C CB  . PRO A 1 59  ? 16.200  -7.991  2.532   1.00 18.65 ? 59  PRO A CB  1 
ATOM 425  C CG  . PRO A 1 59  ? 16.131  -8.024  4.032   1.00 17.08 ? 59  PRO A CG  1 
ATOM 426  C CD  . PRO A 1 59  ? 14.968  -7.061  4.218   1.00 17.08 ? 59  PRO A CD  1 
ATOM 427  N N   . SER A 1 60  ? 16.416  -5.661  -0.111  1.00 21.05 ? 60  SER A N   1 
ATOM 428  C CA  . SER A 1 60  ? 15.892  -5.357  -1.430  1.00 21.54 ? 60  SER A CA  1 
ATOM 429  C C   . SER A 1 60  ? 15.449  -6.546  -2.254  1.00 21.21 ? 60  SER A C   1 
ATOM 430  O O   . SER A 1 60  ? 14.676  -6.366  -3.196  1.00 22.11 ? 60  SER A O   1 
ATOM 431  C CB  . SER A 1 60  ? 16.928  -4.531  -2.213  1.00 22.84 ? 60  SER A CB  1 
ATOM 432  O OG  . SER A 1 60  ? 18.234  -5.082  -2.305  1.00 26.64 ? 60  SER A OG  1 
ATOM 433  N N   . GLY A 1 61  ? 15.900  -7.763  -1.936  1.00 20.89 ? 61  GLY A N   1 
ATOM 434  C CA  . GLY A 1 61  ? 15.504  -8.975  -2.644  1.00 19.21 ? 61  GLY A CA  1 
ATOM 435  C C   . GLY A 1 61  ? 14.346  -9.650  -1.904  1.00 17.37 ? 61  GLY A C   1 
ATOM 436  O O   . GLY A 1 61  ? 14.101  -10.820 -2.141  1.00 18.29 ? 61  GLY A O   1 
ATOM 437  N N   . GLY A 1 62  ? 13.611  -8.966  -1.027  1.00 15.90 ? 62  GLY A N   1 
ATOM 438  C CA  . GLY A 1 62  ? 12.516  -9.537  -0.303  1.00 13.51 ? 62  GLY A CA  1 
ATOM 439  C C   . GLY A 1 62  ? 13.056  -10.302 0.870   1.00 15.00 ? 62  GLY A C   1 
ATOM 440  O O   . GLY A 1 62  ? 14.258  -10.366 1.170   1.00 15.14 ? 62  GLY A O   1 
ATOM 441  N N   . CYS A 1 63  ? 12.151  -10.956 1.544   1.00 14.71 ? 63  CYS A N   1 
ATOM 442  C CA  . CYS A 1 63  ? 12.524  -11.686 2.723   1.00 16.81 ? 63  CYS A CA  1 
ATOM 443  C C   . CYS A 1 63  ? 12.254  -13.204 2.670   1.00 18.33 ? 63  CYS A C   1 
ATOM 444  O O   . CYS A 1 63  ? 12.286  -13.867 3.713   1.00 20.83 ? 63  CYS A O   1 
ATOM 445  C CB  . CYS A 1 63  ? 11.786  -11.051 3.933   1.00 16.31 ? 63  CYS A CB  1 
ATOM 446  S SG  . CYS A 1 63  ? 11.835  -9.262  4.177   1.00 14.54 ? 63  CYS A SG  1 
ATOM 447  N N   . ASP A 1 64  ? 11.970  -13.846 1.549   1.00 18.65 ? 64  ASP A N   1 
ATOM 448  C CA  . ASP A 1 64  ? 11.751  -15.274 1.560   1.00 20.30 ? 64  ASP A CA  1 
ATOM 449  C C   . ASP A 1 64  ? 11.859  -15.619 0.112   1.00 20.43 ? 64  ASP A C   1 
ATOM 450  O O   . ASP A 1 64  ? 11.013  -15.388 -0.757  1.00 20.03 ? 64  ASP A O   1 
ATOM 451  C CB  . ASP A 1 64  ? 10.368  -15.694 2.047   1.00 20.19 ? 64  ASP A CB  1 
ATOM 452  C CG  . ASP A 1 64  ? 10.260  -17.168 2.423   1.00 22.45 ? 64  ASP A CG  1 
ATOM 453  O OD1 . ASP A 1 64  ? 10.940  -18.017 1.831   1.00 23.24 ? 64  ASP A OD1 1 
ATOM 454  O OD2 . ASP A 1 64  ? 9.455   -17.472 3.304   1.00 19.90 ? 64  ASP A OD2 1 
ATOM 455  N N   . SER A 1 65  ? 13.026  -16.172 -0.110  1.00 22.41 ? 65  SER A N   1 
ATOM 456  C CA  . SER A 1 65  ? 13.348  -16.594 -1.441  1.00 26.49 ? 65  SER A CA  1 
ATOM 457  C C   . SER A 1 65  ? 12.558  -17.810 -1.825  1.00 26.95 ? 65  SER A C   1 
ATOM 458  O O   . SER A 1 65  ? 12.156  -17.958 -2.979  1.00 28.35 ? 65  SER A O   1 
ATOM 459  C CB  . SER A 1 65  ? 14.807  -16.904 -1.518  1.00 28.62 ? 65  SER A CB  1 
ATOM 460  O OG  . SER A 1 65  ? 15.483  -15.789 -0.932  1.00 36.15 ? 65  SER A OG  1 
ATOM 461  N N   . ASN A 1 66  ? 12.268  -18.688 -0.873  1.00 27.51 ? 66  ASN A N   1 
ATOM 462  C CA  . ASN A 1 66  ? 11.559  -19.886 -1.255  1.00 27.83 ? 66  ASN A CA  1 
ATOM 463  C C   . ASN A 1 66  ? 10.160  -19.593 -1.667  1.00 25.12 ? 66  ASN A C   1 
ATOM 464  O O   . ASN A 1 66  ? 9.549   -20.384 -2.371  1.00 24.92 ? 66  ASN A O   1 
ATOM 465  C CB  . ASN A 1 66  ? 11.571  -20.869 -0.116  1.00 32.30 ? 66  ASN A CB  1 
ATOM 466  C CG  . ASN A 1 66  ? 12.907  -21.607 -0.065  1.00 34.30 ? 66  ASN A CG  1 
ATOM 467  O OD1 . ASN A 1 66  ? 13.583  -21.626 0.958   1.00 34.86 ? 66  ASN A OD1 1 
ATOM 468  N ND2 . ASN A 1 66  ? 13.332  -22.256 -1.152  1.00 36.33 ? 66  ASN A ND2 1 
ATOM 469  N N   . ARG A 1 67  ? 9.682   -18.437 -1.219  1.00 21.74 ? 67  ARG A N   1 
ATOM 470  C CA  . ARG A 1 67  ? 8.375   -17.948 -1.544  1.00 16.66 ? 67  ARG A CA  1 
ATOM 471  C C   . ARG A 1 67  ? 8.329   -16.954 -2.670  1.00 14.66 ? 67  ARG A C   1 
ATOM 472  O O   . ARG A 1 67  ? 7.228   -16.538 -3.011  1.00 14.69 ? 67  ARG A O   1 
ATOM 473  C CB  . ARG A 1 67  ? 7.792   -17.358 -0.319  1.00 17.49 ? 67  ARG A CB  1 
ATOM 474  C CG  . ARG A 1 67  ? 7.236   -18.527 0.435   1.00 18.56 ? 67  ARG A CG  1 
ATOM 475  C CD  . ARG A 1 67  ? 6.935   -18.111 1.851   1.00 18.16 ? 67  ARG A CD  1 
ATOM 476  N NE  . ARG A 1 67  ? 5.726   -17.324 1.946   1.00 18.43 ? 67  ARG A NE  1 
ATOM 477  C CZ  . ARG A 1 67  ? 5.669   -16.141 2.583   1.00 17.50 ? 67  ARG A CZ  1 
ATOM 478  N NH1 . ARG A 1 67  ? 6.727   -15.518 3.178   1.00 16.49 ? 67  ARG A NH1 1 
ATOM 479  N NH2 . ARG A 1 67  ? 4.468   -15.557 2.583   1.00 17.74 ? 67  ARG A NH2 1 
ATOM 480  N N   . ALA A 1 68  ? 9.437   -16.536 -3.267  1.00 14.83 ? 68  ALA A N   1 
ATOM 481  C CA  . ALA A 1 68  ? 9.448   -15.604 -4.384  1.00 14.92 ? 68  ALA A CA  1 
ATOM 482  C C   . ALA A 1 68  ? 8.693   -16.209 -5.575  1.00 16.12 ? 68  ALA A C   1 
ATOM 483  O O   . ALA A 1 68  ? 8.572   -17.434 -5.649  1.00 17.47 ? 68  ALA A O   1 
ATOM 484  C CB  . ALA A 1 68  ? 10.877  -15.314 -4.805  1.00 14.75 ? 68  ALA A CB  1 
ATOM 485  N N   . SER A 1 69  ? 8.178   -15.455 -6.546  1.00 17.01 ? 69  SER A N   1 
ATOM 486  C CA  . SER A 1 69  ? 7.413   -16.011 -7.656  1.00 18.65 ? 69  SER A CA  1 
ATOM 487  C C   . SER A 1 69  ? 7.410   -15.079 -8.858  1.00 18.78 ? 69  SER A C   1 
ATOM 488  O O   . SER A 1 69  ? 7.478   -13.854 -8.721  1.00 18.44 ? 69  SER A O   1 
ATOM 489  C CB  . SER A 1 69  ? 5.942   -16.247 -7.231  1.00 17.76 ? 69  SER A CB  1 
ATOM 490  O OG  . SER A 1 69  ? 5.171   -16.948 -8.220  1.00 20.79 ? 69  SER A OG  1 
ATOM 491  N N   . SER A 1 70  ? 7.359   -15.655 -10.052 1.00 18.83 ? 70  SER A N   1 
ATOM 492  C CA  . SER A 1 70  ? 7.267   -14.849 -11.230 1.00 19.85 ? 70  SER A CA  1 
ATOM 493  C C   . SER A 1 70  ? 5.959   -15.180 -11.963 1.00 19.79 ? 70  SER A C   1 
ATOM 494  O O   . SER A 1 70  ? 5.733   -14.795 -13.108 1.00 22.38 ? 70  SER A O   1 
ATOM 495  C CB  . SER A 1 70  ? 8.528   -15.115 -12.040 1.00 21.41 ? 70  SER A CB  1 
ATOM 496  O OG  . SER A 1 70  ? 8.846   -16.505 -12.063 1.00 25.95 ? 70  SER A OG  1 
ATOM 497  N N   . SER A 1 71  ? 5.030   -15.892 -11.327 1.00 19.40 ? 71  SER A N   1 
ATOM 498  C CA  . SER A 1 71  ? 3.729   -16.303 -11.860 1.00 18.55 ? 71  SER A CA  1 
ATOM 499  C C   . SER A 1 71  ? 2.564   -15.800 -11.020 1.00 15.56 ? 71  SER A C   1 
ATOM 500  O O   . SER A 1 71  ? 1.552   -16.508 -10.898 1.00 14.38 ? 71  SER A O   1 
ATOM 501  C CB  . SER A 1 71  ? 3.692   -17.826 -11.893 1.00 19.90 ? 71  SER A CB  1 
ATOM 502  O OG  . SER A 1 71  ? 4.640   -18.254 -12.854 1.00 24.84 ? 71  SER A OG  1 
ATOM 503  N N   . ILE A 1 72  ? 2.635   -14.603 -10.426 1.00 12.55 ? 72  ILE A N   1 
ATOM 504  C CA  . ILE A 1 72  ? 1.533   -14.178 -9.564  1.00 11.86 ? 72  ILE A CA  1 
ATOM 505  C C   . ILE A 1 72  ? 0.198   -13.996 -10.275 1.00 10.70 ? 72  ILE A C   1 
ATOM 506  O O   . ILE A 1 72  ? -0.826  -14.261 -9.666  1.00 10.81 ? 72  ILE A O   1 
ATOM 507  C CB  . ILE A 1 72  ? 1.995   -12.851 -8.818  1.00 11.12 ? 72  ILE A CB  1 
ATOM 508  C CG1 . ILE A 1 72  ? 3.074   -13.227 -7.775  1.00 10.08 ? 72  ILE A CG1 1 
ATOM 509  C CG2 . ILE A 1 72  ? 0.836   -12.173 -8.124  1.00 10.37 ? 72  ILE A CG2 1 
ATOM 510  C CD1 . ILE A 1 72  ? 2.742   -14.383 -6.804  1.00 9.80  ? 72  ILE A CD1 1 
ATOM 511  N N   . ALA A 1 73  ? 0.094   -13.587 -11.525 1.00 11.56 ? 73  ALA A N   1 
ATOM 512  C CA  . ALA A 1 73  ? -1.193  -13.471 -12.189 1.00 11.99 ? 73  ALA A CA  1 
ATOM 513  C C   . ALA A 1 73  ? -1.929  -14.824 -12.288 1.00 11.78 ? 73  ALA A C   1 
ATOM 514  O O   . ALA A 1 73  ? -3.163  -14.846 -12.143 1.00 9.54  ? 73  ALA A O   1 
ATOM 515  C CB  . ALA A 1 73  ? -1.005  -12.928 -13.599 1.00 11.10 ? 73  ALA A CB  1 
ATOM 516  N N   . SER A 1 74  ? -1.291  -15.992 -12.529 1.00 12.22 ? 74  SER A N   1 
ATOM 517  C CA  . SER A 1 74  ? -2.053  -17.218 -12.631 1.00 14.58 ? 74  SER A CA  1 
ATOM 518  C C   . SER A 1 74  ? -2.338  -17.764 -11.257 1.00 14.30 ? 74  SER A C   1 
ATOM 519  O O   . SER A 1 74  ? -3.333  -18.471 -11.137 1.00 15.28 ? 74  SER A O   1 
ATOM 520  C CB  . SER A 1 74  ? -1.327  -18.276 -13.468 1.00 16.13 ? 74  SER A CB  1 
ATOM 521  O OG  . SER A 1 74  ? 0.066   -18.276 -13.317 1.00 19.81 ? 74  SER A OG  1 
ATOM 522  N N   . VAL A 1 75  ? -1.524  -17.470 -10.232 1.00 12.64 ? 75  VAL A N   1 
ATOM 523  C CA  . VAL A 1 75  ? -1.812  -17.921 -8.877  1.00 12.07 ? 75  VAL A CA  1 
ATOM 524  C C   . VAL A 1 75  ? -3.061  -17.175 -8.417  1.00 12.41 ? 75  VAL A C   1 
ATOM 525  O O   . VAL A 1 75  ? -3.960  -17.786 -7.842  1.00 13.20 ? 75  VAL A O   1 
ATOM 526  C CB  . VAL A 1 75  ? -0.674  -17.602 -7.858  1.00 13.25 ? 75  VAL A CB  1 
ATOM 527  C CG1 . VAL A 1 75  ? -1.085  -18.030 -6.470  1.00 14.24 ? 75  VAL A CG1 1 
ATOM 528  C CG2 . VAL A 1 75  ? 0.586   -18.385 -8.167  1.00 12.57 ? 75  VAL A CG2 1 
ATOM 529  N N   . ILE A 1 76  ? -3.200  -15.861 -8.603  1.00 11.53 ? 76  ILE A N   1 
ATOM 530  C CA  . ILE A 1 76  ? -4.402  -15.200 -8.138  1.00 12.81 ? 76  ILE A CA  1 
ATOM 531  C C   . ILE A 1 76  ? -5.610  -15.567 -8.976  1.00 13.26 ? 76  ILE A C   1 
ATOM 532  O O   . ILE A 1 76  ? -6.688  -15.796 -8.439  1.00 14.06 ? 76  ILE A O   1 
ATOM 533  C CB  . ILE A 1 76  ? -4.173  -13.684 -8.137  1.00 13.86 ? 76  ILE A CB  1 
ATOM 534  C CG1 . ILE A 1 76  ? -3.129  -13.383 -7.100  1.00 14.19 ? 76  ILE A CG1 1 
ATOM 535  C CG2 . ILE A 1 76  ? -5.473  -12.944 -7.792  1.00 14.07 ? 76  ILE A CG2 1 
ATOM 536  C CD1 . ILE A 1 76  ? -2.828  -11.890 -6.992  1.00 16.85 ? 76  ILE A CD1 1 
ATOM 537  N N   . LYS A 1 77  ? -5.443  -15.658 -10.282 1.00 14.67 ? 77  LYS A N   1 
ATOM 538  C CA  . LYS A 1 77  ? -6.512  -16.014 -11.175 1.00 16.06 ? 77  LYS A CA  1 
ATOM 539  C C   . LYS A 1 77  ? -7.150  -17.311 -10.749 1.00 18.26 ? 77  LYS A C   1 
ATOM 540  O O   . LYS A 1 77  ? -8.369  -17.368 -10.755 1.00 18.27 ? 77  LYS A O   1 
ATOM 541  C CB  . LYS A 1 77  ? -6.024  -16.221 -12.579 1.00 17.52 ? 77  LYS A CB  1 
ATOM 542  C CG  . LYS A 1 77  ? -6.849  -15.490 -13.617 1.00 18.19 ? 77  LYS A CG  1 
ATOM 543  C CD  . LYS A 1 77  ? -6.281  -15.719 -15.023 1.00 17.71 ? 77  LYS A CD  1 
ATOM 544  C CE  . LYS A 1 77  ? -4.857  -15.261 -15.291 1.00 15.55 ? 77  LYS A CE  1 
ATOM 545  N NZ  . LYS A 1 77  ? -4.643  -15.361 -16.712 1.00 13.30 ? 77  LYS A NZ  1 
ATOM 546  N N   . SER A 1 78  ? -6.361  -18.317 -10.377 1.00 20.33 ? 78  SER A N   1 
ATOM 547  C CA  . SER A 1 78  ? -6.952  -19.569 -9.979  1.00 23.29 ? 78  SER A CA  1 
ATOM 548  C C   . SER A 1 78  ? -7.485  -19.593 -8.533  1.00 25.24 ? 78  SER A C   1 
ATOM 549  O O   . SER A 1 78  ? -8.487  -20.258 -8.264  1.00 28.68 ? 78  SER A O   1 
ATOM 550  C CB  . SER A 1 78  ? -5.911  -20.663 -10.214 1.00 21.64 ? 78  SER A CB  1 
ATOM 551  O OG  . SER A 1 78  ? -4.816  -20.678 -9.305  1.00 24.88 ? 78  SER A OG  1 
ATOM 552  N N   . LYS A 1 79  ? -6.894  -18.898 -7.553  1.00 26.78 ? 79  LYS A N   1 
ATOM 553  C CA  . LYS A 1 79  ? -7.369  -18.928 -6.180  1.00 26.07 ? 79  LYS A CA  1 
ATOM 554  C C   . LYS A 1 79  ? -8.535  -17.974 -6.039  1.00 25.43 ? 79  LYS A C   1 
ATOM 555  O O   . LYS A 1 79  ? -9.421  -18.250 -5.234  1.00 24.99 ? 79  LYS A O   1 
ATOM 556  C CB  . LYS A 1 79  ? -6.215  -18.528 -5.220  1.00 27.90 ? 79  LYS A CB  1 
ATOM 557  C CG  . LYS A 1 79  ? -5.713  -19.539 -4.162  1.00 30.98 ? 79  LYS A CG  1 
ATOM 558  C CD  . LYS A 1 79  ? -6.272  -19.331 -2.710  1.00 33.67 ? 79  LYS A CD  1 
ATOM 559  C CE  . LYS A 1 79  ? -5.644  -20.346 -1.720  1.00 35.37 ? 79  LYS A CE  1 
ATOM 560  N NZ  . LYS A 1 79  ? -6.298  -20.546 -0.413  1.00 36.62 ? 79  LYS A NZ  1 
ATOM 561  N N   . ASP A 1 80  ? -8.592  -16.876 -6.787  1.00 24.70 ? 80  ASP A N   1 
ATOM 562  C CA  . ASP A 1 80  ? -9.684  -15.927 -6.660  1.00 25.07 ? 80  ASP A CA  1 
ATOM 563  C C   . ASP A 1 80  ? -9.851  -14.931 -7.794  1.00 23.80 ? 80  ASP A C   1 
ATOM 564  O O   . ASP A 1 80  ? -9.223  -13.875 -7.924  1.00 23.65 ? 80  ASP A O   1 
ATOM 565  C CB  . ASP A 1 80  ? -9.563  -15.126 -5.355  1.00 26.06 ? 80  ASP A CB  1 
ATOM 566  C CG  . ASP A 1 80  ? -10.747 -14.231 -4.990  1.00 28.55 ? 80  ASP A CG  1 
ATOM 567  O OD1 . ASP A 1 80  ? -11.693 -14.043 -5.778  1.00 30.31 ? 80  ASP A OD1 1 
ATOM 568  O OD2 . ASP A 1 80  ? -10.706 -13.668 -3.890  1.00 30.62 ? 80  ASP A OD2 1 
ATOM 569  N N   . SER A 1 81  ? -10.848 -15.304 -8.560  1.00 24.41 ? 81  SER A N   1 
ATOM 570  C CA  . SER A 1 81  ? -11.301 -14.600 -9.738  1.00 25.51 ? 81  SER A CA  1 
ATOM 571  C C   . SER A 1 81  ? -11.742 -13.184 -9.436  1.00 23.56 ? 81  SER A C   1 
ATOM 572  O O   . SER A 1 81  ? -11.431 -12.270 -10.194 1.00 24.50 ? 81  SER A O   1 
ATOM 573  C CB  . SER A 1 81  ? -12.482 -15.367 -10.374 1.00 29.04 ? 81  SER A CB  1 
ATOM 574  O OG  . SER A 1 81  ? -13.463 -15.808 -9.403  1.00 31.60 ? 81  SER A OG  1 
ATOM 575  N N   . SER A 1 82  ? -12.444 -12.937 -8.344  1.00 21.34 ? 82  SER A N   1 
ATOM 576  C CA  . SER A 1 82  ? -12.889 -11.604 -8.090  1.00 20.57 ? 82  SER A CA  1 
ATOM 577  C C   . SER A 1 82  ? -11.723 -10.719 -7.770  1.00 18.81 ? 82  SER A C   1 
ATOM 578  O O   . SER A 1 82  ? -11.677 -9.620  -8.360  1.00 17.18 ? 82  SER A O   1 
ATOM 579  C CB  . SER A 1 82  ? -13.866 -11.631 -6.966  1.00 23.16 ? 82  SER A CB  1 
ATOM 580  O OG  . SER A 1 82  ? -14.951 -12.300 -7.592  1.00 30.62 ? 82  SER A OG  1 
ATOM 581  N N   . LEU A 1 83  ? -10.782 -11.195 -6.902  1.00 17.66 ? 83  LEU A N   1 
ATOM 582  C CA  . LEU A 1 83  ? -9.588  -10.436 -6.522  1.00 15.13 ? 83  LEU A CA  1 
ATOM 583  C C   . LEU A 1 83  ? -8.869  -10.218 -7.841  1.00 13.74 ? 83  LEU A C   1 
ATOM 584  O O   . LEU A 1 83  ? -8.475  -9.084  -8.084  1.00 14.21 ? 83  LEU A O   1 
ATOM 585  C CB  . LEU A 1 83  ? -8.594  -11.177 -5.524  1.00 13.95 ? 83  LEU A CB  1 
ATOM 586  C CG  . LEU A 1 83  ? -7.231  -10.477 -5.047  1.00 13.41 ? 83  LEU A CG  1 
ATOM 587  C CD1 . LEU A 1 83  ? -7.463  -9.082  -4.423  1.00 12.60 ? 83  LEU A CD1 1 
ATOM 588  C CD2 . LEU A 1 83  ? -6.592  -11.278 -3.953  1.00 10.93 ? 83  LEU A CD2 1 
ATOM 589  N N   . TYR A 1 84  ? -8.699  -11.177 -8.739  1.00 13.76 ? 84  TYR A N   1 
ATOM 590  C CA  . TYR A 1 84  ? -8.005  -10.876 -9.992  1.00 14.17 ? 84  TYR A CA  1 
ATOM 591  C C   . TYR A 1 84  ? -8.606  -9.712  -10.790 1.00 14.17 ? 84  TYR A C   1 
ATOM 592  O O   . TYR A 1 84  ? -7.876  -8.864  -11.307 1.00 13.06 ? 84  TYR A O   1 
ATOM 593  C CB  . TYR A 1 84  ? -7.994  -12.116 -10.837 1.00 14.32 ? 84  TYR A CB  1 
ATOM 594  C CG  . TYR A 1 84  ? -7.326  -11.851 -12.162 1.00 17.39 ? 84  TYR A CG  1 
ATOM 595  C CD1 . TYR A 1 84  ? -5.949  -11.711 -12.218 1.00 18.21 ? 84  TYR A CD1 1 
ATOM 596  C CD2 . TYR A 1 84  ? -8.116  -11.708 -13.316 1.00 19.24 ? 84  TYR A CD2 1 
ATOM 597  C CE1 . TYR A 1 84  ? -5.341  -11.418 -13.428 1.00 18.27 ? 84  TYR A CE1 1 
ATOM 598  C CE2 . TYR A 1 84  ? -7.519  -11.423 -14.528 1.00 18.86 ? 84  TYR A CE2 1 
ATOM 599  C CZ  . TYR A 1 84  ? -6.127  -11.281 -14.561 1.00 19.88 ? 84  TYR A CZ  1 
ATOM 600  O OH  . TYR A 1 84  ? -5.527  -11.012 -15.783 1.00 22.35 ? 84  TYR A OH  1 
ATOM 601  N N   . ASN A 1 85  ? -9.933  -9.675  -10.875 1.00 16.32 ? 85  ASN A N   1 
ATOM 602  C CA  . ASN A 1 85  ? -10.680 -8.649  -11.577 1.00 17.39 ? 85  ASN A CA  1 
ATOM 603  C C   . ASN A 1 85  ? -10.566 -7.292  -10.924 1.00 14.95 ? 85  ASN A C   1 
ATOM 604  O O   . ASN A 1 85  ? -10.483 -6.272  -11.607 1.00 15.44 ? 85  ASN A O   1 
ATOM 605  C CB  . ASN A 1 85  ? -12.173 -9.018  -11.660 1.00 20.98 ? 85  ASN A CB  1 
ATOM 606  C CG  . ASN A 1 85  ? -12.423 -10.154 -12.640 1.00 25.54 ? 85  ASN A CG  1 
ATOM 607  O OD1 . ASN A 1 85  ? -11.637 -10.391 -13.562 1.00 29.74 ? 85  ASN A OD1 1 
ATOM 608  N ND2 . ASN A 1 85  ? -13.478 -10.952 -12.483 1.00 26.72 ? 85  ASN A ND2 1 
ATOM 609  N N   . SER A 1 86  ? -10.568 -7.219  -9.609  1.00 12.66 ? 86  SER A N   1 
ATOM 610  C CA  . SER A 1 86  ? -10.423 -5.939  -8.944  1.00 12.82 ? 86  SER A CA  1 
ATOM 611  C C   . SER A 1 86  ? -9.046  -5.358  -9.231  1.00 11.53 ? 86  SER A C   1 
ATOM 612  O O   . SER A 1 86  ? -8.918  -4.149  -9.414  1.00 10.18 ? 86  SER A O   1 
ATOM 613  C CB  . SER A 1 86  ? -10.555 -6.103  -7.447  1.00 11.10 ? 86  SER A CB  1 
ATOM 614  O OG  . SER A 1 86  ? -11.851 -6.599  -7.331  1.00 16.61 ? 86  SER A OG  1 
ATOM 615  N N   . MET A 1 87  ? -8.014  -6.217  -9.280  1.00 10.98 ? 87  MET A N   1 
ATOM 616  C CA  . MET A 1 87  ? -6.640  -5.803  -9.531  1.00 9.49  ? 87  MET A CA  1 
ATOM 617  C C   . MET A 1 87  ? -6.464  -5.209  -10.918 1.00 9.07  ? 87  MET A C   1 
ATOM 618  O O   . MET A 1 87  ? -5.709  -4.262  -11.072 1.00 6.96  ? 87  MET A O   1 
ATOM 619  C CB  . MET A 1 87  ? -5.744  -7.014  -9.330  1.00 10.74 ? 87  MET A CB  1 
ATOM 620  C CG  . MET A 1 87  ? -5.662  -7.178  -7.817  1.00 9.60  ? 87  MET A CG  1 
ATOM 621  S SD  . MET A 1 87  ? -4.656  -8.604  -7.345  1.00 12.30 ? 87  MET A SD  1 
ATOM 622  C CE  . MET A 1 87  ? -3.023  -8.231  -7.943  1.00 9.99  ? 87  MET A CE  1 
ATOM 623  N N   . LEU A 1 88  ? -7.143  -5.718  -11.933 1.00 8.08  ? 88  LEU A N   1 
ATOM 624  C CA  . LEU A 1 88  ? -7.075  -5.150  -13.266 1.00 10.85 ? 88  LEU A CA  1 
ATOM 625  C C   . LEU A 1 88  ? -7.564  -3.716  -13.241 1.00 9.52  ? 88  LEU A C   1 
ATOM 626  O O   . LEU A 1 88  ? -7.105  -2.908  -14.034 1.00 11.26 ? 88  LEU A O   1 
ATOM 627  C CB  . LEU A 1 88  ? -7.944  -5.926  -14.273 1.00 11.57 ? 88  LEU A CB  1 
ATOM 628  C CG  . LEU A 1 88  ? -7.513  -7.369  -14.619 1.00 13.15 ? 88  LEU A CG  1 
ATOM 629  C CD1 . LEU A 1 88  ? -8.339  -7.900  -15.806 1.00 12.99 ? 88  LEU A CD1 1 
ATOM 630  C CD2 . LEU A 1 88  ? -6.039  -7.386  -14.975 1.00 13.61 ? 88  LEU A CD2 1 
ATOM 631  N N   . THR A 1 89  ? -8.500  -3.387  -12.352 1.00 10.37 ? 89  THR A N   1 
ATOM 632  C CA  . THR A 1 89  ? -9.011  -2.021  -12.206 1.00 11.16 ? 89  THR A CA  1 
ATOM 633  C C   . THR A 1 89  ? -8.248  -1.086  -11.276 1.00 9.47  ? 89  THR A C   1 
ATOM 634  O O   . THR A 1 89  ? -8.005  0.096   -11.598 1.00 10.30 ? 89  THR A O   1 
ATOM 635  C CB  . THR A 1 89  ? -10.494 -2.031  -11.707 1.00 10.75 ? 89  THR A CB  1 
ATOM 636  O OG1 . THR A 1 89  ? -11.267 -2.631  -12.750 1.00 14.89 ? 89  THR A OG1 1 
ATOM 637  C CG2 . THR A 1 89  ? -11.086 -0.668  -11.522 1.00 10.36 ? 89  THR A CG2 1 
ATOM 638  N N   . TYR A 1 90  ? -7.869  -1.606  -10.137 1.00 9.71  ? 90  TYR A N   1 
ATOM 639  C CA  . TYR A 1 90  ? -7.206  -0.824  -9.139  1.00 9.81  ? 90  TYR A CA  1 
ATOM 640  C C   . TYR A 1 90  ? -5.732  -1.020  -8.972  1.00 10.32 ? 90  TYR A C   1 
ATOM 641  O O   . TYR A 1 90  ? -5.155  -0.188  -8.286  1.00 10.89 ? 90  TYR A O   1 
ATOM 642  C CB  . TYR A 1 90  ? -7.954  -1.067  -7.864  1.00 8.76  ? 90  TYR A CB  1 
ATOM 643  C CG  . TYR A 1 90  ? -9.348  -0.495  -7.951  1.00 9.25  ? 90  TYR A CG  1 
ATOM 644  C CD1 . TYR A 1 90  ? -9.496  0.878   -7.961  1.00 9.78  ? 90  TYR A CD1 1 
ATOM 645  C CD2 . TYR A 1 90  ? -10.443 -1.339  -8.020  1.00 10.43 ? 90  TYR A CD2 1 
ATOM 646  C CE1 . TYR A 1 90  ? -10.758 1.396   -8.037  1.00 9.10  ? 90  TYR A CE1 1 
ATOM 647  C CE2 . TYR A 1 90  ? -11.720 -0.815  -8.091  1.00 11.35 ? 90  TYR A CE2 1 
ATOM 648  C CZ  . TYR A 1 90  ? -11.854 0.562   -8.100  1.00 12.48 ? 90  TYR A CZ  1 
ATOM 649  O OH  . TYR A 1 90  ? -13.122 1.129   -8.181  1.00 15.40 ? 90  TYR A OH  1 
ATOM 650  N N   . TRP A 1 91  ? -5.092  -2.059  -9.525  1.00 11.49 ? 91  TRP A N   1 
ATOM 651  C CA  . TRP A 1 91  ? -3.648  -2.273  -9.416  1.00 10.70 ? 91  TRP A CA  1 
ATOM 652  C C   . TRP A 1 91  ? -3.062  -2.500  -10.806 1.00 11.96 ? 91  TRP A C   1 
ATOM 653  O O   . TRP A 1 91  ? -2.196  -3.379  -10.937 1.00 11.94 ? 91  TRP A O   1 
ATOM 654  C CB  . TRP A 1 91  ? -3.316  -3.506  -8.501  1.00 11.19 ? 91  TRP A CB  1 
ATOM 655  C CG  . TRP A 1 91  ? -1.982  -3.487  -7.697  1.00 11.60 ? 91  TRP A CG  1 
ATOM 656  C CD1 . TRP A 1 91  ? -0.793  -2.930  -8.129  1.00 10.72 ? 91  TRP A CD1 1 
ATOM 657  C CD2 . TRP A 1 91  ? -1.850  -4.039  -6.449  1.00 10.54 ? 91  TRP A CD2 1 
ATOM 658  N NE1 . TRP A 1 91  ? 0.085   -3.137  -7.163  1.00 8.96  ? 91  TRP A NE1 1 
ATOM 659  C CE2 . TRP A 1 91  ? -0.513  -3.798  -6.140  1.00 10.70 ? 91  TRP A CE2 1 
ATOM 660  C CE3 . TRP A 1 91  ? -2.687  -4.709  -5.571  1.00 10.76 ? 91  TRP A CE3 1 
ATOM 661  C CZ2 . TRP A 1 91  ? -0.003  -4.243  -4.926  1.00 8.43  ? 91  TRP A CZ2 1 
ATOM 662  C CZ3 . TRP A 1 91  ? -2.153  -5.137  -4.371  1.00 11.46 ? 91  TRP A CZ3 1 
ATOM 663  C CH2 . TRP A 1 91  ? -0.828  -4.908  -4.049  1.00 9.54  ? 91  TRP A CH2 1 
ATOM 664  N N   . PRO A 1 92  ? -3.441  -1.787  -11.900 1.00 11.31 ? 92  PRO A N   1 
ATOM 665  C CA  . PRO A 1 92  ? -2.794  -1.945  -13.177 1.00 9.77  ? 92  PRO A CA  1 
ATOM 666  C C   . PRO A 1 92  ? -1.332  -1.541  -13.176 1.00 12.11 ? 92  PRO A C   1 
ATOM 667  O O   . PRO A 1 92  ? -0.909  -0.626  -12.451 1.00 11.03 ? 92  PRO A O   1 
ATOM 668  C CB  . PRO A 1 92  ? -3.622  -1.107  -14.142 1.00 9.99  ? 92  PRO A CB  1 
ATOM 669  C CG  . PRO A 1 92  ? -4.223  -0.045  -13.286 1.00 10.79 ? 92  PRO A CG  1 
ATOM 670  C CD  . PRO A 1 92  ? -4.541  -0.850  -12.044 1.00 10.64 ? 92  PRO A CD  1 
ATOM 671  N N   . SER A 1 93  ? -0.558  -2.256  -14.012 1.00 13.46 ? 93  SER A N   1 
ATOM 672  C CA  . SER A 1 93  ? 0.829   -1.939  -14.213 1.00 15.29 ? 93  SER A CA  1 
ATOM 673  C C   . SER A 1 93  ? 0.736   -0.812  -15.210 1.00 17.73 ? 93  SER A C   1 
ATOM 674  O O   . SER A 1 93  ? 0.149   -0.920  -16.295 1.00 18.34 ? 93  SER A O   1 
ATOM 675  C CB  . SER A 1 93  ? 1.639   -2.968  -14.908 1.00 13.33 ? 93  SER A CB  1 
ATOM 676  O OG  . SER A 1 93  ? 2.898   -2.358  -15.193 1.00 16.49 ? 93  SER A OG  1 
ATOM 677  N N   . ASN A 1 94  ? 1.348   0.292   -14.862 1.00 21.20 ? 94  ASN A N   1 
ATOM 678  C CA  . ASN A 1 94  ? 1.372   1.420   -15.785 1.00 25.70 ? 94  ASN A CA  1 
ATOM 679  C C   . ASN A 1 94  ? 2.393   1.160   -16.913 1.00 26.63 ? 94  ASN A C   1 
ATOM 680  O O   . ASN A 1 94  ? 2.704   2.048   -17.704 1.00 26.87 ? 94  ASN A O   1 
ATOM 681  C CB  . ASN A 1 94  ? 1.744   2.714   -15.033 1.00 27.60 ? 94  ASN A CB  1 
ATOM 682  C CG  . ASN A 1 94  ? 3.196   2.752   -14.560 1.00 29.70 ? 94  ASN A CG  1 
ATOM 683  O OD1 . ASN A 1 94  ? 4.168   2.777   -15.332 1.00 33.09 ? 94  ASN A OD1 1 
ATOM 684  N ND2 . ASN A 1 94  ? 3.417   2.747   -13.254 1.00 29.68 ? 94  ASN A ND2 1 
ATOM 685  N N   . GLN A 1 95  ? 2.977   -0.037  -17.013 1.00 28.16 ? 95  GLN A N   1 
ATOM 686  C CA  . GLN A 1 95  ? 3.907   -0.314  -18.081 1.00 29.71 ? 95  GLN A CA  1 
ATOM 687  C C   . GLN A 1 95  ? 3.480   -1.497  -18.909 1.00 28.84 ? 95  GLN A C   1 
ATOM 688  O O   . GLN A 1 95  ? 4.250   -2.155  -19.600 1.00 30.22 ? 95  GLN A O   1 
ATOM 689  C CB  . GLN A 1 95  ? 5.229   -0.561  -17.489 1.00 33.40 ? 95  GLN A CB  1 
ATOM 690  C CG  . GLN A 1 95  ? 6.025   0.717   -17.492 1.00 38.25 ? 95  GLN A CG  1 
ATOM 691  C CD  . GLN A 1 95  ? 7.276   0.437   -16.713 1.00 40.99 ? 95  GLN A CD  1 
ATOM 692  O OE1 . GLN A 1 95  ? 8.108   -0.389  -17.117 1.00 42.02 ? 95  GLN A OE1 1 
ATOM 693  N NE2 . GLN A 1 95  ? 7.414   1.127   -15.576 1.00 43.13 ? 95  GLN A NE2 1 
ATOM 694  N N   . GLY A 1 96  ? 2.201   -1.799  -18.817 1.00 29.07 ? 96  GLY A N   1 
ATOM 695  C CA  . GLY A 1 96  ? 1.657   -2.882  -19.585 1.00 27.48 ? 96  GLY A CA  1 
ATOM 696  C C   . GLY A 1 96  ? 2.279   -4.254  -19.423 1.00 25.87 ? 96  GLY A C   1 
ATOM 697  O O   . GLY A 1 96  ? 2.694   -4.846  -20.419 1.00 26.53 ? 96  GLY A O   1 
ATOM 698  N N   . ASN A 1 97  ? 2.413   -4.697  -18.178 1.00 24.09 ? 97  ASN A N   1 
ATOM 699  C CA  . ASN A 1 97  ? 2.790   -6.064  -17.840 1.00 21.45 ? 97  ASN A CA  1 
ATOM 700  C C   . ASN A 1 97  ? 2.542   -6.231  -16.342 1.00 18.39 ? 97  ASN A C   1 
ATOM 701  O O   . ASN A 1 97  ? 3.343   -6.029  -15.426 1.00 14.37 ? 97  ASN A O   1 
ATOM 702  C CB  . ASN A 1 97  ? 4.246   -6.532  -18.073 1.00 23.00 ? 97  ASN A CB  1 
ATOM 703  C CG  . ASN A 1 97  ? 4.257   -8.087  -18.015 1.00 23.00 ? 97  ASN A CG  1 
ATOM 704  O OD1 . ASN A 1 97  ? 3.823   -8.753  -17.072 1.00 21.98 ? 97  ASN A OD1 1 
ATOM 705  N ND2 . ASN A 1 97  ? 4.750   -8.784  -19.027 1.00 23.88 ? 97  ASN A ND2 1 
ATOM 706  N N   . ASN A 1 98  ? 1.302   -6.617  -16.154 1.00 15.42 ? 98  ASN A N   1 
ATOM 707  C CA  . ASN A 1 98  ? 0.755   -6.856  -14.839 1.00 14.70 ? 98  ASN A CA  1 
ATOM 708  C C   . ASN A 1 98  ? 1.444   -7.976  -14.097 1.00 14.21 ? 98  ASN A C   1 
ATOM 709  O O   . ASN A 1 98  ? 1.829   -7.803  -12.947 1.00 14.87 ? 98  ASN A O   1 
ATOM 710  C CB  . ASN A 1 98  ? -0.724  -7.208  -14.937 1.00 13.79 ? 98  ASN A CB  1 
ATOM 711  C CG  . ASN A 1 98  ? -1.610  -6.068  -15.376 1.00 13.91 ? 98  ASN A CG  1 
ATOM 712  O OD1 . ASN A 1 98  ? -1.283  -4.872  -15.261 1.00 16.40 ? 98  ASN A OD1 1 
ATOM 713  N ND2 . ASN A 1 98  ? -2.757  -6.406  -15.919 1.00 13.52 ? 98  ASN A ND2 1 
ATOM 714  N N   . ASN A 1 99  ? 1.609   -9.148  -14.693 1.00 13.76 ? 99  ASN A N   1 
ATOM 715  C CA  . ASN A 1 99  ? 2.260   -10.254 -14.024 1.00 12.54 ? 99  ASN A CA  1 
ATOM 716  C C   . ASN A 1 99  ? 3.664   -9.894  -13.568 1.00 13.63 ? 99  ASN A C   1 
ATOM 717  O O   . ASN A 1 99  ? 4.022   -10.276 -12.451 1.00 14.35 ? 99  ASN A O   1 
ATOM 718  C CB  . ASN A 1 99  ? 2.308   -11.436 -14.952 1.00 11.64 ? 99  ASN A CB  1 
ATOM 719  C CG  . ASN A 1 99  ? 2.881   -12.657 -14.289 1.00 10.25 ? 99  ASN A CG  1 
ATOM 720  O OD1 . ASN A 1 99  ? 2.283   -13.255 -13.398 1.00 12.66 ? 99  ASN A OD1 1 
ATOM 721  N ND2 . ASN A 1 99  ? 4.035   -13.102 -14.717 1.00 10.36 ? 99  ASN A ND2 1 
ATOM 722  N N   . VAL A 1 100 ? 4.482   -9.164  -14.333 1.00 14.44 ? 100 VAL A N   1 
ATOM 723  C CA  . VAL A 1 100 ? 5.818   -8.828  -13.858 1.00 15.43 ? 100 VAL A CA  1 
ATOM 724  C C   . VAL A 1 100 ? 5.769   -7.852  -12.683 1.00 14.45 ? 100 VAL A C   1 
ATOM 725  O O   . VAL A 1 100 ? 6.548   -7.997  -11.735 1.00 13.63 ? 100 VAL A O   1 
ATOM 726  C CB  . VAL A 1 100 ? 6.635   -8.268  -15.032 1.00 14.81 ? 100 VAL A CB  1 
ATOM 727  C CG1 . VAL A 1 100 ? 7.963   -7.683  -14.600 1.00 15.29 ? 100 VAL A CG1 1 
ATOM 728  C CG2 . VAL A 1 100 ? 6.855   -9.440  -15.988 1.00 15.48 ? 100 VAL A CG2 1 
ATOM 729  N N   . PHE A 1 101 ? 4.846   -6.879  -12.768 1.00 13.83 ? 101 PHE A N   1 
ATOM 730  C CA  . PHE A 1 101 ? 4.582   -5.889  -11.742 1.00 12.68 ? 101 PHE A CA  1 
ATOM 731  C C   . PHE A 1 101 ? 4.144   -6.617  -10.465 1.00 8.72  ? 101 PHE A C   1 
ATOM 732  O O   . PHE A 1 101 ? 4.805   -6.512  -9.437  1.00 10.38 ? 101 PHE A O   1 
ATOM 733  C CB  . PHE A 1 101 ? 3.465   -4.967  -12.237 1.00 14.11 ? 101 PHE A CB  1 
ATOM 734  C CG  . PHE A 1 101 ? 3.130   -3.777  -11.338 1.00 16.30 ? 101 PHE A CG  1 
ATOM 735  C CD1 . PHE A 1 101 ? 4.125   -3.028  -10.733 1.00 17.46 ? 101 PHE A CD1 1 
ATOM 736  C CD2 . PHE A 1 101 ? 1.803   -3.432  -11.115 1.00 17.44 ? 101 PHE A CD2 1 
ATOM 737  C CE1 . PHE A 1 101 ? 3.804   -1.943  -9.922  1.00 17.75 ? 101 PHE A CE1 1 
ATOM 738  C CE2 . PHE A 1 101 ? 1.501   -2.354  -10.306 1.00 16.66 ? 101 PHE A CE2 1 
ATOM 739  C CZ  . PHE A 1 101 ? 2.493   -1.603  -9.706  1.00 17.36 ? 101 PHE A CZ  1 
ATOM 740  N N   . TRP A 1 102 ? 3.063   -7.373  -10.471 1.00 8.81  ? 102 TRP A N   1 
ATOM 741  C CA  . TRP A 1 102 ? 2.583   -8.065  -9.282  1.00 9.41  ? 102 TRP A CA  1 
ATOM 742  C C   . TRP A 1 102 ? 3.609   -9.072  -8.751  1.00 9.62  ? 102 TRP A C   1 
ATOM 743  O O   . TRP A 1 102 ? 3.768   -9.208  -7.527  1.00 8.72  ? 102 TRP A O   1 
ATOM 744  C CB  . TRP A 1 102 ? 1.228   -8.749  -9.603  1.00 7.41  ? 102 TRP A CB  1 
ATOM 745  C CG  . TRP A 1 102 ? 0.085   -7.786  -10.050 1.00 9.78  ? 102 TRP A CG  1 
ATOM 746  C CD1 . TRP A 1 102 ? -0.037  -6.449  -9.656  1.00 10.29 ? 102 TRP A CD1 1 
ATOM 747  C CD2 . TRP A 1 102 ? -0.940  -8.130  -10.888 1.00 8.37  ? 102 TRP A CD2 1 
ATOM 748  N NE1 . TRP A 1 102 ? -1.111  -5.985  -10.237 1.00 9.57  ? 102 TRP A NE1 1 
ATOM 749  C CE2 . TRP A 1 102 ? -1.676  -6.971  -10.973 1.00 9.47  ? 102 TRP A CE2 1 
ATOM 750  C CE3 . TRP A 1 102 ? -1.310  -9.262  -11.560 1.00 10.16 ? 102 TRP A CE3 1 
ATOM 751  C CZ2 . TRP A 1 102 ? -2.818  -6.944  -11.747 1.00 7.13  ? 102 TRP A CZ2 1 
ATOM 752  C CZ3 . TRP A 1 102 ? -2.455  -9.229  -12.329 1.00 10.27 ? 102 TRP A CZ3 1 
ATOM 753  C CH2 . TRP A 1 102 ? -3.201  -8.077  -12.414 1.00 8.90  ? 102 TRP A CH2 1 
ATOM 754  N N   . SER A 1 103 ? 4.352   -9.779  -9.616  1.00 10.67 ? 103 SER A N   1 
ATOM 755  C CA  . SER A 1 103 ? 5.360   -10.717 -9.123  1.00 12.25 ? 103 SER A CA  1 
ATOM 756  C C   . SER A 1 103 ? 6.443   -9.955  -8.358  1.00 13.44 ? 103 SER A C   1 
ATOM 757  O O   . SER A 1 103 ? 6.870   -10.443 -7.308  1.00 15.02 ? 103 SER A O   1 
ATOM 758  C CB  . SER A 1 103 ? 5.947   -11.483 -10.293 1.00 10.94 ? 103 SER A CB  1 
ATOM 759  O OG  . SER A 1 103 ? 4.942   -12.363 -10.801 1.00 13.88 ? 103 SER A OG  1 
ATOM 760  N N   . HIS A 1 104 ? 6.900   -8.780  -8.818  1.00 12.94 ? 104 HIS A N   1 
ATOM 761  C CA  . HIS A 1 104 ? 7.894   -7.975  -8.138  1.00 12.83 ? 104 HIS A CA  1 
ATOM 762  C C   . HIS A 1 104 ? 7.381   -7.519  -6.760  1.00 12.94 ? 104 HIS A C   1 
ATOM 763  O O   . HIS A 1 104 ? 8.120   -7.630  -5.769  1.00 9.38  ? 104 HIS A O   1 
ATOM 764  C CB  . HIS A 1 104 ? 8.239   -6.723  -8.970  1.00 13.81 ? 104 HIS A CB  1 
ATOM 765  C CG  . HIS A 1 104 ? 9.122   -5.693  -8.257  1.00 17.54 ? 104 HIS A CG  1 
ATOM 766  N ND1 . HIS A 1 104 ? 10.444  -5.674  -8.152  1.00 18.34 ? 104 HIS A ND1 1 
ATOM 767  C CD2 . HIS A 1 104 ? 8.670   -4.622  -7.493  1.00 20.16 ? 104 HIS A CD2 1 
ATOM 768  C CE1 . HIS A 1 104 ? 10.810  -4.672  -7.369  1.00 20.65 ? 104 HIS A CE1 1 
ATOM 769  N NE2 . HIS A 1 104 ? 9.728   -4.035  -6.967  1.00 20.29 ? 104 HIS A NE2 1 
ATOM 770  N N   . GLU A 1 105 ? 6.144   -6.975  -6.689  1.00 11.78 ? 105 GLU A N   1 
ATOM 771  C CA  . GLU A 1 105 ? 5.593   -6.513  -5.422  1.00 12.77 ? 105 GLU A CA  1 
ATOM 772  C C   . GLU A 1 105 ? 5.429   -7.654  -4.417  1.00 12.15 ? 105 GLU A C   1 
ATOM 773  O O   . GLU A 1 105 ? 5.712   -7.500  -3.226  1.00 12.44 ? 105 GLU A O   1 
ATOM 774  C CB  . GLU A 1 105 ? 4.269   -5.813  -5.712  1.00 13.01 ? 105 GLU A CB  1 
ATOM 775  C CG  . GLU A 1 105 ? 4.457   -4.518  -6.523  1.00 15.07 ? 105 GLU A CG  1 
ATOM 776  C CD  . GLU A 1 105 ? 5.293   -3.399  -5.894  1.00 16.49 ? 105 GLU A CD  1 
ATOM 777  O OE1 . GLU A 1 105 ? 5.269   -3.293  -4.667  1.00 14.73 ? 105 GLU A OE1 1 
ATOM 778  O OE2 . GLU A 1 105 ? 5.988   -2.628  -6.614  1.00 17.23 ? 105 GLU A OE2 1 
ATOM 779  N N   . TRP A 1 106 ? 4.977   -8.837  -4.837  1.00 11.92 ? 106 TRP A N   1 
ATOM 780  C CA  . TRP A 1 106 ? 4.866   -9.985  -3.963  1.00 11.81 ? 106 TRP A CA  1 
ATOM 781  C C   . TRP A 1 106 ? 6.270   -10.388 -3.502  1.00 11.82 ? 106 TRP A C   1 
ATOM 782  O O   . TRP A 1 106 ? 6.490   -10.381 -2.293  1.00 12.07 ? 106 TRP A O   1 
ATOM 783  C CB  . TRP A 1 106 ? 4.200   -11.253 -4.636  1.00 9.97  ? 106 TRP A CB  1 
ATOM 784  C CG  . TRP A 1 106 ? 4.435   -12.495 -3.765  1.00 9.03  ? 106 TRP A CG  1 
ATOM 785  C CD1 . TRP A 1 106 ? 5.338   -13.476 -4.132  1.00 8.02  ? 106 TRP A CD1 1 
ATOM 786  C CD2 . TRP A 1 106 ? 3.890   -12.695 -2.515  1.00 7.41  ? 106 TRP A CD2 1 
ATOM 787  N NE1 . TRP A 1 106 ? 5.367   -14.271 -3.091  1.00 10.10 ? 106 TRP A NE1 1 
ATOM 788  C CE2 . TRP A 1 106 ? 4.526   -13.847 -2.110  1.00 8.53  ? 106 TRP A CE2 1 
ATOM 789  C CE3 . TRP A 1 106 ? 2.986   -12.053 -1.696  1.00 6.19  ? 106 TRP A CE3 1 
ATOM 790  C CZ2 . TRP A 1 106 ? 4.242   -14.359 -0.862  1.00 6.50  ? 106 TRP A CZ2 1 
ATOM 791  C CZ3 . TRP A 1 106 ? 2.696   -12.554 -0.465  1.00 5.42  ? 106 TRP A CZ3 1 
ATOM 792  C CH2 . TRP A 1 106 ? 3.334   -13.706 -0.057  1.00 8.26  ? 106 TRP A CH2 1 
ATOM 793  N N   . SER A 1 107 ? 7.192   -10.745 -4.419  1.00 10.68 ? 107 SER A N   1 
ATOM 794  C CA  . SER A 1 107 ? 8.522   -11.211 -4.085  1.00 10.66 ? 107 SER A CA  1 
ATOM 795  C C   . SER A 1 107 ? 9.421   -10.369 -3.205  1.00 10.93 ? 107 SER A C   1 
ATOM 796  O O   . SER A 1 107 ? 10.119  -10.923 -2.360  1.00 13.66 ? 107 SER A O   1 
ATOM 797  C CB  . SER A 1 107 ? 9.207   -11.481 -5.400  1.00 9.49  ? 107 SER A CB  1 
ATOM 798  O OG  . SER A 1 107 ? 8.558   -12.593 -5.972  1.00 9.41  ? 107 SER A OG  1 
ATOM 799  N N   . LYS A 1 108 ? 9.413   -9.053  -3.413  1.00 12.02 ? 108 LYS A N   1 
ATOM 800  C CA  . LYS A 1 108 ? 10.208  -8.090  -2.694  1.00 11.04 ? 108 LYS A CA  1 
ATOM 801  C C   . LYS A 1 108 ? 9.558   -7.594  -1.451  1.00 11.48 ? 108 LYS A C   1 
ATOM 802  O O   . LYS A 1 108 ? 10.262  -7.395  -0.477  1.00 14.08 ? 108 LYS A O   1 
ATOM 803  C CB  . LYS A 1 108 ? 10.451  -6.882  -3.496  1.00 14.79 ? 108 LYS A CB  1 
ATOM 804  C CG  . LYS A 1 108 ? 11.766  -6.914  -4.185  1.00 20.29 ? 108 LYS A CG  1 
ATOM 805  C CD  . LYS A 1 108 ? 11.931  -8.071  -5.173  1.00 22.12 ? 108 LYS A CD  1 
ATOM 806  C CE  . LYS A 1 108 ? 13.329  -7.947  -5.801  1.00 24.48 ? 108 LYS A CE  1 
ATOM 807  N NZ  . LYS A 1 108 ? 13.360  -8.691  -7.044  1.00 28.01 ? 108 LYS A NZ  1 
ATOM 808  N N   . HIS A 1 109 ? 8.225   -7.404  -1.444  1.00 9.97  ? 109 HIS A N   1 
ATOM 809  C CA  . HIS A 1 109 ? 7.554   -6.823  -0.295  1.00 7.23  ? 109 HIS A CA  1 
ATOM 810  C C   . HIS A 1 109 ? 6.592   -7.732  0.396   1.00 6.53  ? 109 HIS A C   1 
ATOM 811  O O   . HIS A 1 109 ? 6.537   -7.773  1.625   1.00 6.75  ? 109 HIS A O   1 
ATOM 812  C CB  . HIS A 1 109 ? 6.843   -5.548  -0.752  1.00 5.42  ? 109 HIS A CB  1 
ATOM 813  C CG  . HIS A 1 109 ? 7.784   -4.508  -1.357  1.00 6.71  ? 109 HIS A CG  1 
ATOM 814  N ND1 . HIS A 1 109 ? 8.760   -3.821  -0.786  1.00 7.64  ? 109 HIS A ND1 1 
ATOM 815  C CD2 . HIS A 1 109 ? 7.776   -4.115  -2.667  1.00 5.83  ? 109 HIS A CD2 1 
ATOM 816  C CE1 . HIS A 1 109 ? 9.317   -3.043  -1.669  1.00 7.06  ? 109 HIS A CE1 1 
ATOM 817  N NE2 . HIS A 1 109 ? 8.717   -3.222  -2.800  1.00 5.88  ? 109 HIS A NE2 1 
ATOM 818  N N   . GLY A 1 110 ? 5.815   -8.480  -0.363  1.00 7.70  ? 110 GLY A N   1 
ATOM 819  C CA  . GLY A 1 110 ? 4.858   -9.407  0.207   1.00 8.13  ? 110 GLY A CA  1 
ATOM 820  C C   . GLY A 1 110 ? 5.492   -10.461 1.127   1.00 8.97  ? 110 GLY A C   1 
ATOM 821  O O   . GLY A 1 110 ? 4.924   -10.766 2.192   1.00 8.53  ? 110 GLY A O   1 
ATOM 822  N N   . THR A 1 111 ? 6.659   -11.021 0.749   1.00 8.51  ? 111 THR A N   1 
ATOM 823  C CA  . THR A 1 111 ? 7.353   -12.037 1.556   1.00 9.93  ? 111 THR A CA  1 
ATOM 824  C C   . THR A 1 111 ? 7.805   -11.499 2.912   1.00 8.62  ? 111 THR A C   1 
ATOM 825  O O   . THR A 1 111 ? 7.997   -12.263 3.841   1.00 10.67 ? 111 THR A O   1 
ATOM 826  C CB  . THR A 1 111 ? 8.577   -12.595 0.750   1.00 7.53  ? 111 THR A CB  1 
ATOM 827  O OG1 . THR A 1 111 ? 9.320   -11.499 0.275   1.00 6.95  ? 111 THR A OG1 1 
ATOM 828  C CG2 . THR A 1 111 ? 8.167   -13.422 -0.451  1.00 9.65  ? 111 THR A CG2 1 
ATOM 829  N N   . CYS A 1 112 ? 7.940   -10.182 3.029   1.00 11.55 ? 112 CYS A N   1 
ATOM 830  C CA  . CYS A 1 112 ? 8.358   -9.489  4.225   1.00 11.01 ? 112 CYS A CA  1 
ATOM 831  C C   . CYS A 1 112 ? 7.220   -9.203  5.196   1.00 11.87 ? 112 CYS A C   1 
ATOM 832  O O   . CYS A 1 112 ? 7.473   -8.520  6.186   1.00 13.19 ? 112 CYS A O   1 
ATOM 833  C CB  . CYS A 1 112 ? 9.066   -8.195  3.816   1.00 13.16 ? 112 CYS A CB  1 
ATOM 834  S SG  . CYS A 1 112 ? 10.609  -8.347  2.853   1.00 14.81 ? 112 CYS A SG  1 
ATOM 835  N N   . VAL A 1 113 ? 5.938   -9.634  4.984   1.00 12.31 ? 113 VAL A N   1 
ATOM 836  C CA  . VAL A 1 113 ? 4.885   -9.429  5.981   1.00 9.95  ? 113 VAL A CA  1 
ATOM 837  C C   . VAL A 1 113 ? 4.789   -10.766 6.751   1.00 10.57 ? 113 VAL A C   1 
ATOM 838  O O   . VAL A 1 113 ? 4.247   -11.764 6.280   1.00 9.44  ? 113 VAL A O   1 
ATOM 839  C CB  . VAL A 1 113 ? 3.525   -9.090  5.356   1.00 9.32  ? 113 VAL A CB  1 
ATOM 840  C CG1 . VAL A 1 113 ? 2.479   -8.932  6.490   1.00 5.98  ? 113 VAL A CG1 1 
ATOM 841  C CG2 . VAL A 1 113 ? 3.624   -7.763  4.587   1.00 7.67  ? 113 VAL A CG2 1 
ATOM 842  N N   . SER A 1 114 ? 5.298   -10.816 7.992   1.00 11.39 ? 114 SER A N   1 
ATOM 843  C CA  . SER A 1 114 ? 5.326   -12.048 8.750   1.00 7.81  ? 114 SER A CA  1 
ATOM 844  C C   . SER A 1 114 ? 4.034   -12.621 9.206   1.00 10.85 ? 114 SER A C   1 
ATOM 845  O O   . SER A 1 114 ? 4.002   -13.824 9.478   1.00 9.55  ? 114 SER A O   1 
ATOM 846  C CB  . SER A 1 114 ? 6.215   -11.862 9.948   1.00 8.79  ? 114 SER A CB  1 
ATOM 847  O OG  . SER A 1 114 ? 5.813   -10.682 10.591  1.00 9.50  ? 114 SER A OG  1 
ATOM 848  N N   . THR A 1 115 ? 2.952   -11.839 9.292   1.00 10.27 ? 115 THR A N   1 
ATOM 849  C CA  . THR A 1 115 ? 1.649   -12.410 9.668   1.00 13.01 ? 115 THR A CA  1 
ATOM 850  C C   . THR A 1 115 ? 1.100   -13.339 8.550   1.00 14.60 ? 115 THR A C   1 
ATOM 851  O O   . THR A 1 115 ? 0.216   -14.172 8.791   1.00 14.84 ? 115 THR A O   1 
ATOM 852  C CB  . THR A 1 115 ? 0.657   -11.249 9.968   1.00 13.71 ? 115 THR A CB  1 
ATOM 853  O OG1 . THR A 1 115 ? 0.577   -10.440 8.807   1.00 12.02 ? 115 THR A OG1 1 
ATOM 854  C CG2 . THR A 1 115 ? 1.163   -10.327 11.116  1.00 13.81 ? 115 THR A CG2 1 
ATOM 855  N N   . TYR A 1 116 ? 1.595   -13.238 7.306   1.00 14.21 ? 116 TYR A N   1 
ATOM 856  C CA  . TYR A 1 116 ? 1.123   -14.101 6.234   1.00 14.84 ? 116 TYR A CA  1 
ATOM 857  C C   . TYR A 1 116 ? 2.092   -15.241 5.979   1.00 14.23 ? 116 TYR A C   1 
ATOM 858  O O   . TYR A 1 116 ? 1.940   -15.931 4.969   1.00 12.55 ? 116 TYR A O   1 
ATOM 859  C CB  . TYR A 1 116 ? 0.913   -13.319 4.919   1.00 14.76 ? 116 TYR A CB  1 
ATOM 860  C CG  . TYR A 1 116 ? -0.056  -12.148 5.069   1.00 16.72 ? 116 TYR A CG  1 
ATOM 861  C CD1 . TYR A 1 116 ? -1.239  -12.297 5.788   1.00 18.66 ? 116 TYR A CD1 1 
ATOM 862  C CD2 . TYR A 1 116 ? 0.237   -10.911 4.520   1.00 17.21 ? 116 TYR A CD2 1 
ATOM 863  C CE1 . TYR A 1 116 ? -2.119  -11.253 5.979   1.00 17.30 ? 116 TYR A CE1 1 
ATOM 864  C CE2 . TYR A 1 116 ? -0.636  -9.857  4.700   1.00 16.53 ? 116 TYR A CE2 1 
ATOM 865  C CZ  . TYR A 1 116 ? -1.795  -10.049 5.430   1.00 17.59 ? 116 TYR A CZ  1 
ATOM 866  O OH  . TYR A 1 116 ? -2.649  -8.995  5.657   1.00 19.98 ? 116 TYR A OH  1 
ATOM 867  N N   . ASP A 1 117 ? 3.099   -15.480 6.845   1.00 16.18 ? 117 ASP A N   1 
ATOM 868  C CA  . ASP A 1 117 ? 4.049   -16.580 6.681   1.00 16.58 ? 117 ASP A CA  1 
ATOM 869  C C   . ASP A 1 117 ? 3.177   -17.834 6.742   1.00 15.17 ? 117 ASP A C   1 
ATOM 870  O O   . ASP A 1 117 ? 2.220   -17.895 7.548   1.00 15.23 ? 117 ASP A O   1 
ATOM 871  C CB  . ASP A 1 117 ? 5.045   -16.626 7.819   1.00 18.45 ? 117 ASP A CB  1 
ATOM 872  C CG  . ASP A 1 117 ? 6.127   -17.710 7.831   1.00 20.99 ? 117 ASP A CG  1 
ATOM 873  O OD1 . ASP A 1 117 ? 6.092   -18.697 7.099   1.00 21.52 ? 117 ASP A OD1 1 
ATOM 874  O OD2 . ASP A 1 117 ? 7.025   -17.566 8.649   1.00 24.13 ? 117 ASP A OD2 1 
ATOM 875  N N   . PRO A 1 118 ? 3.394   -18.853 5.923   1.00 14.04 ? 118 PRO A N   1 
ATOM 876  C CA  . PRO A 1 118 ? 2.593   -20.057 5.955   1.00 14.93 ? 118 PRO A CA  1 
ATOM 877  C C   . PRO A 1 118 ? 2.540   -20.745 7.318   1.00 15.94 ? 118 PRO A C   1 
ATOM 878  O O   . PRO A 1 118 ? 1.541   -21.398 7.620   1.00 14.82 ? 118 PRO A O   1 
ATOM 879  C CB  . PRO A 1 118 ? 3.195   -20.871 4.868   1.00 15.09 ? 118 PRO A CB  1 
ATOM 880  C CG  . PRO A 1 118 ? 3.512   -19.784 3.859   1.00 15.25 ? 118 PRO A CG  1 
ATOM 881  C CD  . PRO A 1 118 ? 4.214   -18.814 4.731   1.00 12.34 ? 118 PRO A CD  1 
ATOM 882  N N   . ASP A 1 119 ? 3.547   -20.591 8.183   1.00 18.36 ? 119 ASP A N   1 
ATOM 883  C CA  . ASP A 1 119 ? 3.490   -21.227 9.485   1.00 21.08 ? 119 ASP A CA  1 
ATOM 884  C C   . ASP A 1 119 ? 2.493   -20.570 10.434  1.00 20.46 ? 119 ASP A C   1 
ATOM 885  O O   . ASP A 1 119 ? 2.177   -21.058 11.521  1.00 20.12 ? 119 ASP A O   1 
ATOM 886  C CB  . ASP A 1 119 ? 4.914   -21.249 10.001  1.00 21.61 ? 119 ASP A CB  1 
ATOM 887  C CG  . ASP A 1 119 ? 5.713   -22.349 9.280   1.00 25.11 ? 119 ASP A CG  1 
ATOM 888  O OD1 . ASP A 1 119 ? 5.190   -23.334 8.737   1.00 25.90 ? 119 ASP A OD1 1 
ATOM 889  O OD2 . ASP A 1 119 ? 6.937   -22.300 9.256   1.00 26.93 ? 119 ASP A OD2 1 
ATOM 890  N N   . CYS A 1 120 ? 1.947   -19.417 10.042  1.00 19.89 ? 120 CYS A N   1 
ATOM 891  C CA  . CYS A 1 120 ? 0.950   -18.737 10.836  1.00 20.28 ? 120 CYS A CA  1 
ATOM 892  C C   . CYS A 1 120 ? -0.445  -19.304 10.571  1.00 21.27 ? 120 CYS A C   1 
ATOM 893  O O   . CYS A 1 120 ? -1.364  -19.061 11.366  1.00 22.40 ? 120 CYS A O   1 
ATOM 894  C CB  . CYS A 1 120 ? 0.955   -17.234 10.517  1.00 18.03 ? 120 CYS A CB  1 
ATOM 895  S SG  . CYS A 1 120 ? 2.610   -16.541 10.712  1.00 20.65 ? 120 CYS A SG  1 
ATOM 896  N N   . TYR A 1 121 ? -0.672  -20.043 9.485   1.00 23.27 ? 121 TYR A N   1 
ATOM 897  C CA  . TYR A 1 121 ? -1.998  -20.542 9.188   1.00 27.22 ? 121 TYR A CA  1 
ATOM 898  C C   . TYR A 1 121 ? -2.116  -21.919 9.834   1.00 31.97 ? 121 TYR A C   1 
ATOM 899  O O   . TYR A 1 121 ? -1.284  -22.803 9.602   1.00 33.40 ? 121 TYR A O   1 
ATOM 900  C CB  . TYR A 1 121 ? -2.209  -20.624 7.666   1.00 22.63 ? 121 TYR A CB  1 
ATOM 901  C CG  . TYR A 1 121 ? -2.175  -19.282 6.931   1.00 19.03 ? 121 TYR A CG  1 
ATOM 902  C CD1 . TYR A 1 121 ? -3.314  -18.525 6.811   1.00 17.33 ? 121 TYR A CD1 1 
ATOM 903  C CD2 . TYR A 1 121 ? -0.981  -18.809 6.419   1.00 18.66 ? 121 TYR A CD2 1 
ATOM 904  C CE1 . TYR A 1 121 ? -3.252  -17.283 6.187   1.00 18.15 ? 121 TYR A CE1 1 
ATOM 905  C CE2 . TYR A 1 121 ? -0.900  -17.584 5.798   1.00 16.07 ? 121 TYR A CE2 1 
ATOM 906  C CZ  . TYR A 1 121 ? -2.046  -16.819 5.694   1.00 16.70 ? 121 TYR A CZ  1 
ATOM 907  O OH  . TYR A 1 121 ? -1.966  -15.553 5.167   1.00 17.63 ? 121 TYR A OH  1 
ATOM 908  N N   . ASP A 1 122 ? -3.153  -22.139 10.641  1.00 36.62 ? 122 ASP A N   1 
ATOM 909  C CA  . ASP A 1 122 ? -3.285  -23.422 11.316  1.00 40.90 ? 122 ASP A CA  1 
ATOM 910  C C   . ASP A 1 122 ? -3.755  -24.544 10.398  1.00 42.06 ? 122 ASP A C   1 
ATOM 911  O O   . ASP A 1 122 ? -3.829  -25.705 10.854  1.00 43.55 ? 122 ASP A O   1 
ATOM 912  C CB  . ASP A 1 122 ? -4.260  -23.312 12.489  1.00 42.37 ? 122 ASP A CB  1 
ATOM 913  C CG  . ASP A 1 122 ? -5.667  -23.163 11.962  1.00 43.78 ? 122 ASP A CG  1 
ATOM 914  O OD1 . ASP A 1 122 ? -5.951  -22.113 11.405  1.00 43.68 ? 122 ASP A OD1 1 
ATOM 915  O OD2 . ASP A 1 122 ? -6.435  -24.128 12.037  1.00 45.64 ? 122 ASP A OD2 1 
ATOM 916  N N   . ASN A 1 123 ? -4.107  -24.171 9.151   1.00 41.55 ? 123 ASN A N   1 
ATOM 917  C CA  . ASN A 1 123 ? -4.536  -25.115 8.126   1.00 41.33 ? 123 ASN A CA  1 
ATOM 918  C C   . ASN A 1 123 ? -4.316  -24.450 6.776   1.00 39.00 ? 123 ASN A C   1 
ATOM 919  O O   . ASN A 1 123 ? -5.240  -23.971 6.112   1.00 38.32 ? 123 ASN A O   1 
ATOM 920  C CB  . ASN A 1 123 ? -6.035  -25.494 8.326   1.00 45.10 ? 123 ASN A CB  1 
ATOM 921  C CG  . ASN A 1 123 ? -6.175  -26.831 9.063   1.00 47.46 ? 123 ASN A CG  1 
ATOM 922  O OD1 . ASN A 1 123 ? -6.008  -27.898 8.454   1.00 48.93 ? 123 ASN A OD1 1 
ATOM 923  N ND2 . ASN A 1 123 ? -6.413  -26.820 10.377  1.00 47.52 ? 123 ASN A ND2 1 
ATOM 924  N N   . TYR A 1 124 ? -3.037  -24.437 6.397   1.00 34.62 ? 124 TYR A N   1 
ATOM 925  C CA  . TYR A 1 124 ? -2.638  -23.792 5.161   1.00 32.06 ? 124 TYR A CA  1 
ATOM 926  C C   . TYR A 1 124 ? -2.712  -24.568 3.859   1.00 33.58 ? 124 TYR A C   1 
ATOM 927  O O   . TYR A 1 124 ? -2.265  -25.724 3.796   1.00 33.07 ? 124 TYR A O   1 
ATOM 928  C CB  . TYR A 1 124 ? -1.205  -23.271 5.340   1.00 26.73 ? 124 TYR A CB  1 
ATOM 929  C CG  . TYR A 1 124 ? -0.573  -22.563 4.158   1.00 21.26 ? 124 TYR A CG  1 
ATOM 930  C CD1 . TYR A 1 124 ? 0.096   -23.316 3.235   1.00 20.78 ? 124 TYR A CD1 1 
ATOM 931  C CD2 . TYR A 1 124 ? -0.667  -21.209 3.991   1.00 19.08 ? 124 TYR A CD2 1 
ATOM 932  C CE1 . TYR A 1 124 ? 0.650   -22.741 2.136   1.00 19.11 ? 124 TYR A CE1 1 
ATOM 933  C CE2 . TYR A 1 124 ? -0.111  -20.623 2.895   1.00 16.71 ? 124 TYR A CE2 1 
ATOM 934  C CZ  . TYR A 1 124 ? 0.546   -21.399 1.984   1.00 16.81 ? 124 TYR A CZ  1 
ATOM 935  O OH  . TYR A 1 124 ? 1.107   -20.893 0.849   1.00 16.33 ? 124 TYR A OH  1 
ATOM 936  N N   . GLU A 1 125 ? -3.232  -23.877 2.828   1.00 35.16 ? 125 GLU A N   1 
ATOM 937  C CA  . GLU A 1 125 ? -3.344  -24.357 1.445   1.00 36.13 ? 125 GLU A CA  1 
ATOM 938  C C   . GLU A 1 125 ? -2.603  -23.305 0.616   1.00 34.60 ? 125 GLU A C   1 
ATOM 939  O O   . GLU A 1 125 ? -2.741  -22.087 0.792   1.00 33.73 ? 125 GLU A O   1 
ATOM 940  C CB  . GLU A 1 125 ? -4.771  -24.440 0.967   1.00 38.72 ? 125 GLU A CB  1 
ATOM 941  C CG  . GLU A 1 125 ? -5.717  -23.557 1.750   1.00 42.79 ? 125 GLU A CG  1 
ATOM 942  C CD  . GLU A 1 125 ? -7.140  -23.703 1.263   1.00 46.56 ? 125 GLU A CD  1 
ATOM 943  O OE1 . GLU A 1 125 ? -7.751  -24.731 1.595   1.00 46.89 ? 125 GLU A OE1 1 
ATOM 944  O OE2 . GLU A 1 125 ? -7.593  -22.796 0.520   1.00 48.58 ? 125 GLU A OE2 1 
ATOM 945  N N   . GLU A 1 126 ? -1.787  -23.829 -0.298  1.00 32.82 ? 126 GLU A N   1 
ATOM 946  C CA  . GLU A 1 126 ? -0.930  -23.058 -1.174  1.00 32.89 ? 126 GLU A CA  1 
ATOM 947  C C   . GLU A 1 126 ? -1.531  -21.818 -1.788  1.00 31.05 ? 126 GLU A C   1 
ATOM 948  O O   . GLU A 1 126 ? -2.632  -21.878 -2.350  1.00 33.64 ? 126 GLU A O   1 
ATOM 949  C CB  . GLU A 1 126 ? -0.400  -23.985 -2.266  1.00 35.89 ? 126 GLU A CB  1 
ATOM 950  C CG  . GLU A 1 126 ? -1.278  -25.130 -2.787  1.00 41.98 ? 126 GLU A CG  1 
ATOM 951  C CD  . GLU A 1 126 ? -1.140  -25.470 -4.274  1.00 45.23 ? 126 GLU A CD  1 
ATOM 952  O OE1 . GLU A 1 126 ? -0.578  -24.724 -5.087  1.00 46.64 ? 126 GLU A OE1 1 
ATOM 953  O OE2 . GLU A 1 126 ? -1.662  -26.491 -4.731  1.00 46.97 ? 126 GLU A OE2 1 
ATOM 954  N N   . GLY A 1 127 ? -0.883  -20.666 -1.671  1.00 27.00 ? 127 GLY A N   1 
ATOM 955  C CA  . GLY A 1 127 ? -1.455  -19.474 -2.257  1.00 24.14 ? 127 GLY A CA  1 
ATOM 956  C C   . GLY A 1 127 ? -2.333  -18.701 -1.288  1.00 21.22 ? 127 GLY A C   1 
ATOM 957  O O   . GLY A 1 127 ? -2.898  -17.663 -1.625  1.00 20.76 ? 127 GLY A O   1 
ATOM 958  N N   . GLU A 1 128 ? -2.495  -19.159 -0.066  1.00 19.27 ? 128 GLU A N   1 
ATOM 959  C CA  . GLU A 1 128 ? -3.281  -18.460 0.918   1.00 19.22 ? 128 GLU A CA  1 
ATOM 960  C C   . GLU A 1 128 ? -2.693  -17.131 1.325   1.00 17.70 ? 128 GLU A C   1 
ATOM 961  O O   . GLU A 1 128 ? -3.340  -16.094 1.410   1.00 19.70 ? 128 GLU A O   1 
ATOM 962  C CB  . GLU A 1 128 ? -3.360  -19.273 2.093   1.00 21.91 ? 128 GLU A CB  1 
ATOM 963  C CG  . GLU A 1 128 ? -4.712  -19.255 2.693   1.00 24.16 ? 128 GLU A CG  1 
ATOM 964  C CD  . GLU A 1 128 ? -4.706  -20.260 3.827   1.00 26.58 ? 128 GLU A CD  1 
ATOM 965  O OE1 . GLU A 1 128 ? -4.042  -21.287 3.727   1.00 28.22 ? 128 GLU A OE1 1 
ATOM 966  O OE2 . GLU A 1 128 ? -5.380  -20.031 4.811   1.00 28.61 ? 128 GLU A OE2 1 
ATOM 967  N N   . ASP A 1 129 ? -1.411  -17.179 1.559   1.00 14.55 ? 129 ASP A N   1 
ATOM 968  C CA  . ASP A 1 129 ? -0.669  -16.013 1.958   1.00 14.09 ? 129 ASP A CA  1 
ATOM 969  C C   . ASP A 1 129 ? -0.650  -14.937 0.903   1.00 11.53 ? 129 ASP A C   1 
ATOM 970  O O   . ASP A 1 129 ? -0.804  -13.769 1.218   1.00 9.07  ? 129 ASP A O   1 
ATOM 971  C CB  . ASP A 1 129 ? 0.732   -16.475 2.316   1.00 14.00 ? 129 ASP A CB  1 
ATOM 972  C CG  . ASP A 1 129 ? 1.473   -17.369 1.333   1.00 14.29 ? 129 ASP A CG  1 
ATOM 973  O OD1 . ASP A 1 129 ? 0.858   -18.159 0.600   1.00 15.27 ? 129 ASP A OD1 1 
ATOM 974  O OD2 . ASP A 1 129 ? 2.705   -17.280 1.305   1.00 13.37 ? 129 ASP A OD2 1 
ATOM 975  N N   . ILE A 1 130 ? -0.441  -15.313 -0.357  1.00 11.42 ? 130 ILE A N   1 
ATOM 976  C CA  . ILE A 1 130 ? -0.415  -14.389 -1.486  1.00 11.41 ? 130 ILE A CA  1 
ATOM 977  C C   . ILE A 1 130 ? -1.739  -13.623 -1.620  1.00 11.37 ? 130 ILE A C   1 
ATOM 978  O O   . ILE A 1 130 ? -1.742  -12.397 -1.724  1.00 13.12 ? 130 ILE A O   1 
ATOM 979  C CB  . ILE A 1 130 ? -0.055  -15.252 -2.711  1.00 11.65 ? 130 ILE A CB  1 
ATOM 980  C CG1 . ILE A 1 130 ? 1.413   -15.620 -2.561  1.00 10.09 ? 130 ILE A CG1 1 
ATOM 981  C CG2 . ILE A 1 130 ? -0.357  -14.551 -4.034  1.00 12.23 ? 130 ILE A CG2 1 
ATOM 982  C CD1 . ILE A 1 130 ? 1.890   -16.717 -3.478  1.00 9.42  ? 130 ILE A CD1 1 
ATOM 983  N N   . VAL A 1 131 ? -2.888  -14.301 -1.597  1.00 12.03 ? 131 VAL A N   1 
ATOM 984  C CA  . VAL A 1 131 ? -4.204  -13.685 -1.690  1.00 11.40 ? 131 VAL A CA  1 
ATOM 985  C C   . VAL A 1 131 ? -4.459  -12.780 -0.481  1.00 9.85  ? 131 VAL A C   1 
ATOM 986  O O   . VAL A 1 131 ? -4.972  -11.684 -0.652  1.00 8.76  ? 131 VAL A O   1 
ATOM 987  C CB  . VAL A 1 131 ? -5.259  -14.839 -1.854  1.00 10.78 ? 131 VAL A CB  1 
ATOM 988  C CG1 . VAL A 1 131 ? -6.644  -14.233 -1.938  1.00 14.04 ? 131 VAL A CG1 1 
ATOM 989  C CG2 . VAL A 1 131 ? -5.080  -15.588 -3.172  1.00 9.60  ? 131 VAL A CG2 1 
ATOM 990  N N   . ASP A 1 132 ? -4.142  -13.159 0.755   1.00 13.86 ? 132 ASP A N   1 
ATOM 991  C CA  . ASP A 1 132 ? -4.309  -12.329 1.960   1.00 14.81 ? 132 ASP A CA  1 
ATOM 992  C C   . ASP A 1 132 ? -3.636  -10.995 1.774   1.00 12.64 ? 132 ASP A C   1 
ATOM 993  O O   . ASP A 1 132 ? -4.252  -9.964  2.036   1.00 12.58 ? 132 ASP A O   1 
ATOM 994  C CB  . ASP A 1 132 ? -3.687  -12.973 3.249   1.00 17.60 ? 132 ASP A CB  1 
ATOM 995  C CG  . ASP A 1 132 ? -4.605  -13.902 4.042   1.00 21.59 ? 132 ASP A CG  1 
ATOM 996  O OD1 . ASP A 1 132 ? -5.512  -14.476 3.435   1.00 21.98 ? 132 ASP A OD1 1 
ATOM 997  O OD2 . ASP A 1 132 ? -4.451  -14.018 5.273   1.00 24.42 ? 132 ASP A OD2 1 
ATOM 998  N N   . TYR A 1 133 ? -2.385  -11.031 1.312   1.00 10.77 ? 133 TYR A N   1 
ATOM 999  C CA  . TYR A 1 133 ? -1.592  -9.824  1.063   1.00 11.06 ? 133 TYR A CA  1 
ATOM 1000 C C   . TYR A 1 133 ? -2.199  -8.923  -0.019  1.00 10.17 ? 133 TYR A C   1 
ATOM 1001 O O   . TYR A 1 133 ? -2.417  -7.732  0.230   1.00 10.11 ? 133 TYR A O   1 
ATOM 1002 C CB  . TYR A 1 133 ? -0.143  -10.231 0.654   1.00 9.16  ? 133 TYR A CB  1 
ATOM 1003 C CG  . TYR A 1 133 ? 0.769   -9.072  0.229   1.00 8.35  ? 133 TYR A CG  1 
ATOM 1004 C CD1 . TYR A 1 133 ? 1.216   -8.172  1.175   1.00 7.86  ? 133 TYR A CD1 1 
ATOM 1005 C CD2 . TYR A 1 133 ? 1.075   -8.891  -1.111  1.00 6.77  ? 133 TYR A CD2 1 
ATOM 1006 C CE1 . TYR A 1 133 ? 2.000   -7.097  0.757   1.00 9.61  ? 133 TYR A CE1 1 
ATOM 1007 C CE2 . TYR A 1 133 ? 1.852   -7.815  -1.522  1.00 7.59  ? 133 TYR A CE2 1 
ATOM 1008 C CZ  . TYR A 1 133 ? 2.302   -6.909  -0.587  1.00 8.92  ? 133 TYR A CZ  1 
ATOM 1009 O OH  . TYR A 1 133 ? 3.088   -5.850  -0.993  1.00 10.70 ? 133 TYR A OH  1 
ATOM 1010 N N   . PHE A 1 134 ? -2.468  -9.422  -1.231  1.00 9.23  ? 134 PHE A N   1 
ATOM 1011 C CA  . PHE A 1 134 ? -3.049  -8.607  -2.298  1.00 9.16  ? 134 PHE A CA  1 
ATOM 1012 C C   . PHE A 1 134 ? -4.414  -8.103  -1.830  1.00 8.78  ? 134 PHE A C   1 
ATOM 1013 O O   . PHE A 1 134 ? -4.720  -6.926  -2.013  1.00 8.66  ? 134 PHE A O   1 
ATOM 1014 C CB  . PHE A 1 134 ? -3.079  -9.489  -3.557  1.00 9.54  ? 134 PHE A CB  1 
ATOM 1015 C CG  . PHE A 1 134 ? -1.682  -9.481  -4.215  1.00 9.58  ? 134 PHE A CG  1 
ATOM 1016 C CD1 . PHE A 1 134 ? -1.314  -8.422  -5.017  1.00 10.09 ? 134 PHE A CD1 1 
ATOM 1017 C CD2 . PHE A 1 134 ? -0.761  -10.509 -4.017  1.00 10.62 ? 134 PHE A CD2 1 
ATOM 1018 C CE1 . PHE A 1 134 ? -0.066  -8.364  -5.616  1.00 10.53 ? 134 PHE A CE1 1 
ATOM 1019 C CE2 . PHE A 1 134 ? 0.487   -10.449 -4.621  1.00 10.82 ? 134 PHE A CE2 1 
ATOM 1020 C CZ  . PHE A 1 134 ? 0.841   -9.374  -5.425  1.00 11.74 ? 134 PHE A CZ  1 
ATOM 1021 N N   . GLN A 1 135 ? -5.231  -8.903  -1.141  1.00 8.73  ? 135 GLN A N   1 
ATOM 1022 C CA  . GLN A 1 135 ? -6.496  -8.421  -0.660  1.00 11.24 ? 135 GLN A CA  1 
ATOM 1023 C C   . GLN A 1 135 ? -6.317  -7.339  0.411   1.00 11.46 ? 135 GLN A C   1 
ATOM 1024 O O   . GLN A 1 135 ? -7.007  -6.329  0.325   1.00 9.60  ? 135 GLN A O   1 
ATOM 1025 C CB  . GLN A 1 135 ? -7.246  -9.612  -0.163  1.00 13.76 ? 135 GLN A CB  1 
ATOM 1026 C CG  . GLN A 1 135 ? -8.665  -9.334  0.290   1.00 15.59 ? 135 GLN A CG  1 
ATOM 1027 C CD  . GLN A 1 135 ? -9.517  -8.855  -0.861  1.00 17.49 ? 135 GLN A CD  1 
ATOM 1028 O OE1 . GLN A 1 135 ? -9.866  -9.653  -1.730  1.00 20.65 ? 135 GLN A OE1 1 
ATOM 1029 N NE2 . GLN A 1 135 ? -9.890  -7.582  -0.931  1.00 19.67 ? 135 GLN A NE2 1 
ATOM 1030 N N   . LYS A 1 136 ? -5.400  -7.455  1.394   1.00 11.55 ? 136 LYS A N   1 
ATOM 1031 C CA  . LYS A 1 136 ? -5.197  -6.437  2.408   1.00 10.36 ? 136 LYS A CA  1 
ATOM 1032 C C   . LYS A 1 136 ? -4.849  -5.147  1.742   1.00 8.49  ? 136 LYS A C   1 
ATOM 1033 O O   . LYS A 1 136 ? -5.407  -4.135  2.128   1.00 10.62 ? 136 LYS A O   1 
ATOM 1034 C CB  . LYS A 1 136 ? -4.057  -6.762  3.391   1.00 10.56 ? 136 LYS A CB  1 
ATOM 1035 C CG  . LYS A 1 136 ? -4.133  -6.041  4.779   1.00 12.36 ? 136 LYS A CG  1 
ATOM 1036 C CD  . LYS A 1 136 ? -5.521  -5.487  5.155   1.00 12.53 ? 136 LYS A CD  1 
ATOM 1037 C CE  . LYS A 1 136 ? -5.876  -5.115  6.596   1.00 15.06 ? 136 LYS A CE  1 
ATOM 1038 N NZ  . LYS A 1 136 ? -6.275  -6.296  7.330   1.00 15.17 ? 136 LYS A NZ  1 
ATOM 1039 N N   . ALA A 1 137 ? -3.978  -5.095  0.751   1.00 8.29  ? 137 ALA A N   1 
ATOM 1040 C CA  . ALA A 1 137 ? -3.646  -3.850  0.095   1.00 9.67  ? 137 ALA A CA  1 
ATOM 1041 C C   . ALA A 1 137 ? -4.791  -3.225  -0.672  1.00 9.77  ? 137 ALA A C   1 
ATOM 1042 O O   . ALA A 1 137 ? -4.968  -2.002  -0.656  1.00 12.52 ? 137 ALA A O   1 
ATOM 1043 C CB  . ALA A 1 137 ? -2.516  -4.076  -0.860  1.00 8.92  ? 137 ALA A CB  1 
ATOM 1044 N N   . MET A 1 138 ? -5.585  -4.020  -1.376  1.00 10.01 ? 138 MET A N   1 
ATOM 1045 C CA  . MET A 1 138 ? -6.720  -3.507  -2.119  1.00 12.67 ? 138 MET A CA  1 
ATOM 1046 C C   . MET A 1 138 ? -7.707  -2.845  -1.170  1.00 13.74 ? 138 MET A C   1 
ATOM 1047 O O   . MET A 1 138 ? -8.209  -1.749  -1.446  1.00 15.50 ? 138 MET A O   1 
ATOM 1048 C CB  . MET A 1 138 ? -7.418  -4.618  -2.859  1.00 12.08 ? 138 MET A CB  1 
ATOM 1049 C CG  . MET A 1 138 ? -6.648  -5.057  -4.090  1.00 14.74 ? 138 MET A CG  1 
ATOM 1050 S SD  . MET A 1 138 ? -6.658  -3.887  -5.462  1.00 15.03 ? 138 MET A SD  1 
ATOM 1051 C CE  . MET A 1 138 ? -8.407  -3.896  -5.696  1.00 17.23 ? 138 MET A CE  1 
ATOM 1052 N N   . ASP A 1 139 ? -7.951  -3.496  -0.045  1.00 15.89 ? 139 ASP A N   1 
ATOM 1053 C CA  . ASP A 1 139 ? -8.836  -2.963  0.988   1.00 15.74 ? 139 ASP A CA  1 
ATOM 1054 C C   . ASP A 1 139 ? -8.357  -1.627  1.511   1.00 14.51 ? 139 ASP A C   1 
ATOM 1055 O O   . ASP A 1 139 ? -9.146  -0.679  1.656   1.00 14.35 ? 139 ASP A O   1 
ATOM 1056 C CB  . ASP A 1 139 ? -8.936  -3.946  2.137   1.00 15.80 ? 139 ASP A CB  1 
ATOM 1057 C CG  . ASP A 1 139 ? -9.863  -5.110  1.897   1.00 19.09 ? 139 ASP A CG  1 
ATOM 1058 O OD1 . ASP A 1 139 ? -10.405 -5.260  0.793   1.00 20.60 ? 139 ASP A OD1 1 
ATOM 1059 O OD2 . ASP A 1 139 ? -10.042 -5.898  2.836   1.00 21.30 ? 139 ASP A OD2 1 
ATOM 1060 N N   . LEU A 1 140 ? -7.053  -1.500  1.781   1.00 14.20 ? 140 LEU A N   1 
ATOM 1061 C CA  . LEU A 1 140 ? -6.505  -0.250  2.270   1.00 13.30 ? 140 LEU A CA  1 
ATOM 1062 C C   . LEU A 1 140 ? -6.616  0.850   1.229   1.00 14.58 ? 140 LEU A C   1 
ATOM 1063 O O   . LEU A 1 140 ? -6.962  1.966   1.631   1.00 14.48 ? 140 LEU A O   1 
ATOM 1064 C CB  . LEU A 1 140 ? -5.033  -0.381  2.668   1.00 10.19 ? 140 LEU A CB  1 
ATOM 1065 C CG  . LEU A 1 140 ? -4.744  -1.433  3.740   1.00 10.56 ? 140 LEU A CG  1 
ATOM 1066 C CD1 . LEU A 1 140 ? -3.253  -1.590  3.935   1.00 9.00  ? 140 LEU A CD1 1 
ATOM 1067 C CD2 . LEU A 1 140 ? -5.480  -1.042  5.002   1.00 11.27 ? 140 LEU A CD2 1 
ATOM 1068 N N   . ARG A 1 141 ? -6.348  0.585   -0.069  1.00 14.31 ? 141 ARG A N   1 
ATOM 1069 C CA  . ARG A 1 141 ? -6.477  1.598   -1.125  1.00 12.55 ? 141 ARG A CA  1 
ATOM 1070 C C   . ARG A 1 141 ? -7.944  2.062   -1.127  1.00 14.95 ? 141 ARG A C   1 
ATOM 1071 O O   . ARG A 1 141 ? -8.235  3.230   -1.326  1.00 15.89 ? 141 ARG A O   1 
ATOM 1072 C CB  . ARG A 1 141 ? -6.135  0.947   -2.433  1.00 10.73 ? 141 ARG A CB  1 
ATOM 1073 C CG  . ARG A 1 141 ? -6.049  1.817   -3.665  1.00 10.38 ? 141 ARG A CG  1 
ATOM 1074 C CD  . ARG A 1 141 ? -6.561  1.085   -4.905  1.00 12.46 ? 141 ARG A CD  1 
ATOM 1075 N NE  . ARG A 1 141 ? -7.960  1.469   -4.917  1.00 13.93 ? 141 ARG A NE  1 
ATOM 1076 C CZ  . ARG A 1 141 ? -9.024  0.788   -4.451  1.00 14.57 ? 141 ARG A CZ  1 
ATOM 1077 N NH1 . ARG A 1 141 ? -8.975  -0.532  -4.046  1.00 14.17 ? 141 ARG A NH1 1 
ATOM 1078 N NH2 . ARG A 1 141 ? -10.185 1.482   -4.528  1.00 11.28 ? 141 ARG A NH2 1 
ATOM 1079 N N   . SER A 1 142 ? -8.918  1.164   -0.926  1.00 16.31 ? 142 SER A N   1 
ATOM 1080 C CA  . SER A 1 142 ? -10.317 1.531   -0.879  1.00 20.51 ? 142 SER A CA  1 
ATOM 1081 C C   . SER A 1 142 ? -10.704 2.394   0.312   1.00 23.14 ? 142 SER A C   1 
ATOM 1082 O O   . SER A 1 142 ? -11.353 3.448   0.198   1.00 23.98 ? 142 SER A O   1 
ATOM 1083 C CB  . SER A 1 142 ? -11.180 0.315   -0.806  1.00 21.46 ? 142 SER A CB  1 
ATOM 1084 O OG  . SER A 1 142 ? -11.980 0.221   -1.975  1.00 25.68 ? 142 SER A OG  1 
ATOM 1085 N N   . GLN A 1 143 ? -10.280 1.897   1.473   1.00 23.63 ? 143 GLN A N   1 
ATOM 1086 C CA  . GLN A 1 143 ? -10.593 2.541   2.708   1.00 24.35 ? 143 GLN A CA  1 
ATOM 1087 C C   . GLN A 1 143 ? -9.860  3.864   2.778   1.00 23.47 ? 143 GLN A C   1 
ATOM 1088 O O   . GLN A 1 143 ? -10.394 4.816   3.325   1.00 26.12 ? 143 GLN A O   1 
ATOM 1089 C CB  . GLN A 1 143 ? -10.212 1.583   3.791   1.00 26.32 ? 143 GLN A CB  1 
ATOM 1090 C CG  . GLN A 1 143 ? -10.514 2.076   5.192   1.00 29.93 ? 143 GLN A CG  1 
ATOM 1091 C CD  . GLN A 1 143 ? -9.668  1.389   6.270   1.00 32.36 ? 143 GLN A CD  1 
ATOM 1092 O OE1 . GLN A 1 143 ? -9.724  1.792   7.432   1.00 34.47 ? 143 GLN A OE1 1 
ATOM 1093 N NE2 . GLN A 1 143 ? -8.829  0.365   6.038   1.00 33.78 ? 143 GLN A NE2 1 
ATOM 1094 N N   . TYR A 1 144 ? -8.672  4.058   2.255   1.00 22.03 ? 144 TYR A N   1 
ATOM 1095 C CA  . TYR A 1 144 ? -8.016  5.345   2.356   1.00 19.75 ? 144 TYR A CA  1 
ATOM 1096 C C   . TYR A 1 144 ? -8.117  6.060   1.025   1.00 18.70 ? 144 TYR A C   1 
ATOM 1097 O O   . TYR A 1 144 ? -7.140  6.255   0.303   1.00 18.50 ? 144 TYR A O   1 
ATOM 1098 C CB  . TYR A 1 144 ? -6.558  5.139   2.786   1.00 18.81 ? 144 TYR A CB  1 
ATOM 1099 C CG  . TYR A 1 144 ? -6.515  4.761   4.246   1.00 19.98 ? 144 TYR A CG  1 
ATOM 1100 C CD1 . TYR A 1 144 ? -6.444  5.760   5.198   1.00 20.30 ? 144 TYR A CD1 1 
ATOM 1101 C CD2 . TYR A 1 144 ? -6.579  3.422   4.614   1.00 21.42 ? 144 TYR A CD2 1 
ATOM 1102 C CE1 . TYR A 1 144 ? -6.437  5.437   6.532   1.00 20.57 ? 144 TYR A CE1 1 
ATOM 1103 C CE2 . TYR A 1 144 ? -6.579  3.097   5.950   1.00 21.57 ? 144 TYR A CE2 1 
ATOM 1104 C CZ  . TYR A 1 144 ? -6.507  4.109   6.897   1.00 21.53 ? 144 TYR A CZ  1 
ATOM 1105 O OH  . TYR A 1 144 ? -6.496  3.762   8.236   1.00 23.68 ? 144 TYR A OH  1 
ATOM 1106 N N   . ASN A 1 145 ? -9.340  6.488   0.707   1.00 17.13 ? 145 ASN A N   1 
ATOM 1107 C CA  . ASN A 1 145 ? -9.573  7.200   -0.545  1.00 15.43 ? 145 ASN A CA  1 
ATOM 1108 C C   . ASN A 1 145 ? -9.015  8.642   -0.627  1.00 14.26 ? 145 ASN A C   1 
ATOM 1109 O O   . ASN A 1 145 ? -9.584  9.648   -0.175  1.00 12.54 ? 145 ASN A O   1 
ATOM 1110 C CB  . ASN A 1 145 ? -11.065 7.177   -0.783  1.00 15.36 ? 145 ASN A CB  1 
ATOM 1111 C CG  . ASN A 1 145 ? -11.502 7.640   -2.171  1.00 15.96 ? 145 ASN A CG  1 
ATOM 1112 O OD1 . ASN A 1 145 ? -10.761 8.279   -2.921  1.00 17.83 ? 145 ASN A OD1 1 
ATOM 1113 N ND2 . ASN A 1 145 ? -12.743 7.415   -2.559  1.00 13.48 ? 145 ASN A ND2 1 
ATOM 1114 N N   . VAL A 1 146 ? -7.835  8.757   -1.231  1.00 13.39 ? 146 VAL A N   1 
ATOM 1115 C CA  . VAL A 1 146 ? -7.148  10.026  -1.417  1.00 13.10 ? 146 VAL A CA  1 
ATOM 1116 C C   . VAL A 1 146 ? -7.906  10.873  -2.417  1.00 12.60 ? 146 VAL A C   1 
ATOM 1117 O O   . VAL A 1 146 ? -7.946  12.074  -2.282  1.00 12.64 ? 146 VAL A O   1 
ATOM 1118 C CB  . VAL A 1 146 ? -5.713  9.690   -1.843  1.00 14.66 ? 146 VAL A CB  1 
ATOM 1119 C CG1 . VAL A 1 146 ? -4.986  10.843  -2.528  1.00 13.16 ? 146 VAL A CG1 1 
ATOM 1120 C CG2 . VAL A 1 146 ? -4.968  9.382   -0.542  1.00 14.87 ? 146 VAL A CG2 1 
ATOM 1121 N N   . TYR A 1 147 ? -8.547  10.327  -3.426  1.00 14.16 ? 147 TYR A N   1 
ATOM 1122 C CA  . TYR A 1 147 ? -9.327  11.121  -4.362  1.00 14.85 ? 147 TYR A CA  1 
ATOM 1123 C C   . TYR A 1 147 ? -10.480 11.837  -3.627  1.00 14.22 ? 147 TYR A C   1 
ATOM 1124 O O   . TYR A 1 147 ? -10.781 12.990  -3.950  1.00 15.19 ? 147 TYR A O   1 
ATOM 1125 C CB  . TYR A 1 147 ? -9.865  10.177  -5.462  1.00 15.60 ? 147 TYR A CB  1 
ATOM 1126 C CG  . TYR A 1 147 ? -10.782 10.895  -6.430  1.00 17.64 ? 147 TYR A CG  1 
ATOM 1127 C CD1 . TYR A 1 147 ? -10.223 11.508  -7.527  1.00 20.07 ? 147 TYR A CD1 1 
ATOM 1128 C CD2 . TYR A 1 147 ? -12.130 10.988  -6.173  1.00 17.96 ? 147 TYR A CD2 1 
ATOM 1129 C CE1 . TYR A 1 147 ? -11.019 12.235  -8.373  1.00 20.80 ? 147 TYR A CE1 1 
ATOM 1130 C CE2 . TYR A 1 147 ? -12.925 11.730  -7.008  1.00 19.70 ? 147 TYR A CE2 1 
ATOM 1131 C CZ  . TYR A 1 147 ? -12.362 12.342  -8.094  1.00 20.08 ? 147 TYR A CZ  1 
ATOM 1132 O OH  . TYR A 1 147 ? -13.132 13.158  -8.887  1.00 24.52 ? 147 TYR A OH  1 
ATOM 1133 N N   . LYS A 1 148 ? -11.158 11.196  -2.671  1.00 13.67 ? 148 LYS A N   1 
ATOM 1134 C CA  . LYS A 1 148 ? -12.261 11.741  -1.866  1.00 15.04 ? 148 LYS A CA  1 
ATOM 1135 C C   . LYS A 1 148 ? -11.654 12.778  -0.945  1.00 13.03 ? 148 LYS A C   1 
ATOM 1136 O O   . LYS A 1 148 ? -12.220 13.851  -0.854  1.00 12.37 ? 148 LYS A O   1 
ATOM 1137 C CB  . LYS A 1 148 ? -12.895 10.558  -1.122  1.00 19.05 ? 148 LYS A CB  1 
ATOM 1138 C CG  . LYS A 1 148 ? -13.979 10.577  -0.067  1.00 21.81 ? 148 LYS A CG  1 
ATOM 1139 C CD  . LYS A 1 148 ? -15.263 11.203  -0.545  1.00 25.52 ? 148 LYS A CD  1 
ATOM 1140 C CE  . LYS A 1 148 ? -16.293 11.017  0.554   1.00 27.56 ? 148 LYS A CE  1 
ATOM 1141 N NZ  . LYS A 1 148 ? -17.399 10.211  0.070   1.00 29.81 ? 148 LYS A NZ  1 
ATOM 1142 N N   . ALA A 1 149 ? -10.538 12.554  -0.269  1.00 12.99 ? 149 ALA A N   1 
ATOM 1143 C CA  . ALA A 1 149 ? -9.890  13.557  0.555   1.00 12.57 ? 149 ALA A CA  1 
ATOM 1144 C C   . ALA A 1 149 ? -9.648  14.865  -0.220  1.00 14.43 ? 149 ALA A C   1 
ATOM 1145 O O   . ALA A 1 149 ? -9.856  15.967  0.322   1.00 16.60 ? 149 ALA A O   1 
ATOM 1146 C CB  . ALA A 1 149 ? -8.526  13.050  1.066   1.00 12.42 ? 149 ALA A CB  1 
ATOM 1147 N N   . PHE A 1 150 ? -9.213  14.815  -1.482  1.00 13.46 ? 150 PHE A N   1 
ATOM 1148 C CA  . PHE A 1 150 ? -8.967  15.994  -2.279  1.00 12.05 ? 150 PHE A CA  1 
ATOM 1149 C C   . PHE A 1 150 ? -10.260 16.631  -2.742  1.00 12.31 ? 150 PHE A C   1 
ATOM 1150 O O   . PHE A 1 150 ? -10.417 17.813  -2.538  1.00 11.29 ? 150 PHE A O   1 
ATOM 1151 C CB  . PHE A 1 150 ? -8.150  15.656  -3.492  1.00 13.15 ? 150 PHE A CB  1 
ATOM 1152 C CG  . PHE A 1 150 ? -6.664  15.426  -3.270  1.00 15.53 ? 150 PHE A CG  1 
ATOM 1153 C CD1 . PHE A 1 150 ? -5.983  15.971  -2.185  1.00 17.52 ? 150 PHE A CD1 1 
ATOM 1154 C CD2 . PHE A 1 150 ? -5.971  14.687  -4.199  1.00 15.34 ? 150 PHE A CD2 1 
ATOM 1155 C CE1 . PHE A 1 150 ? -4.614  15.777  -2.055  1.00 18.37 ? 150 PHE A CE1 1 
ATOM 1156 C CE2 . PHE A 1 150 ? -4.609  14.502  -4.067  1.00 16.79 ? 150 PHE A CE2 1 
ATOM 1157 C CZ  . PHE A 1 150 ? -3.915  15.042  -2.999  1.00 18.24 ? 150 PHE A CZ  1 
ATOM 1158 N N   . SER A 1 151 ? -11.216 15.929  -3.314  1.00 12.57 ? 151 SER A N   1 
ATOM 1159 C CA  . SER A 1 151 ? -12.445 16.479  -3.807  1.00 16.36 ? 151 SER A CA  1 
ATOM 1160 C C   . SER A 1 151 ? -13.303 17.204  -2.774  1.00 18.76 ? 151 SER A C   1 
ATOM 1161 O O   . SER A 1 151 ? -13.841 18.286  -3.035  1.00 16.83 ? 151 SER A O   1 
ATOM 1162 C CB  . SER A 1 151 ? -13.240 15.366  -4.440  1.00 15.48 ? 151 SER A CB  1 
ATOM 1163 O OG  . SER A 1 151 ? -13.630 14.419  -3.474  1.00 21.66 ? 151 SER A OG  1 
ATOM 1164 N N   . SER A 1 152 ? -13.370 16.591  -1.583  1.00 19.19 ? 152 SER A N   1 
ATOM 1165 C CA  . SER A 1 152 ? -14.121 17.116  -0.474  1.00 19.95 ? 152 SER A CA  1 
ATOM 1166 C C   . SER A 1 152 ? -13.530 18.458  -0.047  1.00 19.28 ? 152 SER A C   1 
ATOM 1167 O O   . SER A 1 152 ? -14.185 19.264  0.615   1.00 22.08 ? 152 SER A O   1 
ATOM 1168 C CB  . SER A 1 152 ? -14.084 16.000  0.611   1.00 20.19 ? 152 SER A CB  1 
ATOM 1169 O OG  . SER A 1 152 ? -13.430 16.240  1.853   1.00 25.55 ? 152 SER A OG  1 
ATOM 1170 N N   . ASN A 1 153 ? -12.295 18.769  -0.428  1.00 18.31 ? 153 ASN A N   1 
ATOM 1171 C CA  . ASN A 1 153 ? -11.708 20.012  -0.053  1.00 15.73 ? 153 ASN A CA  1 
ATOM 1172 C C   . ASN A 1 153 ? -11.488 20.807  -1.310  1.00 15.32 ? 153 ASN A C   1 
ATOM 1173 O O   . ASN A 1 153 ? -10.622 21.673  -1.406  1.00 16.14 ? 153 ASN A O   1 
ATOM 1174 C CB  . ASN A 1 153 ? -10.433 19.691  0.711   1.00 17.31 ? 153 ASN A CB  1 
ATOM 1175 C CG  . ASN A 1 153 ? -10.760 19.251  2.151   1.00 18.30 ? 153 ASN A CG  1 
ATOM 1176 O OD1 . ASN A 1 153 ? -11.244 20.010  3.002   1.00 17.80 ? 153 ASN A OD1 1 
ATOM 1177 N ND2 . ASN A 1 153 ? -10.587 17.984  2.500   1.00 18.86 ? 153 ASN A ND2 1 
ATOM 1178 N N   . GLY A 1 154 ? -12.326 20.528  -2.322  1.00 16.09 ? 154 GLY A N   1 
ATOM 1179 C CA  . GLY A 1 154 ? -12.337 21.156  -3.641  1.00 17.32 ? 154 GLY A CA  1 
ATOM 1180 C C   . GLY A 1 154 ? -11.130 20.898  -4.570  1.00 17.61 ? 154 GLY A C   1 
ATOM 1181 O O   . GLY A 1 154 ? -10.786 21.823  -5.296  1.00 20.39 ? 154 GLY A O   1 
ATOM 1182 N N   . ILE A 1 155 ? -10.432 19.738  -4.598  1.00 15.08 ? 155 ILE A N   1 
ATOM 1183 C CA  . ILE A 1 155 ? -9.297  19.449  -5.457  1.00 12.19 ? 155 ILE A CA  1 
ATOM 1184 C C   . ILE A 1 155 ? -9.784  18.284  -6.284  1.00 12.68 ? 155 ILE A C   1 
ATOM 1185 O O   . ILE A 1 155 ? -10.017 17.136  -5.843  1.00 13.14 ? 155 ILE A O   1 
ATOM 1186 C CB  . ILE A 1 155 ? -8.081  19.086  -4.598  1.00 11.65 ? 155 ILE A CB  1 
ATOM 1187 C CG1 . ILE A 1 155 ? -7.722  20.288  -3.770  1.00 12.78 ? 155 ILE A CG1 1 
ATOM 1188 C CG2 . ILE A 1 155 ? -6.883  18.750  -5.426  1.00 10.11 ? 155 ILE A CG2 1 
ATOM 1189 C CD1 . ILE A 1 155 ? -6.694  20.079  -2.649  1.00 11.81 ? 155 ILE A CD1 1 
ATOM 1190 N N   . THR A 1 156 ? -10.050 18.614  -7.531  1.00 13.21 ? 156 THR A N   1 
ATOM 1191 C CA  . THR A 1 156 ? -10.528 17.644  -8.505  1.00 12.99 ? 156 THR A CA  1 
ATOM 1192 C C   . THR A 1 156 ? -9.520  17.556  -9.644  1.00 11.44 ? 156 THR A C   1 
ATOM 1193 O O   . THR A 1 156 ? -8.647  18.411  -9.801  1.00 12.50 ? 156 THR A O   1 
ATOM 1194 C CB  . THR A 1 156 ? -11.935 18.081  -8.988  1.00 12.37 ? 156 THR A CB  1 
ATOM 1195 O OG1 . THR A 1 156 ? -11.902 19.464  -9.309  1.00 15.00 ? 156 THR A OG1 1 
ATOM 1196 C CG2 . THR A 1 156 ? -12.965 17.864  -7.942  1.00 12.49 ? 156 THR A CG2 1 
ATOM 1197 N N   . PRO A 1 157 ? -9.554  16.508  -10.449 1.00 12.75 ? 157 PRO A N   1 
ATOM 1198 C CA  . PRO A 1 157 ? -8.722  16.355  -11.645 1.00 12.61 ? 157 PRO A CA  1 
ATOM 1199 C C   . PRO A 1 157 ? -8.893  17.481  -12.662 1.00 13.46 ? 157 PRO A C   1 
ATOM 1200 O O   . PRO A 1 157 ? -9.950  18.088  -12.752 1.00 14.76 ? 157 PRO A O   1 
ATOM 1201 C CB  . PRO A 1 157 ? -9.108  15.039  -12.213 1.00 12.24 ? 157 PRO A CB  1 
ATOM 1202 C CG  . PRO A 1 157 ? -9.537  14.300  -10.977 1.00 12.58 ? 157 PRO A CG  1 
ATOM 1203 C CD  . PRO A 1 157 ? -10.323 15.313  -10.177 1.00 12.11 ? 157 PRO A CD  1 
ATOM 1204 N N   . GLY A 1 158 ? -7.860  17.776  -13.439 1.00 14.27 ? 158 GLY A N   1 
ATOM 1205 C CA  . GLY A 1 158 ? -7.885  18.831  -14.451 1.00 15.33 ? 158 GLY A CA  1 
ATOM 1206 C C   . GLY A 1 158 ? -7.768  20.254  -13.902 1.00 15.46 ? 158 GLY A C   1 
ATOM 1207 O O   . GLY A 1 158 ? -8.491  21.138  -14.375 1.00 16.32 ? 158 GLY A O   1 
ATOM 1208 N N   . GLY A 1 159 ? -6.856  20.504  -12.955 1.00 14.18 ? 159 GLY A N   1 
ATOM 1209 C CA  . GLY A 1 159 ? -6.650  21.822  -12.376 1.00 10.49 ? 159 GLY A CA  1 
ATOM 1210 C C   . GLY A 1 159 ? -5.210  21.883  -11.908 1.00 12.05 ? 159 GLY A C   1 
ATOM 1211 O O   . GLY A 1 159 ? -4.491  20.859  -12.003 1.00 10.70 ? 159 GLY A O   1 
ATOM 1212 N N   . THR A 1 160 ? -4.818  23.078  -11.448 1.00 12.45 ? 160 THR A N   1 
ATOM 1213 C CA  . THR A 1 160 ? -3.504  23.416  -10.928 1.00 15.22 ? 160 THR A CA  1 
ATOM 1214 C C   . THR A 1 160 ? -3.778  23.822  -9.492  1.00 15.58 ? 160 THR A C   1 
ATOM 1215 O O   . THR A 1 160 ? -4.529  24.761  -9.230  1.00 16.90 ? 160 THR A O   1 
ATOM 1216 C CB  . THR A 1 160 ? -2.897  24.578  -11.693 1.00 14.40 ? 160 THR A CB  1 
ATOM 1217 O OG1 . THR A 1 160 ? -2.802  24.127  -13.034 1.00 17.62 ? 160 THR A OG1 1 
ATOM 1218 C CG2 . THR A 1 160 ? -1.487  24.986  -11.243 1.00 16.93 ? 160 THR A CG2 1 
ATOM 1219 N N   . TYR A 1 161 ? -3.168  23.117  -8.554  1.00 17.39 ? 161 TYR A N   1 
ATOM 1220 C CA  . TYR A 1 161 ? -3.394  23.343  -7.138  1.00 17.59 ? 161 TYR A CA  1 
ATOM 1221 C C   . TYR A 1 161 ? -2.075  23.590  -6.465  1.00 18.58 ? 161 TYR A C   1 
ATOM 1222 O O   . TYR A 1 161 ? -1.032  23.367  -7.071  1.00 21.50 ? 161 TYR A O   1 
ATOM 1223 C CB  . TYR A 1 161 ? -4.060  22.109  -6.528  1.00 16.71 ? 161 TYR A CB  1 
ATOM 1224 C CG  . TYR A 1 161 ? -5.374  21.793  -7.213  1.00 14.59 ? 161 TYR A CG  1 
ATOM 1225 C CD1 . TYR A 1 161 ? -6.495  22.556  -6.935  1.00 12.70 ? 161 TYR A CD1 1 
ATOM 1226 C CD2 . TYR A 1 161 ? -5.379  20.809  -8.167  1.00 11.42 ? 161 TYR A CD2 1 
ATOM 1227 C CE1 . TYR A 1 161 ? -7.633  22.334  -7.661  1.00 12.11 ? 161 TYR A CE1 1 
ATOM 1228 C CE2 . TYR A 1 161 ? -6.516  20.594  -8.878  1.00 11.04 ? 161 TYR A CE2 1 
ATOM 1229 C CZ  . TYR A 1 161 ? -7.632  21.357  -8.630  1.00 12.08 ? 161 TYR A CZ  1 
ATOM 1230 O OH  . TYR A 1 161 ? -8.751  21.171  -9.415  1.00 11.21 ? 161 TYR A OH  1 
ATOM 1231 N N   . THR A 1 162 ? -2.022  24.045  -5.246  1.00 20.16 ? 162 THR A N   1 
ATOM 1232 C CA  . THR A 1 162 ? -0.742  24.250  -4.655  1.00 20.33 ? 162 THR A CA  1 
ATOM 1233 C C   . THR A 1 162 ? -0.422  23.023  -3.812  1.00 19.36 ? 162 THR A C   1 
ATOM 1234 O O   . THR A 1 162 ? -1.309  22.414  -3.220  1.00 19.43 ? 162 THR A O   1 
ATOM 1235 C CB  . THR A 1 162 ? -0.861  25.571  -3.904  1.00 20.63 ? 162 THR A CB  1 
ATOM 1236 O OG1 . THR A 1 162 ? 0.486   25.938  -3.721  1.00 23.71 ? 162 THR A OG1 1 
ATOM 1237 C CG2 . THR A 1 162 ? -1.568  25.537  -2.555  1.00 20.71 ? 162 THR A CG2 1 
ATOM 1238 N N   . ALA A 1 163 ? 0.834   22.610  -3.705  1.00 19.96 ? 163 ALA A N   1 
ATOM 1239 C CA  . ALA A 1 163 ? 1.234   21.449  -2.907  1.00 20.65 ? 163 ALA A CA  1 
ATOM 1240 C C   . ALA A 1 163 ? 0.802   21.540  -1.444  1.00 21.45 ? 163 ALA A C   1 
ATOM 1241 O O   . ALA A 1 163 ? 0.507   20.594  -0.708  1.00 22.89 ? 163 ALA A O   1 
ATOM 1242 C CB  . ALA A 1 163 ? 2.739   21.307  -2.933  1.00 20.41 ? 163 ALA A CB  1 
ATOM 1243 N N   . THR A 1 164 ? 0.730   22.794  -1.049  1.00 23.28 ? 164 THR A N   1 
ATOM 1244 C CA  . THR A 1 164 ? 0.389   23.228  0.271   1.00 22.52 ? 164 THR A CA  1 
ATOM 1245 C C   . THR A 1 164 ? -1.077  22.965  0.558   1.00 22.46 ? 164 THR A C   1 
ATOM 1246 O O   . THR A 1 164 ? -1.375  22.479  1.661   1.00 23.33 ? 164 THR A O   1 
ATOM 1247 C CB  . THR A 1 164 ? 0.820   24.740  0.318   1.00 24.63 ? 164 THR A CB  1 
ATOM 1248 O OG1 . THR A 1 164 ? 1.737   24.968  -0.784  1.00 26.59 ? 164 THR A OG1 1 
ATOM 1249 C CG2 . THR A 1 164 ? 1.492   25.113  1.644   1.00 24.77 ? 164 THR A CG2 1 
ATOM 1250 N N   . GLU A 1 165 ? -2.001  23.201  -0.410  1.00 21.39 ? 165 GLU A N   1 
ATOM 1251 C CA  . GLU A 1 165 ? -3.432  22.954  -0.179  1.00 18.26 ? 165 GLU A CA  1 
ATOM 1252 C C   . GLU A 1 165 ? -3.719  21.473  -0.256  1.00 16.84 ? 165 GLU A C   1 
ATOM 1253 O O   . GLU A 1 165 ? -4.643  21.013  0.408   1.00 12.35 ? 165 GLU A O   1 
ATOM 1254 C CB  . GLU A 1 165 ? -4.366  23.671  -1.193  1.00 19.52 ? 165 GLU A CB  1 
ATOM 1255 C CG  . GLU A 1 165 ? -4.458  23.252  -2.634  1.00 18.98 ? 165 GLU A CG  1 
ATOM 1256 C CD  . GLU A 1 165 ? -5.312  24.195  -3.464  1.00 20.76 ? 165 GLU A CD  1 
ATOM 1257 O OE1 . GLU A 1 165 ? -6.542  24.205  -3.348  1.00 23.65 ? 165 GLU A OE1 1 
ATOM 1258 O OE2 . GLU A 1 165 ? -4.763  24.927  -4.282  1.00 21.05 ? 165 GLU A OE2 1 
ATOM 1259 N N   . MET A 1 166 ? -2.907  20.774  -1.073  1.00 17.08 ? 166 MET A N   1 
ATOM 1260 C CA  . MET A 1 166 ? -2.967  19.326  -1.247  1.00 17.42 ? 166 MET A CA  1 
ATOM 1261 C C   . MET A 1 166 ? -2.625  18.629  0.079   1.00 18.50 ? 166 MET A C   1 
ATOM 1262 O O   . MET A 1 166 ? -3.356  17.736  0.515   1.00 16.55 ? 166 MET A O   1 
ATOM 1263 C CB  . MET A 1 166 ? -1.987  18.941  -2.356  1.00 18.04 ? 166 MET A CB  1 
ATOM 1264 C CG  . MET A 1 166 ? -2.764  18.944  -3.674  1.00 19.33 ? 166 MET A CG  1 
ATOM 1265 S SD  . MET A 1 166 ? -1.715  18.761  -5.125  1.00 20.59 ? 166 MET A SD  1 
ATOM 1266 C CE  . MET A 1 166 ? -1.413  17.026  -5.088  1.00 21.59 ? 166 MET A CE  1 
ATOM 1267 N N   . GLN A 1 167 ? -1.538  19.022  0.760   1.00 19.83 ? 167 GLN A N   1 
ATOM 1268 C CA  . GLN A 1 167 ? -1.167  18.467  2.052   1.00 20.99 ? 167 GLN A CA  1 
ATOM 1269 C C   . GLN A 1 167 ? -2.241  18.779  3.089   1.00 22.61 ? 167 GLN A C   1 
ATOM 1270 O O   . GLN A 1 167 ? -2.559  17.897  3.896   1.00 22.29 ? 167 GLN A O   1 
ATOM 1271 C CB  . GLN A 1 167 ? 0.180   19.069  2.460   1.00 23.23 ? 167 GLN A CB  1 
ATOM 1272 C CG  . GLN A 1 167 ? 0.870   18.463  3.674   1.00 21.90 ? 167 GLN A CG  1 
ATOM 1273 C CD  . GLN A 1 167 ? 1.264   16.992  3.474   1.00 22.04 ? 167 GLN A CD  1 
ATOM 1274 O OE1 . GLN A 1 167 ? 0.565   16.091  3.949   1.00 18.74 ? 167 GLN A OE1 1 
ATOM 1275 N NE2 . GLN A 1 167 ? 2.355   16.692  2.751   1.00 18.80 ? 167 GLN A NE2 1 
ATOM 1276 N N   . SER A 1 168 ? -2.852  19.978  3.123   1.00 22.40 ? 168 SER A N   1 
ATOM 1277 C CA  . SER A 1 168 ? -3.883  20.252  4.108   1.00 22.35 ? 168 SER A CA  1 
ATOM 1278 C C   . SER A 1 168 ? -5.059  19.360  3.860   1.00 20.34 ? 168 SER A C   1 
ATOM 1279 O O   . SER A 1 168 ? -5.698  18.996  4.833   1.00 21.28 ? 168 SER A O   1 
ATOM 1280 C CB  . SER A 1 168 ? -4.459  21.669  4.071   1.00 24.28 ? 168 SER A CB  1 
ATOM 1281 O OG  . SER A 1 168 ? -3.540  22.669  3.637   1.00 28.80 ? 168 SER A OG  1 
ATOM 1282 N N   . ALA A 1 169 ? -5.409  18.971  2.642   1.00 20.26 ? 169 ALA A N   1 
ATOM 1283 C CA  . ALA A 1 169 ? -6.576  18.130  2.461   1.00 20.70 ? 169 ALA A CA  1 
ATOM 1284 C C   . ALA A 1 169 ? -6.381  16.702  2.955   1.00 20.95 ? 169 ALA A C   1 
ATOM 1285 O O   . ALA A 1 169 ? -7.300  16.104  3.547   1.00 20.44 ? 169 ALA A O   1 
ATOM 1286 C CB  . ALA A 1 169 ? -6.966  18.165  0.959   1.00 20.99 ? 169 ALA A CB  1 
ATOM 1287 N N   . ILE A 1 170 ? -5.177  16.164  2.704   1.00 22.39 ? 170 ILE A N   1 
ATOM 1288 C CA  . ILE A 1 170 ? -4.748  14.824  3.157   1.00 23.19 ? 170 ILE A CA  1 
ATOM 1289 C C   . ILE A 1 170 ? -4.665  14.950  4.687   1.00 22.85 ? 170 ILE A C   1 
ATOM 1290 O O   . ILE A 1 170 ? -5.291  14.164  5.419   1.00 26.59 ? 170 ILE A O   1 
ATOM 1291 C CB  . ILE A 1 170 ? -3.326  14.427  2.586   1.00 23.16 ? 170 ILE A CB  1 
ATOM 1292 C CG1 . ILE A 1 170 ? -3.372  14.313  1.074   1.00 22.81 ? 170 ILE A CG1 1 
ATOM 1293 C CG2 . ILE A 1 170 ? -2.856  13.130  3.205   1.00 22.76 ? 170 ILE A CG2 1 
ATOM 1294 C CD1 . ILE A 1 170 ? -4.522  13.429  0.563   1.00 23.39 ? 170 ILE A CD1 1 
ATOM 1295 N N   . GLU A 1 171 ? -3.930  15.906  5.231   1.00 24.56 ? 171 GLU A N   1 
ATOM 1296 C CA  . GLU A 1 171 ? -3.838  16.108  6.666   1.00 26.95 ? 171 GLU A CA  1 
ATOM 1297 C C   . GLU A 1 171 ? -5.183  16.244  7.358   1.00 26.00 ? 171 GLU A C   1 
ATOM 1298 O O   . GLU A 1 171 ? -5.405  15.503  8.316   1.00 26.26 ? 171 GLU A O   1 
ATOM 1299 C CB  . GLU A 1 171 ? -3.011  17.338  6.971   1.00 30.58 ? 171 GLU A CB  1 
ATOM 1300 C CG  . GLU A 1 171 ? -1.497  17.161  7.046   1.00 33.20 ? 171 GLU A CG  1 
ATOM 1301 C CD  . GLU A 1 171 ? -0.798  18.293  7.786   1.00 35.19 ? 171 GLU A CD  1 
ATOM 1302 O OE1 . GLU A 1 171 ? -0.962  18.466  8.997   1.00 34.83 ? 171 GLU A OE1 1 
ATOM 1303 O OE2 . GLU A 1 171 ? 0.041   18.969  7.195   1.00 37.59 ? 171 GLU A OE2 1 
ATOM 1304 N N   . SER A 1 172 ? -6.108  17.101  6.931   1.00 25.38 ? 172 SER A N   1 
ATOM 1305 C CA  . SER A 1 172 ? -7.394  17.234  7.579   1.00 25.55 ? 172 SER A CA  1 
ATOM 1306 C C   . SER A 1 172 ? -8.284  16.053  7.409   1.00 25.47 ? 172 SER A C   1 
ATOM 1307 O O   . SER A 1 172 ? -9.024  15.710  8.326   1.00 28.06 ? 172 SER A O   1 
ATOM 1308 C CB  . SER A 1 172 ? -8.229  18.399  7.071   1.00 27.28 ? 172 SER A CB  1 
ATOM 1309 O OG  . SER A 1 172 ? -8.508  18.381  5.656   1.00 28.56 ? 172 SER A OG  1 
ATOM 1310 N N   . TYR A 1 173 ? -8.271  15.424  6.248   1.00 24.19 ? 173 TYR A N   1 
ATOM 1311 C CA  . TYR A 1 173 ? -9.154  14.295  6.065   1.00 22.41 ? 173 TYR A CA  1 
ATOM 1312 C C   . TYR A 1 173 ? -8.706  13.061  6.838   1.00 21.45 ? 173 TYR A C   1 
ATOM 1313 O O   . TYR A 1 173 ? -9.532  12.407  7.444   1.00 20.55 ? 173 TYR A O   1 
ATOM 1314 C CB  . TYR A 1 173 ? -9.227  13.966  4.586   1.00 22.58 ? 173 TYR A CB  1 
ATOM 1315 C CG  . TYR A 1 173 ? -10.464 13.202  4.161   1.00 21.66 ? 173 TYR A CG  1 
ATOM 1316 C CD1 . TYR A 1 173 ? -11.626 13.889  3.940   1.00 22.38 ? 173 TYR A CD1 1 
ATOM 1317 C CD2 . TYR A 1 173 ? -10.429 11.845  3.974   1.00 22.35 ? 173 TYR A CD2 1 
ATOM 1318 C CE1 . TYR A 1 173 ? -12.754 13.224  3.532   1.00 24.04 ? 173 TYR A CE1 1 
ATOM 1319 C CE2 . TYR A 1 173 ? -11.559 11.165  3.566   1.00 25.12 ? 173 TYR A CE2 1 
ATOM 1320 C CZ  . TYR A 1 173 ? -12.729 11.866  3.348   1.00 25.83 ? 173 TYR A CZ  1 
ATOM 1321 O OH  . TYR A 1 173 ? -13.888 11.197  2.980   1.00 27.58 ? 173 TYR A OH  1 
ATOM 1322 N N   . PHE A 1 174 ? -7.423  12.716  6.838   1.00 21.98 ? 174 PHE A N   1 
ATOM 1323 C CA  . PHE A 1 174 ? -6.934  11.498  7.479   1.00 21.03 ? 174 PHE A CA  1 
ATOM 1324 C C   . PHE A 1 174 ? -6.249  11.719  8.812   1.00 21.71 ? 174 PHE A C   1 
ATOM 1325 O O   . PHE A 1 174 ? -6.085  10.779  9.596   1.00 20.93 ? 174 PHE A O   1 
ATOM 1326 C CB  . PHE A 1 174 ? -5.966  10.753  6.499   1.00 19.61 ? 174 PHE A CB  1 
ATOM 1327 C CG  . PHE A 1 174 ? -6.607  10.246  5.197   1.00 18.27 ? 174 PHE A CG  1 
ATOM 1328 C CD1 . PHE A 1 174 ? -7.567  9.260   5.217   1.00 19.11 ? 174 PHE A CD1 1 
ATOM 1329 C CD2 . PHE A 1 174 ? -6.258  10.807  3.989   1.00 18.76 ? 174 PHE A CD2 1 
ATOM 1330 C CE1 . PHE A 1 174 ? -8.165  8.839   4.049   1.00 18.92 ? 174 PHE A CE1 1 
ATOM 1331 C CE2 . PHE A 1 174 ? -6.860  10.386  2.832   1.00 18.94 ? 174 PHE A CE2 1 
ATOM 1332 C CZ  . PHE A 1 174 ? -7.821  9.408   2.852   1.00 19.40 ? 174 PHE A CZ  1 
ATOM 1333 N N   . GLY A 1 175 ? -5.834  12.960  9.057   1.00 23.08 ? 175 GLY A N   1 
ATOM 1334 C CA  . GLY A 1 175 ? -5.204  13.334  10.306  1.00 21.61 ? 175 GLY A CA  1 
ATOM 1335 C C   . GLY A 1 175 ? -3.743  13.040  10.326  1.00 22.27 ? 175 GLY A C   1 
ATOM 1336 O O   . GLY A 1 175 ? -3.197  12.876  11.409  1.00 26.32 ? 175 GLY A O   1 
ATOM 1337 N N   . ALA A 1 176 ? -3.077  13.000  9.186   1.00 22.80 ? 176 ALA A N   1 
ATOM 1338 C CA  . ALA A 1 176 ? -1.653  12.715  9.134   1.00 20.97 ? 176 ALA A CA  1 
ATOM 1339 C C   . ALA A 1 176 ? -1.085  13.245  7.844   1.00 21.22 ? 176 ALA A C   1 
ATOM 1340 O O   . ALA A 1 176 ? -1.823  13.422  6.865   1.00 20.06 ? 176 ALA A O   1 
ATOM 1341 C CB  . ALA A 1 176 ? -1.399  11.239  9.134   1.00 21.07 ? 176 ALA A CB  1 
ATOM 1342 N N   . LYS A 1 177 ? 0.208   13.501  7.829   1.00 21.84 ? 177 LYS A N   1 
ATOM 1343 C CA  . LYS A 1 177 ? 0.869   13.985  6.656   1.00 25.30 ? 177 LYS A CA  1 
ATOM 1344 C C   . LYS A 1 177 ? 1.225   12.770  5.819   1.00 24.84 ? 177 LYS A C   1 
ATOM 1345 O O   . LYS A 1 177 ? 1.597   11.708  6.341   1.00 25.44 ? 177 LYS A O   1 
ATOM 1346 C CB  . LYS A 1 177 ? 2.172   14.714  6.951   1.00 28.22 ? 177 LYS A CB  1 
ATOM 1347 C CG  . LYS A 1 177 ? 2.000   15.892  7.867   1.00 34.03 ? 177 LYS A CG  1 
ATOM 1348 C CD  . LYS A 1 177 ? 3.080   16.969  7.659   1.00 37.63 ? 177 LYS A CD  1 
ATOM 1349 C CE  . LYS A 1 177 ? 3.120   18.034  8.807   1.00 39.42 ? 177 LYS A CE  1 
ATOM 1350 N NZ  . LYS A 1 177 ? 1.815   18.533  9.237   1.00 40.76 ? 177 LYS A NZ  1 
ATOM 1351 N N   . ALA A 1 178 ? 1.103   12.996  4.515   1.00 23.55 ? 178 ALA A N   1 
ATOM 1352 C CA  . ALA A 1 178 ? 1.411   12.002  3.524   1.00 21.20 ? 178 ALA A CA  1 
ATOM 1353 C C   . ALA A 1 178 ? 2.650   12.464  2.728   1.00 19.21 ? 178 ALA A C   1 
ATOM 1354 O O   . ALA A 1 178 ? 3.170   13.578  2.897   1.00 17.73 ? 178 ALA A O   1 
ATOM 1355 C CB  . ALA A 1 178 ? 0.206   11.835  2.618   1.00 20.62 ? 178 ALA A CB  1 
ATOM 1356 N N   . LYS A 1 179 ? 3.160   11.580  1.869   1.00 16.15 ? 179 LYS A N   1 
ATOM 1357 C CA  . LYS A 1 179 ? 4.308   11.869  1.039   1.00 14.78 ? 179 LYS A CA  1 
ATOM 1358 C C   . LYS A 1 179 ? 3.736   12.072  -0.353  1.00 13.93 ? 179 LYS A C   1 
ATOM 1359 O O   . LYS A 1 179 ? 3.287   11.106  -0.963  1.00 15.83 ? 179 LYS A O   1 
ATOM 1360 C CB  . LYS A 1 179 ? 5.221   10.686  1.120   1.00 13.27 ? 179 LYS A CB  1 
ATOM 1361 C CG  . LYS A 1 179 ? 6.492   10.913  0.390   1.00 15.20 ? 179 LYS A CG  1 
ATOM 1362 C CD  . LYS A 1 179 ? 7.259   9.694   0.780   1.00 15.33 ? 179 LYS A CD  1 
ATOM 1363 C CE  . LYS A 1 179 ? 8.510   9.744   -0.012  1.00 17.53 ? 179 LYS A CE  1 
ATOM 1364 N NZ  . LYS A 1 179 ? 8.265   9.800   -1.449  1.00 21.89 ? 179 LYS A NZ  1 
ATOM 1365 N N   . ILE A 1 180 ? 3.715   13.301  -0.849  1.00 12.74 ? 180 ILE A N   1 
ATOM 1366 C CA  . ILE A 1 180 ? 3.135   13.617  -2.132  1.00 14.09 ? 180 ILE A CA  1 
ATOM 1367 C C   . ILE A 1 180 ? 4.291   13.919  -3.055  1.00 14.47 ? 180 ILE A C   1 
ATOM 1368 O O   . ILE A 1 180 ? 5.092   14.837  -2.782  1.00 15.36 ? 180 ILE A O   1 
ATOM 1369 C CB  . ILE A 1 180 ? 2.191   14.809  -1.971  1.00 14.40 ? 180 ILE A CB  1 
ATOM 1370 C CG1 . ILE A 1 180 ? 1.188   14.624  -0.830  1.00 14.78 ? 180 ILE A CG1 1 
ATOM 1371 C CG2 . ILE A 1 180 ? 1.396   14.895  -3.242  1.00 14.99 ? 180 ILE A CG2 1 
ATOM 1372 C CD1 . ILE A 1 180 ? 0.185   15.744  -0.492  1.00 14.98 ? 180 ILE A CD1 1 
ATOM 1373 N N   . ASP A 1 181 ? 4.388   13.112  -4.132  1.00 13.55 ? 181 ASP A N   1 
ATOM 1374 C CA  . ASP A 1 181 ? 5.449   13.217  -5.081  1.00 12.76 ? 181 ASP A CA  1 
ATOM 1375 C C   . ASP A 1 181 ? 4.956   13.613  -6.442  1.00 13.45 ? 181 ASP A C   1 
ATOM 1376 O O   . ASP A 1 181 ? 3.877   13.256  -6.905  1.00 11.31 ? 181 ASP A O   1 
ATOM 1377 C CB  . ASP A 1 181 ? 6.221   11.908  -5.138  1.00 14.68 ? 181 ASP A CB  1 
ATOM 1378 C CG  . ASP A 1 181 ? 6.948   11.548  -3.828  1.00 17.08 ? 181 ASP A CG  1 
ATOM 1379 O OD1 . ASP A 1 181 ? 7.926   12.169  -3.419  1.00 17.57 ? 181 ASP A OD1 1 
ATOM 1380 O OD2 . ASP A 1 181 ? 6.561   10.618  -3.135  1.00 19.98 ? 181 ASP A OD2 1 
ATOM 1381 N N   . CYS A 1 182 ? 5.786   14.409  -7.081  1.00 14.34 ? 182 CYS A N   1 
ATOM 1382 C CA  . CYS A 1 182 ? 5.486   14.944  -8.385  1.00 17.59 ? 182 CYS A CA  1 
ATOM 1383 C C   . CYS A 1 182 ? 6.543   14.532  -9.384  1.00 19.36 ? 182 CYS A C   1 
ATOM 1384 O O   . CYS A 1 182 ? 7.625   14.082  -9.017  1.00 21.51 ? 182 CYS A O   1 
ATOM 1385 C CB  . CYS A 1 182 ? 5.456   16.460  -8.350  1.00 16.46 ? 182 CYS A CB  1 
ATOM 1386 S SG  . CYS A 1 182 ? 3.971   17.112  -7.585  1.00 15.39 ? 182 CYS A SG  1 
ATOM 1387 N N   . SER A 1 183 ? 6.276   14.651  -10.668 1.00 21.03 ? 183 SER A N   1 
ATOM 1388 C CA  . SER A 1 183 ? 7.259   14.364  -11.679 1.00 23.04 ? 183 SER A CA  1 
ATOM 1389 C C   . SER A 1 183 ? 7.049   15.598  -12.566 1.00 23.68 ? 183 SER A C   1 
ATOM 1390 O O   . SER A 1 183 ? 5.924   15.848  -13.003 1.00 23.17 ? 183 SER A O   1 
ATOM 1391 C CB  . SER A 1 183 ? 6.896   13.030  -12.344 1.00 25.34 ? 183 SER A CB  1 
ATOM 1392 O OG  . SER A 1 183 ? 6.059   13.119  -13.505 1.00 29.06 ? 183 SER A OG  1 
ATOM 1393 N N   . SER A 1 184 ? 8.046   16.451  -12.857 1.00 26.30 ? 184 SER A N   1 
ATOM 1394 C CA  . SER A 1 184 ? 7.882   17.675  -13.673 1.00 26.34 ? 184 SER A CA  1 
ATOM 1395 C C   . SER A 1 184 ? 6.684   18.526  -13.244 1.00 24.75 ? 184 SER A C   1 
ATOM 1396 O O   . SER A 1 184 ? 5.925   19.042  -14.055 1.00 26.89 ? 184 SER A O   1 
ATOM 1397 C CB  . SER A 1 184 ? 7.714   17.348  -15.186 1.00 27.39 ? 184 SER A CB  1 
ATOM 1398 O OG  . SER A 1 184 ? 8.930   17.027  -15.840 1.00 27.46 ? 184 SER A OG  1 
ATOM 1399 N N   . GLY A 1 185 ? 6.461   18.670  -11.939 1.00 24.21 ? 185 GLY A N   1 
ATOM 1400 C CA  . GLY A 1 185 ? 5.353   19.474  -11.424 1.00 22.08 ? 185 GLY A CA  1 
ATOM 1401 C C   . GLY A 1 185 ? 3.951   18.916  -11.623 1.00 20.44 ? 185 GLY A C   1 
ATOM 1402 O O   . GLY A 1 185 ? 2.965   19.651  -11.479 1.00 20.01 ? 185 GLY A O   1 
ATOM 1403 N N   . THR A 1 186 ? 3.860   17.626  -11.961 1.00 18.43 ? 186 THR A N   1 
ATOM 1404 C CA  . THR A 1 186 ? 2.564   16.983  -12.147 1.00 17.60 ? 186 THR A CA  1 
ATOM 1405 C C   . THR A 1 186 ? 2.467   15.979  -11.012 1.00 16.08 ? 186 THR A C   1 
ATOM 1406 O O   . THR A 1 186 ? 3.481   15.363  -10.655 1.00 17.81 ? 186 THR A O   1 
ATOM 1407 C CB  . THR A 1 186 ? 2.489   16.232  -13.480 1.00 17.11 ? 186 THR A CB  1 
ATOM 1408 O OG1 . THR A 1 186 ? 2.847   17.140  -14.503 1.00 16.01 ? 186 THR A OG1 1 
ATOM 1409 C CG2 . THR A 1 186 ? 1.105   15.678  -13.756 1.00 19.53 ? 186 THR A CG2 1 
ATOM 1410 N N   . LEU A 1 187 ? 1.300   15.777  -10.411 1.00 15.12 ? 187 LEU A N   1 
ATOM 1411 C CA  . LEU A 1 187 ? 1.217   14.809  -9.325  1.00 16.48 ? 187 LEU A CA  1 
ATOM 1412 C C   . LEU A 1 187 ? 1.419   13.413  -9.906  1.00 17.16 ? 187 LEU A C   1 
ATOM 1413 O O   . LEU A 1 187 ? 0.940   13.093  -11.018 1.00 18.66 ? 187 LEU A O   1 
ATOM 1414 C CB  . LEU A 1 187 ? -0.164  14.882  -8.629  1.00 16.65 ? 187 LEU A CB  1 
ATOM 1415 C CG  . LEU A 1 187 ? -0.703  13.797  -7.669  1.00 16.71 ? 187 LEU A CG  1 
ATOM 1416 C CD1 . LEU A 1 187 ? -0.010  13.906  -6.320  1.00 16.33 ? 187 LEU A CD1 1 
ATOM 1417 C CD2 . LEU A 1 187 ? -2.186  13.992  -7.461  1.00 15.96 ? 187 LEU A CD2 1 
ATOM 1418 N N   . SER A 1 188 ? 2.166   12.598  -9.178  1.00 16.15 ? 188 SER A N   1 
ATOM 1419 C CA  . SER A 1 188 ? 2.306   11.248  -9.647  1.00 16.48 ? 188 SER A CA  1 
ATOM 1420 C C   . SER A 1 188 ? 1.999   10.202  -8.571  1.00 15.65 ? 188 SER A C   1 
ATOM 1421 O O   . SER A 1 188 ? 1.398   9.179   -8.917  1.00 14.76 ? 188 SER A O   1 
ATOM 1422 C CB  . SER A 1 188 ? 3.705   11.062  -10.200 1.00 15.93 ? 188 SER A CB  1 
ATOM 1423 O OG  . SER A 1 188 ? 4.716   11.308  -9.246  1.00 15.47 ? 188 SER A OG  1 
ATOM 1424 N N   . ASP A 1 189 ? 2.336   10.404  -7.284  1.00 15.34 ? 189 ASP A N   1 
ATOM 1425 C CA  . ASP A 1 189 ? 2.138   9.386   -6.269  1.00 14.44 ? 189 ASP A CA  1 
ATOM 1426 C C   . ASP A 1 189 ? 1.850   10.064  -4.975  1.00 13.89 ? 189 ASP A C   1 
ATOM 1427 O O   . ASP A 1 189 ? 2.227   11.214  -4.782  1.00 15.89 ? 189 ASP A O   1 
ATOM 1428 C CB  . ASP A 1 189 ? 3.383   8.528   -5.994  1.00 17.36 ? 189 ASP A CB  1 
ATOM 1429 C CG  . ASP A 1 189 ? 4.259   8.231   -7.187  1.00 21.69 ? 189 ASP A CG  1 
ATOM 1430 O OD1 . ASP A 1 189 ? 3.880   7.443   -8.049  1.00 27.33 ? 189 ASP A OD1 1 
ATOM 1431 O OD2 . ASP A 1 189 ? 5.349   8.775   -7.310  1.00 24.77 ? 189 ASP A OD2 1 
ATOM 1432 N N   . VAL A 1 190 ? 1.193   9.351   -4.073  1.00 14.95 ? 190 VAL A N   1 
ATOM 1433 C CA  . VAL A 1 190 ? 0.811   9.773   -2.727  1.00 13.20 ? 190 VAL A CA  1 
ATOM 1434 C C   . VAL A 1 190 ? 1.075   8.541   -1.840  1.00 13.91 ? 190 VAL A C   1 
ATOM 1435 O O   . VAL A 1 190 ? 0.622   7.440   -2.185  1.00 9.70  ? 190 VAL A O   1 
ATOM 1436 C CB  . VAL A 1 190 ? -0.708  10.143  -2.634  1.00 12.86 ? 190 VAL A CB  1 
ATOM 1437 C CG1 . VAL A 1 190 ? -1.127  10.460  -1.189  1.00 12.39 ? 190 VAL A CG1 1 
ATOM 1438 C CG2 . VAL A 1 190 ? -0.958  11.350  -3.553  1.00 14.42 ? 190 VAL A CG2 1 
ATOM 1439 N N   . ALA A 1 191 ? 1.793   8.640   -0.726  1.00 13.67 ? 191 ALA A N   1 
ATOM 1440 C CA  . ALA A 1 191 ? 2.003   7.466   0.128   1.00 14.34 ? 191 ALA A CA  1 
ATOM 1441 C C   . ALA A 1 191 ? 1.583   7.808   1.551   1.00 13.88 ? 191 ALA A C   1 
ATOM 1442 O O   . ALA A 1 191 ? 1.839   8.904   2.055   1.00 17.21 ? 191 ALA A O   1 
ATOM 1443 C CB  . ALA A 1 191 ? 3.481   7.066   0.131   1.00 13.98 ? 191 ALA A CB  1 
ATOM 1444 N N   . LEU A 1 192 ? 0.936   6.882   2.206   1.00 14.15 ? 192 LEU A N   1 
ATOM 1445 C CA  . LEU A 1 192 ? 0.447   6.995   3.565   1.00 14.34 ? 192 LEU A CA  1 
ATOM 1446 C C   . LEU A 1 192 ? 1.227   5.954   4.396   1.00 15.42 ? 192 LEU A C   1 
ATOM 1447 O O   . LEU A 1 192 ? 1.374   4.806   3.949   1.00 14.77 ? 192 LEU A O   1 
ATOM 1448 C CB  . LEU A 1 192 ? -1.051  6.700   3.558   1.00 12.86 ? 192 LEU A CB  1 
ATOM 1449 C CG  . LEU A 1 192 ? -1.973  7.665   2.797   1.00 11.15 ? 192 LEU A CG  1 
ATOM 1450 C CD1 . LEU A 1 192 ? -3.411  7.259   2.921   1.00 12.53 ? 192 LEU A CD1 1 
ATOM 1451 C CD2 . LEU A 1 192 ? -1.937  8.995   3.457   1.00 12.73 ? 192 LEU A CD2 1 
ATOM 1452 N N   . TYR A 1 193 ? 1.752   6.327   5.575   1.00 15.53 ? 193 TYR A N   1 
ATOM 1453 C CA  . TYR A 1 193 ? 2.547   5.495   6.481   1.00 13.76 ? 193 TYR A CA  1 
ATOM 1454 C C   . TYR A 1 193 ? 1.690   4.927   7.584   1.00 15.02 ? 193 TYR A C   1 
ATOM 1455 O O   . TYR A 1 193 ? 0.787   5.601   8.099   1.00 16.51 ? 193 TYR A O   1 
ATOM 1456 C CB  . TYR A 1 193 ? 3.673   6.307   7.124   1.00 13.48 ? 193 TYR A CB  1 
ATOM 1457 C CG  . TYR A 1 193 ? 4.748   6.680   6.131   1.00 14.36 ? 193 TYR A CG  1 
ATOM 1458 C CD1 . TYR A 1 193 ? 4.401   7.425   5.016   1.00 12.45 ? 193 TYR A CD1 1 
ATOM 1459 C CD2 . TYR A 1 193 ? 6.047   6.250   6.335   1.00 14.46 ? 193 TYR A CD2 1 
ATOM 1460 C CE1 . TYR A 1 193 ? 5.340   7.733   4.083   1.00 13.98 ? 193 TYR A CE1 1 
ATOM 1461 C CE2 . TYR A 1 193 ? 7.001   6.562   5.405   1.00 14.62 ? 193 TYR A CE2 1 
ATOM 1462 C CZ  . TYR A 1 193 ? 6.625   7.300   4.286   1.00 15.83 ? 193 TYR A CZ  1 
ATOM 1463 O OH  . TYR A 1 193 ? 7.544   7.580   3.297   1.00 18.79 ? 193 TYR A OH  1 
ATOM 1464 N N   . PHE A 1 194 ? 1.958   3.702   8.019   1.00 14.91 ? 194 PHE A N   1 
ATOM 1465 C CA  . PHE A 1 194 ? 1.149   3.039   9.030   1.00 14.03 ? 194 PHE A CA  1 
ATOM 1466 C C   . PHE A 1 194 ? 1.954   2.228   10.032  1.00 15.25 ? 194 PHE A C   1 
ATOM 1467 O O   . PHE A 1 194 ? 3.133   1.947   9.803   1.00 16.02 ? 194 PHE A O   1 
ATOM 1468 C CB  . PHE A 1 194 ? 0.196   2.069   8.373   1.00 11.09 ? 194 PHE A CB  1 
ATOM 1469 C CG  . PHE A 1 194 ? -0.870  2.664   7.466   1.00 12.07 ? 194 PHE A CG  1 
ATOM 1470 C CD1 . PHE A 1 194 ? -0.631  2.829   6.122   1.00 11.35 ? 194 PHE A CD1 1 
ATOM 1471 C CD2 . PHE A 1 194 ? -2.088  2.999   8.007   1.00 11.01 ? 194 PHE A CD2 1 
ATOM 1472 C CE1 . PHE A 1 194 ? -1.618  3.373   5.326   1.00 13.22 ? 194 PHE A CE1 1 
ATOM 1473 C CE2 . PHE A 1 194 ? -3.070  3.525   7.207   1.00 14.01 ? 194 PHE A CE2 1 
ATOM 1474 C CZ  . PHE A 1 194 ? -2.844  3.709   5.857   1.00 12.93 ? 194 PHE A CZ  1 
ATOM 1475 N N   . TYR A 1 195 ? 1.242   1.889   11.108  1.00 15.67 ? 195 TYR A N   1 
ATOM 1476 C CA  . TYR A 1 195 ? 1.675   1.028   12.204  1.00 16.60 ? 195 TYR A CA  1 
ATOM 1477 C C   . TYR A 1 195 ? 0.558   0.008   12.227  1.00 16.72 ? 195 TYR A C   1 
ATOM 1478 O O   . TYR A 1 195 ? -0.555  0.247   11.710  1.00 16.22 ? 195 TYR A O   1 
ATOM 1479 C CB  . TYR A 1 195 ? 1.654   1.589   13.607  1.00 14.84 ? 195 TYR A CB  1 
ATOM 1480 C CG  . TYR A 1 195 ? 2.819   2.500   13.767  1.00 14.58 ? 195 TYR A CG  1 
ATOM 1481 C CD1 . TYR A 1 195 ? 4.071   2.098   13.370  1.00 15.66 ? 195 TYR A CD1 1 
ATOM 1482 C CD2 . TYR A 1 195 ? 2.596   3.755   14.249  1.00 14.90 ? 195 TYR A CD2 1 
ATOM 1483 C CE1 . TYR A 1 195 ? 5.127   2.969   13.433  1.00 15.23 ? 195 TYR A CE1 1 
ATOM 1484 C CE2 . TYR A 1 195 ? 3.650   4.632   14.322  1.00 16.09 ? 195 TYR A CE2 1 
ATOM 1485 C CZ  . TYR A 1 195 ? 4.891   4.227   13.912  1.00 16.24 ? 195 TYR A CZ  1 
ATOM 1486 O OH  . TYR A 1 195 ? 5.915   5.136   13.976  1.00 19.92 ? 195 TYR A OH  1 
ATOM 1487 N N   . VAL A 1 196 ? 0.836   -1.151  12.803  1.00 16.39 ? 196 VAL A N   1 
ATOM 1488 C CA  . VAL A 1 196 ? -0.187  -2.189  12.845  1.00 18.02 ? 196 VAL A CA  1 
ATOM 1489 C C   . VAL A 1 196 ? -0.551  -2.455  14.298  1.00 18.47 ? 196 VAL A C   1 
ATOM 1490 O O   . VAL A 1 196 ? 0.331   -2.539  15.158  1.00 21.01 ? 196 VAL A O   1 
ATOM 1491 C CB  . VAL A 1 196 ? 0.378   -3.490  12.137  1.00 17.76 ? 196 VAL A CB  1 
ATOM 1492 C CG1 . VAL A 1 196 ? -0.681  -4.551  12.001  1.00 17.82 ? 196 VAL A CG1 1 
ATOM 1493 C CG2 . VAL A 1 196 ? 0.954   -3.120  10.771  1.00 17.37 ? 196 VAL A CG2 1 
ATOM 1494 N N   . ARG A 1 197 ? -1.847  -2.575  14.562  1.00 20.57 ? 197 ARG A N   1 
ATOM 1495 C CA  . ARG A 1 197 ? -2.386  -2.856  15.869  1.00 20.49 ? 197 ARG A CA  1 
ATOM 1496 C C   . ARG A 1 197 ? -2.931  -4.265  15.743  1.00 20.05 ? 197 ARG A C   1 
ATOM 1497 O O   . ARG A 1 197 ? -3.826  -4.569  14.946  1.00 18.96 ? 197 ARG A O   1 
ATOM 1498 C CB  . ARG A 1 197 ? -3.508  -1.879  16.226  1.00 22.09 ? 197 ARG A CB  1 
ATOM 1499 C CG  . ARG A 1 197 ? -4.132  -2.229  17.581  1.00 24.47 ? 197 ARG A CG  1 
ATOM 1500 C CD  . ARG A 1 197 ? -4.434  -1.058  18.484  1.00 26.87 ? 197 ARG A CD  1 
ATOM 1501 N NE  . ARG A 1 197 ? -5.450  -0.155  17.955  1.00 31.34 ? 197 ARG A NE  1 
ATOM 1502 C CZ  . ARG A 1 197 ? -5.282  1.201   17.875  1.00 33.92 ? 197 ARG A CZ  1 
ATOM 1503 N NH1 . ARG A 1 197 ? -4.135  1.835   18.264  1.00 33.84 ? 197 ARG A NH1 1 
ATOM 1504 N NH2 . ARG A 1 197 ? -6.296  1.947   17.384  1.00 34.95 ? 197 ARG A NH2 1 
ATOM 1505 N N   . GLY A 1 198 ? -2.338  -5.150  16.515  1.00 20.24 ? 198 GLY A N   1 
ATOM 1506 C CA  . GLY A 1 198 ? -2.711  -6.541  16.527  1.00 19.08 ? 198 GLY A CA  1 
ATOM 1507 C C   . GLY A 1 198 ? -2.143  -7.151  15.270  1.00 18.81 ? 198 GLY A C   1 
ATOM 1508 O O   . GLY A 1 198 ? -1.112  -6.727  14.766  1.00 19.80 ? 198 GLY A O   1 
ATOM 1509 N N   . ARG A 1 199 ? -2.798  -8.154  14.708  1.00 21.50 ? 199 ARG A N   1 
ATOM 1510 C CA  . ARG A 1 199 ? -2.295  -8.769  13.486  1.00 21.54 ? 199 ARG A CA  1 
ATOM 1511 C C   . ARG A 1 199 ? -2.261  -7.849  12.243  1.00 21.61 ? 199 ARG A C   1 
ATOM 1512 O O   . ARG A 1 199 ? -1.255  -7.753  11.540  1.00 21.49 ? 199 ARG A O   1 
ATOM 1513 C CB  . ARG A 1 199 ? -3.174  -9.993  13.222  1.00 20.88 ? 199 ARG A CB  1 
ATOM 1514 C CG  . ARG A 1 199 ? -2.606  -10.972 12.223  1.00 22.08 ? 199 ARG A CG  1 
ATOM 1515 C CD  . ARG A 1 199 ? -3.659  -12.015 11.876  1.00 23.49 ? 199 ARG A CD  1 
ATOM 1516 N NE  . ARG A 1 199 ? -4.158  -11.886 10.506  1.00 26.56 ? 199 ARG A NE  1 
ATOM 1517 C CZ  . ARG A 1 199 ? -3.887  -12.810 9.563   1.00 28.18 ? 199 ARG A CZ  1 
ATOM 1518 N NH1 . ARG A 1 199 ? -3.198  -13.893 9.869   1.00 26.11 ? 199 ARG A NH1 1 
ATOM 1519 N NH2 . ARG A 1 199 ? -4.346  -12.670 8.312   1.00 30.78 ? 199 ARG A NH2 1 
ATOM 1520 N N   . ASP A 1 200 ? -3.348  -7.124  11.966  1.00 22.15 ? 200 ASP A N   1 
ATOM 1521 C CA  . ASP A 1 200 ? -3.461  -6.343  10.756  1.00 22.24 ? 200 ASP A CA  1 
ATOM 1522 C C   . ASP A 1 200 ? -4.424  -5.169  10.689  1.00 22.53 ? 200 ASP A C   1 
ATOM 1523 O O   . ASP A 1 200 ? -5.057  -4.879  9.662   1.00 22.53 ? 200 ASP A O   1 
ATOM 1524 C CB  . ASP A 1 200 ? -3.796  -7.344  9.673   1.00 24.12 ? 200 ASP A CB  1 
ATOM 1525 C CG  . ASP A 1 200 ? -4.984  -8.236  9.992   1.00 26.22 ? 200 ASP A CG  1 
ATOM 1526 O OD1 . ASP A 1 200 ? -5.815  -7.934  10.856  1.00 29.43 ? 200 ASP A OD1 1 
ATOM 1527 O OD2 . ASP A 1 200 ? -5.068  -9.294  9.382   1.00 28.60 ? 200 ASP A OD2 1 
ATOM 1528 N N   . THR A 1 201 ? -4.566  -4.451  11.781  1.00 22.41 ? 201 THR A N   1 
ATOM 1529 C CA  . THR A 1 201 ? -5.399  -3.276  11.826  1.00 20.84 ? 201 THR A CA  1 
ATOM 1530 C C   . THR A 1 201 ? -4.432  -2.160  11.604  1.00 18.27 ? 201 THR A C   1 
ATOM 1531 O O   . THR A 1 201 ? -3.579  -1.975  12.474  1.00 17.17 ? 201 THR A O   1 
ATOM 1532 C CB  . THR A 1 201 ? -6.010  -3.136  13.187  1.00 22.03 ? 201 THR A CB  1 
ATOM 1533 O OG1 . THR A 1 201 ? -6.792  -4.304  13.335  1.00 20.58 ? 201 THR A OG1 1 
ATOM 1534 C CG2 . THR A 1 201 ? -6.726  -1.809  13.387  1.00 23.35 ? 201 THR A CG2 1 
ATOM 1535 N N   . TYR A 1 202 ? -4.539  -1.404  10.504  1.00 17.13 ? 202 TYR A N   1 
ATOM 1536 C CA  . TYR A 1 202 ? -3.578  -0.341  10.286  1.00 14.97 ? 202 TYR A CA  1 
ATOM 1537 C C   . TYR A 1 202 ? -3.976  0.975   10.937  1.00 14.22 ? 202 TYR A C   1 
ATOM 1538 O O   . TYR A 1 202 ? -5.123  1.406   10.866  1.00 14.48 ? 202 TYR A O   1 
ATOM 1539 C CB  . TYR A 1 202 ? -3.382  -0.163  8.777   1.00 13.81 ? 202 TYR A CB  1 
ATOM 1540 C CG  . TYR A 1 202 ? -2.627  -1.298  8.126   1.00 12.89 ? 202 TYR A CG  1 
ATOM 1541 C CD1 . TYR A 1 202 ? -3.062  -2.615  8.211   1.00 10.82 ? 202 TYR A CD1 1 
ATOM 1542 C CD2 . TYR A 1 202 ? -1.449  -1.030  7.448   1.00 11.60 ? 202 TYR A CD2 1 
ATOM 1543 C CE1 . TYR A 1 202 ? -2.321  -3.623  7.651   1.00 11.73 ? 202 TYR A CE1 1 
ATOM 1544 C CE2 . TYR A 1 202 ? -0.713  -2.028  6.868   1.00 11.91 ? 202 TYR A CE2 1 
ATOM 1545 C CZ  . TYR A 1 202 ? -1.161  -3.310  6.987   1.00 11.19 ? 202 TYR A CZ  1 
ATOM 1546 O OH  . TYR A 1 202 ? -0.380  -4.281  6.429   1.00 15.15 ? 202 TYR A OH  1 
ATOM 1547 N N   . VAL A 1 203 ? -3.001  1.611   11.557  1.00 14.95 ? 203 VAL A N   1 
ATOM 1548 C CA  . VAL A 1 203 ? -3.170  2.859   12.257  1.00 14.68 ? 203 VAL A CA  1 
ATOM 1549 C C   . VAL A 1 203 ? -2.258  3.811   11.532  1.00 14.16 ? 203 VAL A C   1 
ATOM 1550 O O   . VAL A 1 203 ? -1.053  3.589   11.448  1.00 15.96 ? 203 VAL A O   1 
ATOM 1551 C CB  . VAL A 1 203 ? -2.790  2.583   13.725  1.00 14.37 ? 203 VAL A CB  1 
ATOM 1552 C CG1 . VAL A 1 203 ? -2.587  3.828   14.501  1.00 15.11 ? 203 VAL A CG1 1 
ATOM 1553 C CG2 . VAL A 1 203 ? -3.923  1.770   14.368  1.00 15.35 ? 203 VAL A CG2 1 
ATOM 1554 N N   . ILE A 1 204 ? -2.790  4.886   10.963  1.00 16.85 ? 204 ILE A N   1 
ATOM 1555 C CA  . ILE A 1 204 ? -1.959  5.844   10.248  1.00 16.52 ? 204 ILE A CA  1 
ATOM 1556 C C   . ILE A 1 204 ? -1.051  6.714   11.120  1.00 17.45 ? 204 ILE A C   1 
ATOM 1557 O O   . ILE A 1 204 ? -1.262  6.984   12.301  1.00 20.16 ? 204 ILE A O   1 
ATOM 1558 C CB  . ILE A 1 204 ? -2.989  6.627   9.330   1.00 18.20 ? 204 ILE A CB  1 
ATOM 1559 C CG1 . ILE A 1 204 ? -2.273  7.506   8.285   1.00 17.18 ? 204 ILE A CG1 1 
ATOM 1560 C CG2 . ILE A 1 204 ? -3.919  7.424   10.241  1.00 19.44 ? 204 ILE A CG2 1 
ATOM 1561 C CD1 . ILE A 1 204 ? -3.106  7.999   7.094   1.00 16.97 ? 204 ILE A CD1 1 
ATOM 1562 N N   . THR A 1 205 ? 0.041   7.179   10.579  1.00 17.89 ? 205 THR A N   1 
ATOM 1563 C CA  . THR A 1 205 ? 0.963   7.993   11.299  1.00 18.78 ? 205 THR A CA  1 
ATOM 1564 C C   . THR A 1 205 ? 1.536   8.825   10.164  1.00 19.55 ? 205 THR A C   1 
ATOM 1565 O O   . THR A 1 205 ? 1.399   8.564   8.963   1.00 19.37 ? 205 THR A O   1 
ATOM 1566 C CB  . THR A 1 205 ? 1.988   7.007   12.030  1.00 19.95 ? 205 THR A CB  1 
ATOM 1567 O OG1 . THR A 1 205 ? 2.745   7.783   12.959  1.00 19.93 ? 205 THR A OG1 1 
ATOM 1568 C CG2 . THR A 1 205 ? 2.984   6.321   11.071  1.00 18.57 ? 205 THR A CG2 1 
ATOM 1569 N N   . ASP A 1 206 ? 2.188   9.884   10.577  1.00 22.64 ? 206 ASP A N   1 
ATOM 1570 C CA  . ASP A 1 206 ? 2.834   10.833  9.708   1.00 23.88 ? 206 ASP A CA  1 
ATOM 1571 C C   . ASP A 1 206 ? 3.949   10.319  8.873   1.00 23.65 ? 206 ASP A C   1 
ATOM 1572 O O   . ASP A 1 206 ? 4.831   9.609   9.331   1.00 23.95 ? 206 ASP A O   1 
ATOM 1573 C CB  . ASP A 1 206 ? 3.294   11.976  10.576  1.00 27.11 ? 206 ASP A CB  1 
ATOM 1574 C CG  . ASP A 1 206 ? 2.032   12.633  11.132  1.00 31.08 ? 206 ASP A CG  1 
ATOM 1575 O OD1 . ASP A 1 206 ? 1.418   13.447  10.437  1.00 33.03 ? 206 ASP A OD1 1 
ATOM 1576 O OD2 . ASP A 1 206 ? 1.626   12.312  12.252  1.00 32.41 ? 206 ASP A OD2 1 
ATOM 1577 N N   . ALA A 1 207 ? 3.860   10.683  7.604   1.00 24.52 ? 207 ALA A N   1 
ATOM 1578 C CA  . ALA A 1 207 ? 4.846   10.299  6.646   1.00 26.33 ? 207 ALA A CA  1 
ATOM 1579 C C   . ALA A 1 207 ? 6.181   10.818  7.129   1.00 29.14 ? 207 ALA A C   1 
ATOM 1580 O O   . ALA A 1 207 ? 6.340   11.890  7.712   1.00 29.71 ? 207 ALA A O   1 
ATOM 1581 C CB  . ALA A 1 207 ? 4.595   10.911  5.290   1.00 23.76 ? 207 ALA A CB  1 
ATOM 1582 N N   . LEU A 1 208 ? 7.204   10.038  6.861   1.00 32.26 ? 208 LEU A N   1 
ATOM 1583 C CA  . LEU A 1 208 ? 8.526   10.431  7.265   1.00 33.72 ? 208 LEU A CA  1 
ATOM 1584 C C   . LEU A 1 208 ? 9.127   11.406  6.243   1.00 34.99 ? 208 LEU A C   1 
ATOM 1585 O O   . LEU A 1 208 ? 10.340  11.622  6.215   1.00 37.28 ? 208 LEU A O   1 
ATOM 1586 C CB  . LEU A 1 208 ? 9.282   9.091   7.479   1.00 34.36 ? 208 LEU A CB  1 
ATOM 1587 C CG  . LEU A 1 208 ? 9.105   8.378   8.884   1.00 34.84 ? 208 LEU A CG  1 
ATOM 1588 C CD1 . LEU A 1 208 ? 7.666   8.158   9.340   1.00 34.86 ? 208 LEU A CD1 1 
ATOM 1589 C CD2 . LEU A 1 208 ? 9.660   6.974   8.744   1.00 35.36 ? 208 LEU A CD2 1 
ATOM 1590 N N   . SER A 1 209 ? 8.310   12.040  5.377   1.00 34.13 ? 209 SER A N   1 
ATOM 1591 C CA  . SER A 1 209 ? 8.748   13.020  4.387   1.00 33.28 ? 209 SER A CA  1 
ATOM 1592 C C   . SER A 1 209 ? 7.502   13.475  3.680   1.00 33.13 ? 209 SER A C   1 
ATOM 1593 O O   . SER A 1 209 ? 6.622   12.678  3.400   1.00 33.45 ? 209 SER A O   1 
ATOM 1594 C CB  . SER A 1 209 ? 9.645   12.479  3.306   1.00 33.68 ? 209 SER A CB  1 
ATOM 1595 O OG  . SER A 1 209 ? 10.100  13.569  2.496   1.00 34.76 ? 209 SER A OG  1 
ATOM 1596 N N   . THR A 1 210 ? 7.433   14.759  3.382   1.00 31.81 ? 210 THR A N   1 
ATOM 1597 C CA  . THR A 1 210 ? 6.312   15.371  2.682   1.00 31.10 ? 210 THR A CA  1 
ATOM 1598 C C   . THR A 1 210 ? 6.343   15.101  1.160   1.00 28.21 ? 210 THR A C   1 
ATOM 1599 O O   . THR A 1 210 ? 5.336   15.267  0.482   1.00 26.19 ? 210 THR A O   1 
ATOM 1600 C CB  . THR A 1 210 ? 6.362   16.895  3.043   1.00 32.35 ? 210 THR A CB  1 
ATOM 1601 O OG1 . THR A 1 210 ? 7.754   17.234  3.067   1.00 33.85 ? 210 THR A OG1 1 
ATOM 1602 C CG2 . THR A 1 210 ? 5.682   17.247  4.366   1.00 32.45 ? 210 THR A CG2 1 
ATOM 1603 N N   . GLY A 1 211 ? 7.497   14.721  0.585   1.00 26.61 ? 211 GLY A N   1 
ATOM 1604 C CA  . GLY A 1 211 ? 7.597   14.385  -0.839  1.00 26.42 ? 211 GLY A CA  1 
ATOM 1605 C C   . GLY A 1 211 ? 8.202   15.428  -1.769  1.00 25.41 ? 211 GLY A C   1 
ATOM 1606 O O   . GLY A 1 211 ? 8.657   16.467  -1.322  1.00 24.48 ? 211 GLY A O   1 
ATOM 1607 N N   . SER A 1 212 ? 8.215   15.178  -3.069  1.00 25.63 ? 212 SER A N   1 
ATOM 1608 C CA  . SER A 1 212 ? 8.776   16.084  -4.053  1.00 27.11 ? 212 SER A CA  1 
ATOM 1609 C C   . SER A 1 212 ? 7.843   17.155  -4.569  1.00 27.37 ? 212 SER A C   1 
ATOM 1610 O O   . SER A 1 212 ? 8.315   18.037  -5.318  1.00 28.70 ? 212 SER A O   1 
ATOM 1611 C CB  . SER A 1 212 ? 9.317   15.304  -5.285  1.00 27.49 ? 212 SER A CB  1 
ATOM 1612 O OG  . SER A 1 212 ? 8.453   14.266  -5.783  1.00 28.86 ? 212 SER A OG  1 
ATOM 1613 N N   . CYS A 1 213 ? 6.539   17.110  -4.239  1.00 25.25 ? 213 CYS A N   1 
ATOM 1614 C CA  . CYS A 1 213 ? 5.688   18.160  -4.768  1.00 23.92 ? 213 CYS A CA  1 
ATOM 1615 C C   . CYS A 1 213 ? 5.940   19.430  -3.978  1.00 25.81 ? 213 CYS A C   1 
ATOM 1616 O O   . CYS A 1 213 ? 5.976   19.392  -2.746  1.00 28.20 ? 213 CYS A O   1 
ATOM 1617 C CB  . CYS A 1 213 ? 4.217   17.835  -4.647  1.00 19.93 ? 213 CYS A CB  1 
ATOM 1618 S SG  . CYS A 1 213 ? 3.709   16.475  -5.716  1.00 16.44 ? 213 CYS A SG  1 
ATOM 1619 N N   . SER A 1 214 ? 6.128   20.535  -4.697  1.00 27.24 ? 214 SER A N   1 
ATOM 1620 C CA  . SER A 1 214 ? 6.343   21.852  -4.126  1.00 27.79 ? 214 SER A CA  1 
ATOM 1621 C C   . SER A 1 214 ? 5.803   22.840  -5.136  1.00 26.54 ? 214 SER A C   1 
ATOM 1622 O O   . SER A 1 214 ? 5.994   22.645  -6.338  1.00 26.86 ? 214 SER A O   1 
ATOM 1623 C CB  . SER A 1 214 ? 7.834   22.138  -3.901  1.00 29.56 ? 214 SER A CB  1 
ATOM 1624 O OG  . SER A 1 214 ? 8.654   22.209  -5.075  1.00 32.14 ? 214 SER A OG  1 
ATOM 1625 N N   . GLY A 1 215 ? 5.142   23.901  -4.709  1.00 27.11 ? 215 GLY A N   1 
ATOM 1626 C CA  . GLY A 1 215 ? 4.630   24.931  -5.605  1.00 25.15 ? 215 GLY A CA  1 
ATOM 1627 C C   . GLY A 1 215 ? 3.305   24.505  -6.176  1.00 24.52 ? 215 GLY A C   1 
ATOM 1628 O O   . GLY A 1 215 ? 2.542   23.861  -5.448  1.00 23.46 ? 215 GLY A O   1 
ATOM 1629 N N   . ASP A 1 216 ? 3.074   24.884  -7.437  1.00 24.71 ? 216 ASP A N   1 
ATOM 1630 C CA  . ASP A 1 216 ? 1.857   24.546  -8.146  1.00 24.91 ? 216 ASP A CA  1 
ATOM 1631 C C   . ASP A 1 216 ? 2.129   23.228  -8.841  1.00 23.74 ? 216 ASP A C   1 
ATOM 1632 O O   . ASP A 1 216 ? 3.091   22.996  -9.587  1.00 25.01 ? 216 ASP A O   1 
ATOM 1633 C CB  . ASP A 1 216 ? 1.446   25.513  -9.264  1.00 27.38 ? 216 ASP A CB  1 
ATOM 1634 C CG  . ASP A 1 216 ? 1.616   27.009  -9.013  1.00 28.48 ? 216 ASP A CG  1 
ATOM 1635 O OD1 . ASP A 1 216 ? 0.730   27.623  -8.410  1.00 30.00 ? 216 ASP A OD1 1 
ATOM 1636 O OD2 . ASP A 1 216 ? 2.646   27.543  -9.432  1.00 27.62 ? 216 ASP A OD2 1 
ATOM 1637 N N   . VAL A 1 217 ? 1.158   22.374  -8.535  1.00 23.38 ? 217 VAL A N   1 
ATOM 1638 C CA  . VAL A 1 217 ? 1.084   21.004  -8.972  1.00 18.39 ? 217 VAL A CA  1 
ATOM 1639 C C   . VAL A 1 217 ? -0.121  20.882  -9.871  1.00 16.64 ? 217 VAL A C   1 
ATOM 1640 O O   . VAL A 1 217 ? -1.174  21.471  -9.628  1.00 15.70 ? 217 VAL A O   1 
ATOM 1641 C CB  . VAL A 1 217 ? 0.986   20.166  -7.710  1.00 17.40 ? 217 VAL A CB  1 
ATOM 1642 C CG1 . VAL A 1 217 ? 0.992   18.698  -8.051  1.00 17.01 ? 217 VAL A CG1 1 
ATOM 1643 C CG2 . VAL A 1 217 ? 2.173   20.467  -6.816  1.00 15.86 ? 217 VAL A CG2 1 
ATOM 1644 N N   . GLU A 1 218 ? 0.102   20.163  -10.952 1.00 15.69 ? 218 GLU A N   1 
ATOM 1645 C CA  . GLU A 1 218 ? -0.948  19.869  -11.888 1.00 14.39 ? 218 GLU A CA  1 
ATOM 1646 C C   . GLU A 1 218 ? -1.504  18.512  -11.516 1.00 11.49 ? 218 GLU A C   1 
ATOM 1647 O O   . GLU A 1 218 ? -0.782  17.540  -11.228 1.00 9.02  ? 218 GLU A O   1 
ATOM 1648 C CB  . GLU A 1 218 ? -0.437  19.799  -13.312 1.00 15.66 ? 218 GLU A CB  1 
ATOM 1649 C CG  . GLU A 1 218 ? -1.454  19.289  -14.359 1.00 16.26 ? 218 GLU A CG  1 
ATOM 1650 C CD  . GLU A 1 218 ? -0.899  19.376  -15.778 1.00 18.61 ? 218 GLU A CD  1 
ATOM 1651 O OE1 . GLU A 1 218 ? -0.088  20.228  -16.109 1.00 19.46 ? 218 GLU A OE1 1 
ATOM 1652 O OE2 . GLU A 1 218 ? -1.253  18.609  -16.627 1.00 19.64 ? 218 GLU A OE2 1 
ATOM 1653 N N   . TYR A 1 219 ? -2.818  18.470  -11.502 1.00 9.41  ? 219 TYR A N   1 
ATOM 1654 C CA  . TYR A 1 219 ? -3.520  17.240  -11.205 1.00 8.16  ? 219 TYR A CA  1 
ATOM 1655 C C   . TYR A 1 219 ? -4.288  16.899  -12.500 1.00 8.30  ? 219 TYR A C   1 
ATOM 1656 O O   . TYR A 1 219 ? -5.401  17.380  -12.726 1.00 8.08  ? 219 TYR A O   1 
ATOM 1657 C CB  . TYR A 1 219 ? -4.421  17.528  -9.968  1.00 6.32  ? 219 TYR A CB  1 
ATOM 1658 C CG  . TYR A 1 219 ? -5.230  16.372  -9.337  1.00 6.44  ? 219 TYR A CG  1 
ATOM 1659 C CD1 . TYR A 1 219 ? -5.037  15.037  -9.645  1.00 5.76  ? 219 TYR A CD1 1 
ATOM 1660 C CD2 . TYR A 1 219 ? -6.204  16.706  -8.442  1.00 5.76  ? 219 TYR A CD2 1 
ATOM 1661 C CE1 . TYR A 1 219 ? -5.819  14.045  -9.078  1.00 6.63  ? 219 TYR A CE1 1 
ATOM 1662 C CE2 . TYR A 1 219 ? -6.979  15.737  -7.870  1.00 8.33  ? 219 TYR A CE2 1 
ATOM 1663 C CZ  . TYR A 1 219 ? -6.790  14.408  -8.178  1.00 6.83  ? 219 TYR A CZ  1 
ATOM 1664 O OH  . TYR A 1 219 ? -7.550  13.474  -7.521  1.00 6.90  ? 219 TYR A OH  1 
ATOM 1665 N N   . PRO A 1 220 ? -3.821  16.097  -13.457 1.00 9.18  ? 220 PRO A N   1 
ATOM 1666 C CA  . PRO A 1 220 ? -4.495  15.940  -14.719 1.00 10.11 ? 220 PRO A CA  1 
ATOM 1667 C C   . PRO A 1 220 ? -5.686  15.010  -14.575 1.00 14.02 ? 220 PRO A C   1 
ATOM 1668 O O   . PRO A 1 220 ? -5.926  14.349  -13.547 1.00 15.62 ? 220 PRO A O   1 
ATOM 1669 C CB  . PRO A 1 220 ? -3.428  15.414  -15.598 1.00 8.38  ? 220 PRO A CB  1 
ATOM 1670 C CG  . PRO A 1 220 ? -2.757  14.465  -14.682 1.00 5.74  ? 220 PRO A CG  1 
ATOM 1671 C CD  . PRO A 1 220 ? -2.658  15.230  -13.385 1.00 7.93  ? 220 PRO A CD  1 
ATOM 1672 N N   . THR A 1 221 ? -6.471  14.966  -15.638 1.00 17.25 ? 221 THR A N   1 
ATOM 1673 C CA  . THR A 1 221 ? -7.635  14.085  -15.672 1.00 18.93 ? 221 THR A CA  1 
ATOM 1674 C C   . THR A 1 221 ? -7.011  12.724  -16.047 1.00 18.90 ? 221 THR A C   1 
ATOM 1675 O O   . THR A 1 221 ? -5.907  12.712  -16.620 1.00 18.70 ? 221 THR A O   1 
ATOM 1676 C CB  . THR A 1 221 ? -8.652  14.562  -16.753 1.00 19.29 ? 221 THR A CB  1 
ATOM 1677 O OG1 . THR A 1 221 ? -7.886  14.742  -17.932 1.00 21.87 ? 221 THR A OG1 1 
ATOM 1678 C CG2 . THR A 1 221 ? -9.381  15.831  -16.416 1.00 16.01 ? 221 THR A CG2 1 
ATOM 1679 N N   . LYS A 1 222 ? -7.666  11.622  -15.729 1.00 17.20 ? 222 LYS A N   1 
ATOM 1680 C CA  . LYS A 1 222 ? -7.140  10.306  -15.983 1.00 16.98 ? 222 LYS A CA  1 
ATOM 1681 C C   . LYS A 1 222 ? -7.399  10.044  -17.453 1.00 18.20 ? 222 LYS A C   1 
ATOM 1682 O O   . LYS A 1 222 ? -6.713  9.208   -18.038 1.00 18.15 ? 222 LYS A O   1 
ATOM 1683 C CB  . LYS A 1 222 ? -7.891  9.367   -15.037 1.00 17.55 ? 222 LYS A CB  1 
ATOM 1684 C CG  . LYS A 1 222 ? -7.269  8.021   -14.859 1.00 17.99 ? 222 LYS A CG  1 
ATOM 1685 C CD  . LYS A 1 222 ? -6.053  8.108   -13.953 1.00 15.68 ? 222 LYS A CD  1 
ATOM 1686 C CE  . LYS A 1 222 ? -6.375  7.762   -12.515 1.00 14.71 ? 222 LYS A CE  1 
ATOM 1687 N NZ  . LYS A 1 222 ? -6.757  6.394   -12.253 1.00 12.08 ? 222 LYS A NZ  1 
ATOM 1688 O OXT . LYS A 1 222 ? -8.309  10.670  -18.005 1.00 17.79 ? 222 LYS A OXT 1 
# 
